data_8TDC
#
_entry.id   8TDC
#
_cell.length_a   111.863
_cell.length_b   180.966
_cell.length_c   88.180
_cell.angle_alpha   90.00
_cell.angle_beta   107.09
_cell.angle_gamma   90.00
#
_symmetry.space_group_name_H-M   'C 1 2 1'
#
loop_
_entity.id
_entity.type
_entity.pdbx_description
1 polymer 'Pyrroline-5-carboxylate reductase 1, mitochondrial'
2 non-polymer '1,4-DIHYDRONICOTINAMIDE ADENINE DINUCLEOTIDE'
3 non-polymer 'SULFATE ION'
4 non-polymer '1,3-dithiane-2-carboxylic acid'
5 water water
#
_entity_poly.entity_id   1
_entity_poly.type   'polypeptide(L)'
_entity_poly.pdbx_seq_one_letter_code
;MHHHHHHSSGVDLGTENLYFQSMSVGFIGAGQLAFALAKGFTAAGVLAAHKIMASSPDMDLATVSALRKMGVKLTPHNKE
TVQHSDVLFLAVKPHIIPFILDEIGADIEDRHIVVSCAAGVTISSIEKKLSAFRPAPRVIRCMTNTPVVVREGATVYATG
THAQVEDGRLMEQLLSSVGFCTEVEEDLIDAVTGLSGSGPAYAFTALDALADGGVKMGLPRRLAVRLGAQALLGAAKMLL
HSEQHPGQLKDNVSSPGGATIHALHVLESGGFRSLLINAVEASCIRTRELQSMADQEQVSPAAIKKTILDKVKLDS
;
_entity_poly.pdbx_strand_id   A,B,C,D,E
#
loop_
_chem_comp.id
_chem_comp.type
_chem_comp.name
_chem_comp.formula
GIW non-polymer '1,3-dithiane-2-carboxylic acid' 'C5 H8 O2 S2'
NAI non-polymer '1,4-DIHYDRONICOTINAMIDE ADENINE DINUCLEOTIDE' 'C21 H29 N7 O14 P2'
SO4 non-polymer 'SULFATE ION' 'O4 S -2'
#
# COMPACT_ATOMS: atom_id res chain seq x y z
N SER A 22 -32.82 -4.47 -21.36
CA SER A 22 -34.18 -4.14 -20.98
C SER A 22 -34.31 -3.86 -19.48
N MET A 23 -33.33 -4.36 -18.73
CA MET A 23 -33.35 -4.23 -17.28
C MET A 23 -33.02 -2.79 -16.88
N SER A 24 -33.83 -2.23 -16.00
CA SER A 24 -33.55 -0.90 -15.44
C SER A 24 -32.84 -1.08 -14.11
N VAL A 25 -31.79 -0.30 -13.91
CA VAL A 25 -30.92 -0.45 -12.74
C VAL A 25 -30.87 0.88 -12.01
N GLY A 26 -30.90 0.82 -10.69
CA GLY A 26 -30.80 2.01 -9.87
C GLY A 26 -29.66 1.87 -8.88
N PHE A 27 -29.04 3.01 -8.55
CA PHE A 27 -28.08 3.11 -7.45
C PHE A 27 -28.56 4.15 -6.46
N ILE A 28 -28.75 3.74 -5.21
CA ILE A 28 -28.92 4.67 -4.11
CA ILE A 28 -28.91 4.70 -4.13
C ILE A 28 -27.51 5.04 -3.65
N GLY A 29 -27.12 6.29 -3.86
CA GLY A 29 -25.74 6.69 -3.67
C GLY A 29 -25.08 6.83 -5.02
N ALA A 30 -24.38 7.94 -5.25
CA ALA A 30 -23.79 8.18 -6.56
C ALA A 30 -22.31 8.48 -6.42
N GLY A 31 -21.59 7.62 -5.69
CA GLY A 31 -20.17 7.84 -5.47
C GLY A 31 -19.25 6.92 -6.25
N GLN A 32 -18.13 6.54 -5.63
CA GLN A 32 -17.10 5.75 -6.31
C GLN A 32 -17.62 4.40 -6.79
N LEU A 33 -18.35 3.69 -5.93
CA LEU A 33 -18.80 2.35 -6.32
C LEU A 33 -19.85 2.42 -7.42
N ALA A 34 -20.84 3.31 -7.27
CA ALA A 34 -21.84 3.49 -8.32
C ALA A 34 -21.19 3.83 -9.65
N PHE A 35 -20.17 4.69 -9.63
CA PHE A 35 -19.52 5.04 -10.89
C PHE A 35 -18.76 3.84 -11.46
N ALA A 36 -17.99 3.16 -10.62
CA ALA A 36 -17.24 1.99 -11.08
C ALA A 36 -18.16 0.93 -11.68
N LEU A 37 -19.25 0.60 -10.96
CA LEU A 37 -20.18 -0.41 -11.48
C LEU A 37 -20.86 0.07 -12.75
N ALA A 38 -21.33 1.32 -12.78
CA ALA A 38 -22.01 1.81 -13.97
C ALA A 38 -21.06 1.87 -15.16
N LYS A 39 -19.81 2.28 -14.94
CA LYS A 39 -18.83 2.28 -16.02
C LYS A 39 -18.57 0.87 -16.52
N GLY A 40 -18.45 -0.09 -15.58
CA GLY A 40 -18.20 -1.46 -15.99
C GLY A 40 -19.36 -2.04 -16.78
N PHE A 41 -20.57 -1.93 -16.23
CA PHE A 41 -21.74 -2.49 -16.90
C PHE A 41 -21.91 -1.90 -18.30
N THR A 42 -21.71 -0.59 -18.46
CA THR A 42 -21.91 0.00 -19.78
C THR A 42 -20.78 -0.38 -20.72
N ALA A 43 -19.54 -0.42 -20.23
CA ALA A 43 -18.42 -0.91 -21.04
C ALA A 43 -18.65 -2.35 -21.48
N ALA A 44 -19.25 -3.18 -20.61
CA ALA A 44 -19.54 -4.54 -20.99
C ALA A 44 -20.67 -4.67 -21.99
N GLY A 45 -21.40 -3.59 -22.25
CA GLY A 45 -22.55 -3.67 -23.14
C GLY A 45 -23.77 -4.34 -22.54
N VAL A 46 -23.82 -4.56 -21.22
CA VAL A 46 -24.98 -5.22 -20.62
C VAL A 46 -26.11 -4.26 -20.28
N LEU A 47 -25.82 -2.96 -20.11
CA LEU A 47 -26.84 -1.96 -19.82
C LEU A 47 -26.57 -0.74 -20.65
N ALA A 48 -27.63 -0.06 -21.05
CA ALA A 48 -27.47 1.28 -21.59
C ALA A 48 -27.29 2.26 -20.44
N ALA A 49 -26.34 3.19 -20.60
CA ALA A 49 -26.11 4.20 -19.57
C ALA A 49 -27.41 4.89 -19.12
N HIS A 50 -28.29 5.21 -20.07
CA HIS A 50 -29.52 5.92 -19.73
C HIS A 50 -30.61 5.04 -19.13
N LYS A 51 -30.38 3.73 -19.02
CA LYS A 51 -31.24 2.84 -18.25
C LYS A 51 -30.78 2.72 -16.80
N ILE A 52 -29.69 3.40 -16.45
CA ILE A 52 -29.21 3.50 -15.08
C ILE A 52 -29.66 4.83 -14.50
N MET A 53 -30.15 4.80 -13.27
CA MET A 53 -30.46 6.01 -12.52
C MET A 53 -29.74 5.94 -11.17
N ALA A 54 -29.18 7.07 -10.75
CA ALA A 54 -28.47 7.13 -9.48
C ALA A 54 -28.94 8.35 -8.72
N SER A 55 -29.01 8.23 -7.40
CA SER A 55 -29.46 9.34 -6.58
C SER A 55 -28.42 9.66 -5.53
N SER A 56 -28.28 10.96 -5.24
CA SER A 56 -27.45 11.45 -4.16
C SER A 56 -28.02 12.78 -3.71
N PRO A 57 -27.92 13.11 -2.42
CA PRO A 57 -28.29 14.48 -2.03
C PRO A 57 -27.25 15.49 -2.48
N ASP A 58 -25.97 15.14 -2.45
CA ASP A 58 -24.89 16.03 -2.89
C ASP A 58 -24.67 15.80 -4.39
N MET A 59 -25.38 16.57 -5.20
CA MET A 59 -25.24 16.51 -6.66
C MET A 59 -24.03 17.29 -7.18
N ASP A 60 -23.05 17.58 -6.31
CA ASP A 60 -21.88 18.33 -6.70
C ASP A 60 -20.59 17.52 -6.57
N LEU A 61 -20.69 16.22 -6.33
CA LEU A 61 -19.49 15.40 -6.28
C LEU A 61 -18.91 15.21 -7.67
N ALA A 62 -17.63 14.86 -7.73
CA ALA A 62 -17.00 14.55 -9.01
C ALA A 62 -17.56 13.27 -9.61
N THR A 63 -17.87 12.28 -8.76
CA THR A 63 -18.47 11.05 -9.26
C THR A 63 -19.81 11.33 -9.92
N VAL A 64 -20.57 12.27 -9.38
CA VAL A 64 -21.86 12.62 -9.96
C VAL A 64 -21.67 13.24 -11.35
N SER A 65 -20.61 14.03 -11.52
CA SER A 65 -20.35 14.66 -12.81
C SER A 65 -19.89 13.64 -13.84
N ALA A 66 -19.06 12.69 -13.43
CA ALA A 66 -18.69 11.61 -14.33
C ALA A 66 -19.90 10.78 -14.73
N LEU A 67 -20.79 10.48 -13.77
CA LEU A 67 -21.98 9.69 -14.09
C LEU A 67 -22.85 10.41 -15.12
N ARG A 68 -23.02 11.72 -14.95
CA ARG A 68 -23.85 12.48 -15.88
C ARG A 68 -23.22 12.49 -17.27
N LYS A 69 -21.89 12.60 -17.34
CA LYS A 69 -21.20 12.57 -18.63
C LYS A 69 -21.36 11.21 -19.31
N MET A 70 -21.35 10.13 -18.53
CA MET A 70 -21.64 8.79 -19.07
C MET A 70 -23.01 8.70 -19.73
N GLY A 71 -23.98 9.49 -19.27
CA GLY A 71 -25.35 9.35 -19.70
C GLY A 71 -26.28 8.72 -18.67
N VAL A 72 -25.83 8.55 -17.44
CA VAL A 72 -26.67 8.00 -16.38
C VAL A 72 -27.66 9.06 -15.90
N LYS A 73 -28.88 8.64 -15.56
CA LYS A 73 -29.88 9.55 -15.02
C LYS A 73 -29.58 9.87 -13.56
N LEU A 74 -29.57 11.15 -13.22
CA LEU A 74 -29.25 11.60 -11.87
C LEU A 74 -30.45 12.34 -11.28
N THR A 75 -30.75 12.05 -10.02
CA THR A 75 -31.85 12.70 -9.31
C THR A 75 -31.45 12.82 -7.85
N PRO A 76 -31.89 13.87 -7.16
CA PRO A 76 -31.66 13.92 -5.71
C PRO A 76 -32.61 13.02 -4.93
N HIS A 77 -33.67 12.50 -5.57
CA HIS A 77 -34.76 11.81 -4.87
C HIS A 77 -34.56 10.30 -4.92
N ASN A 78 -34.33 9.69 -3.76
CA ASN A 78 -34.16 8.24 -3.69
C ASN A 78 -35.42 7.51 -4.14
N LYS A 79 -36.60 8.08 -3.89
CA LYS A 79 -37.83 7.42 -4.31
C LYS A 79 -37.88 7.27 -5.82
N GLU A 80 -37.36 8.26 -6.55
CA GLU A 80 -37.37 8.17 -8.01
C GLU A 80 -36.48 7.04 -8.50
N THR A 81 -35.31 6.87 -7.87
CA THR A 81 -34.44 5.74 -8.19
C THR A 81 -35.15 4.41 -7.98
N VAL A 82 -35.85 4.28 -6.85
CA VAL A 82 -36.55 3.02 -6.56
C VAL A 82 -37.59 2.74 -7.65
N GLN A 83 -38.44 3.74 -7.93
CA GLN A 83 -39.51 3.56 -8.91
C GLN A 83 -38.96 3.24 -10.29
N HIS A 84 -37.80 3.80 -10.63
CA HIS A 84 -37.16 3.50 -11.91
C HIS A 84 -36.65 2.07 -11.97
N SER A 85 -36.13 1.55 -10.85
CA SER A 85 -35.30 0.36 -10.91
C SER A 85 -36.10 -0.93 -10.92
N ASP A 86 -35.54 -1.94 -11.59
CA ASP A 86 -35.88 -3.34 -11.37
C ASP A 86 -34.90 -3.98 -10.40
N VAL A 87 -33.61 -3.78 -10.64
CA VAL A 87 -32.52 -4.17 -9.74
C VAL A 87 -32.01 -2.90 -9.08
N LEU A 88 -31.97 -2.88 -7.75
CA LEU A 88 -31.66 -1.66 -7.01
C LEU A 88 -30.44 -1.92 -6.13
N PHE A 89 -29.33 -1.24 -6.44
CA PHE A 89 -28.10 -1.37 -5.67
C PHE A 89 -28.09 -0.34 -4.56
N LEU A 90 -27.77 -0.80 -3.35
CA LEU A 90 -27.57 0.10 -2.21
C LEU A 90 -26.08 0.41 -2.14
N ALA A 91 -25.71 1.63 -2.51
CA ALA A 91 -24.33 2.04 -2.63
C ALA A 91 -24.04 3.28 -1.79
N VAL A 92 -24.56 3.32 -0.56
CA VAL A 92 -24.24 4.36 0.37
C VAL A 92 -23.36 3.77 1.46
N LYS A 93 -22.80 4.67 2.28
CA LYS A 93 -21.95 4.23 3.37
C LYS A 93 -22.75 3.38 4.37
N PRO A 94 -22.12 2.40 5.00
CA PRO A 94 -22.86 1.46 5.85
C PRO A 94 -23.76 2.11 6.88
N HIS A 95 -23.33 3.22 7.51
CA HIS A 95 -24.16 3.84 8.53
C HIS A 95 -25.35 4.58 7.93
N ILE A 96 -25.39 4.76 6.61
CA ILE A 96 -26.54 5.36 5.95
C ILE A 96 -27.63 4.35 5.62
N ILE A 97 -27.31 3.04 5.59
CA ILE A 97 -28.27 2.04 5.11
C ILE A 97 -29.57 2.08 5.90
N PRO A 98 -29.58 2.06 7.23
CA PRO A 98 -30.86 2.10 7.96
C PRO A 98 -31.70 3.33 7.65
N PHE A 99 -31.11 4.51 7.49
CA PHE A 99 -31.94 5.67 7.18
C PHE A 99 -32.55 5.53 5.79
N ILE A 100 -31.75 5.05 4.83
CA ILE A 100 -32.23 4.79 3.48
C ILE A 100 -33.38 3.78 3.49
N LEU A 101 -33.23 2.72 4.27
CA LEU A 101 -34.28 1.69 4.31
C LEU A 101 -35.55 2.25 4.91
N ASP A 102 -35.43 3.07 5.96
CA ASP A 102 -36.61 3.74 6.52
C ASP A 102 -37.28 4.63 5.49
N GLU A 103 -36.49 5.30 4.65
CA GLU A 103 -37.01 6.31 3.75
C GLU A 103 -37.78 5.70 2.58
N ILE A 104 -37.24 4.64 1.96
CA ILE A 104 -37.88 4.10 0.77
C ILE A 104 -38.39 2.68 0.96
N GLY A 105 -38.45 2.19 2.21
CA GLY A 105 -38.99 0.86 2.47
C GLY A 105 -40.40 0.67 1.93
N ALA A 106 -41.25 1.70 2.07
CA ALA A 106 -42.61 1.61 1.55
C ALA A 106 -42.66 1.61 0.02
N ASP A 107 -41.55 1.95 -0.65
CA ASP A 107 -41.53 1.97 -2.10
C ASP A 107 -40.98 0.70 -2.73
N ILE A 108 -40.41 -0.22 -1.94
CA ILE A 108 -39.92 -1.48 -2.51
C ILE A 108 -41.13 -2.35 -2.90
N GLU A 109 -41.14 -2.83 -4.14
CA GLU A 109 -42.24 -3.64 -4.66
C GLU A 109 -41.81 -5.10 -4.78
N ASP A 110 -42.81 -5.96 -5.01
CA ASP A 110 -42.51 -7.39 -5.16
C ASP A 110 -41.53 -7.65 -6.30
N ARG A 111 -41.54 -6.81 -7.35
CA ARG A 111 -40.68 -7.01 -8.52
C ARG A 111 -39.22 -6.70 -8.24
N HIS A 112 -38.91 -5.93 -7.18
CA HIS A 112 -37.54 -5.45 -6.98
C HIS A 112 -36.63 -6.56 -6.49
N ILE A 113 -35.39 -6.54 -6.97
CA ILE A 113 -34.27 -7.22 -6.32
C ILE A 113 -33.41 -6.15 -5.67
N VAL A 114 -33.20 -6.27 -4.36
CA VAL A 114 -32.43 -5.28 -3.61
C VAL A 114 -31.02 -5.85 -3.38
N VAL A 115 -30.02 -5.20 -3.95
CA VAL A 115 -28.63 -5.66 -3.86
C VAL A 115 -27.87 -4.69 -2.98
N SER A 116 -27.58 -5.07 -1.75
CA SER A 116 -26.77 -4.22 -0.89
C SER A 116 -25.30 -4.45 -1.17
N CYS A 117 -24.56 -3.37 -1.43
CA CYS A 117 -23.10 -3.46 -1.57
C CYS A 117 -22.37 -3.00 -0.32
N ALA A 118 -23.09 -2.59 0.71
CA ALA A 118 -22.46 -1.93 1.84
C ALA A 118 -21.60 -2.92 2.64
N ALA A 119 -20.38 -2.49 2.95
CA ALA A 119 -19.50 -3.26 3.82
C ALA A 119 -20.17 -3.53 5.15
N GLY A 120 -20.15 -4.80 5.56
CA GLY A 120 -20.52 -5.20 6.90
C GLY A 120 -22.00 -5.41 7.14
N VAL A 121 -22.88 -4.82 6.33
CA VAL A 121 -24.31 -4.77 6.66
C VAL A 121 -24.97 -6.11 6.35
N THR A 122 -25.67 -6.67 7.33
CA THR A 122 -26.17 -8.03 7.18
C THR A 122 -27.50 -8.08 6.43
N ILE A 123 -27.71 -9.20 5.73
CA ILE A 123 -29.00 -9.46 5.10
C ILE A 123 -30.12 -9.38 6.15
N SER A 124 -29.87 -9.94 7.33
CA SER A 124 -30.86 -9.96 8.40
C SER A 124 -31.29 -8.54 8.78
N SER A 125 -30.34 -7.61 8.84
CA SER A 125 -30.71 -6.24 9.22
C SER A 125 -31.51 -5.56 8.11
N ILE A 126 -31.20 -5.88 6.85
CA ILE A 126 -31.94 -5.28 5.74
C ILE A 126 -33.35 -5.86 5.65
N GLU A 127 -33.46 -7.19 5.77
CA GLU A 127 -34.77 -7.82 5.68
C GLU A 127 -35.67 -7.39 6.83
N LYS A 128 -35.09 -7.15 8.01
CA LYS A 128 -35.87 -6.72 9.16
C LYS A 128 -36.54 -5.36 8.92
N LYS A 129 -35.80 -4.42 8.33
CA LYS A 129 -36.40 -3.12 8.00
C LYS A 129 -37.45 -3.25 6.90
N LEU A 130 -37.10 -3.91 5.79
CA LEU A 130 -37.97 -3.94 4.63
C LEU A 130 -39.23 -4.77 4.88
N SER A 131 -39.13 -5.82 5.69
CA SER A 131 -40.28 -6.69 5.94
C SER A 131 -41.39 -5.99 6.73
N ALA A 132 -41.10 -4.89 7.42
CA ALA A 132 -42.17 -4.14 8.06
C ALA A 132 -43.13 -3.54 7.03
N PHE A 133 -42.71 -3.44 5.77
CA PHE A 133 -43.58 -2.96 4.69
C PHE A 133 -44.11 -4.12 3.86
N ARG A 134 -43.30 -4.68 2.98
CA ARG A 134 -43.89 -5.87 2.36
C ARG A 134 -43.29 -7.13 2.95
N PRO A 135 -44.04 -8.24 2.97
CA PRO A 135 -43.59 -9.41 3.74
C PRO A 135 -42.37 -10.16 3.20
N ALA A 136 -42.06 -10.11 1.91
CA ALA A 136 -41.02 -10.97 1.35
C ALA A 136 -40.05 -10.21 0.44
N PRO A 137 -39.33 -9.22 0.98
CA PRO A 137 -38.36 -8.49 0.13
C PRO A 137 -37.26 -9.41 -0.37
N ARG A 138 -36.92 -9.24 -1.66
CA ARG A 138 -35.89 -10.04 -2.32
C ARG A 138 -34.55 -9.33 -2.18
N VAL A 139 -33.69 -9.84 -1.30
CA VAL A 139 -32.44 -9.17 -0.92
C VAL A 139 -31.26 -10.07 -1.27
N ILE A 140 -30.23 -9.45 -1.82
CA ILE A 140 -28.94 -10.10 -2.09
C ILE A 140 -27.86 -9.19 -1.52
N ARG A 141 -26.90 -9.76 -0.80
CA ARG A 141 -25.76 -9.00 -0.32
C ARG A 141 -24.55 -9.31 -1.19
N CYS A 142 -23.79 -8.27 -1.54
CA CYS A 142 -22.60 -8.52 -2.34
C CYS A 142 -21.44 -7.71 -1.79
N MET A 143 -20.24 -8.18 -2.12
CA MET A 143 -19.02 -7.44 -1.85
C MET A 143 -18.24 -7.48 -3.15
N THR A 144 -17.79 -6.31 -3.61
CA THR A 144 -17.11 -6.21 -4.88
C THR A 144 -15.91 -5.29 -4.67
N ASN A 145 -15.36 -4.73 -5.74
CA ASN A 145 -14.25 -3.79 -5.59
C ASN A 145 -14.15 -2.89 -6.81
N THR A 146 -13.35 -1.84 -6.69
CA THR A 146 -13.32 -0.83 -7.75
C THR A 146 -12.88 -1.35 -9.12
N PRO A 147 -12.04 -2.39 -9.24
CA PRO A 147 -11.65 -2.85 -10.58
C PRO A 147 -12.79 -3.34 -11.50
N VAL A 148 -14.05 -3.39 -11.02
CA VAL A 148 -15.15 -3.62 -11.97
C VAL A 148 -15.10 -2.53 -13.05
N VAL A 149 -14.50 -1.38 -12.73
CA VAL A 149 -14.43 -0.27 -13.69
C VAL A 149 -13.65 -0.67 -14.95
N VAL A 150 -12.70 -1.59 -14.84
CA VAL A 150 -12.00 -2.15 -16.00
C VAL A 150 -12.44 -3.59 -16.26
N ARG A 151 -13.60 -3.97 -15.73
CA ARG A 151 -14.20 -5.30 -15.91
C ARG A 151 -13.28 -6.42 -15.41
N GLU A 152 -12.53 -6.15 -14.34
CA GLU A 152 -11.73 -7.17 -13.65
C GLU A 152 -11.99 -7.13 -12.16
N GLY A 153 -13.26 -6.90 -11.78
CA GLY A 153 -13.60 -6.93 -10.38
C GLY A 153 -13.52 -8.32 -9.81
N ALA A 154 -13.59 -8.38 -8.47
CA ALA A 154 -13.70 -9.62 -7.70
C ALA A 154 -14.97 -9.49 -6.86
N THR A 155 -15.98 -10.31 -7.14
CA THR A 155 -17.30 -10.12 -6.54
C THR A 155 -17.80 -11.42 -5.92
N VAL A 156 -18.34 -11.32 -4.70
CA VAL A 156 -19.07 -12.44 -4.12
C VAL A 156 -20.46 -11.93 -3.73
N TYR A 157 -21.38 -12.87 -3.58
CA TYR A 157 -22.74 -12.49 -3.19
C TYR A 157 -23.36 -13.64 -2.41
N ALA A 158 -24.32 -13.29 -1.55
CA ALA A 158 -25.13 -14.27 -0.83
C ALA A 158 -26.60 -13.90 -0.96
N THR A 159 -27.45 -14.92 -1.10
CA THR A 159 -28.87 -14.69 -1.32
C THR A 159 -29.62 -14.66 0.00
N GLY A 160 -30.62 -13.78 0.06
CA GLY A 160 -31.41 -13.59 1.26
C GLY A 160 -32.51 -14.61 1.37
N THR A 161 -33.37 -14.40 2.37
CA THR A 161 -34.40 -15.39 2.69
C THR A 161 -35.39 -15.58 1.54
N HIS A 162 -35.77 -14.50 0.88
CA HIS A 162 -36.83 -14.52 -0.12
C HIS A 162 -36.32 -14.40 -1.55
N ALA A 163 -35.02 -14.35 -1.74
CA ALA A 163 -34.46 -14.26 -3.09
C ALA A 163 -34.72 -15.56 -3.85
N GLN A 164 -35.27 -15.47 -5.04
CA GLN A 164 -35.55 -16.68 -5.82
C GLN A 164 -34.26 -17.21 -6.44
N VAL A 165 -34.30 -18.49 -6.83
CA VAL A 165 -33.14 -19.10 -7.48
C VAL A 165 -32.77 -18.34 -8.74
N GLU A 166 -33.78 -17.88 -9.50
CA GLU A 166 -33.50 -17.03 -10.66
C GLU A 166 -32.83 -15.71 -10.25
N ASP A 167 -33.15 -15.17 -9.07
CA ASP A 167 -32.54 -13.91 -8.65
C ASP A 167 -31.03 -14.05 -8.46
N GLY A 168 -30.61 -15.15 -7.84
CA GLY A 168 -29.18 -15.40 -7.70
C GLY A 168 -28.47 -15.59 -9.03
N ARG A 169 -29.10 -16.30 -9.96
CA ARG A 169 -28.49 -16.51 -11.28
C ARG A 169 -28.40 -15.21 -12.07
N LEU A 170 -29.45 -14.38 -11.98
CA LEU A 170 -29.43 -13.07 -12.62
C LEU A 170 -28.29 -12.22 -12.10
N MET A 171 -28.14 -12.17 -10.77
CA MET A 171 -27.08 -11.35 -10.23
CA MET A 171 -27.08 -11.39 -10.16
C MET A 171 -25.71 -11.89 -10.61
N GLU A 172 -25.53 -13.21 -10.63
CA GLU A 172 -24.24 -13.75 -11.04
C GLU A 172 -23.92 -13.40 -12.49
N GLN A 173 -24.92 -13.50 -13.38
CA GLN A 173 -24.72 -13.12 -14.77
C GLN A 173 -24.32 -11.65 -14.87
N LEU A 174 -25.05 -10.78 -14.17
CA LEU A 174 -24.77 -9.35 -14.22
C LEU A 174 -23.38 -9.04 -13.69
N LEU A 175 -23.02 -9.56 -12.52
CA LEU A 175 -21.73 -9.19 -11.96
C LEU A 175 -20.57 -9.90 -12.64
N SER A 176 -20.81 -11.05 -13.29
CA SER A 176 -19.73 -11.68 -14.05
C SER A 176 -19.37 -10.91 -15.31
N SER A 177 -20.22 -9.97 -15.75
CA SER A 177 -19.86 -9.16 -16.90
C SER A 177 -18.77 -8.14 -16.58
N VAL A 178 -18.41 -7.95 -15.30
CA VAL A 178 -17.40 -6.97 -14.95
C VAL A 178 -16.29 -7.58 -14.09
N GLY A 179 -16.22 -8.91 -14.04
CA GLY A 179 -15.10 -9.58 -13.38
C GLY A 179 -15.48 -10.97 -12.92
N PHE A 180 -14.67 -11.48 -11.98
CA PHE A 180 -14.98 -12.76 -11.32
C PHE A 180 -16.20 -12.59 -10.42
N CYS A 181 -17.09 -13.59 -10.42
CA CYS A 181 -18.23 -13.54 -9.51
C CYS A 181 -18.60 -14.95 -9.05
N THR A 182 -18.77 -15.12 -7.74
CA THR A 182 -19.22 -16.42 -7.25
C THR A 182 -20.15 -16.23 -6.05
N GLU A 183 -21.04 -17.21 -5.84
CA GLU A 183 -21.89 -17.21 -4.67
C GLU A 183 -21.10 -17.70 -3.46
N VAL A 184 -21.40 -17.14 -2.28
CA VAL A 184 -20.82 -17.58 -1.01
C VAL A 184 -21.90 -17.58 0.06
N GLU A 185 -21.62 -18.30 1.15
CA GLU A 185 -22.39 -18.11 2.38
C GLU A 185 -22.09 -16.72 2.95
N GLU A 186 -23.11 -16.12 3.56
CA GLU A 186 -22.96 -14.75 4.04
C GLU A 186 -21.86 -14.62 5.09
N ASP A 187 -21.61 -15.67 5.87
CA ASP A 187 -20.59 -15.50 6.91
C ASP A 187 -19.17 -15.42 6.36
N LEU A 188 -18.97 -15.56 5.04
CA LEU A 188 -17.65 -15.32 4.48
C LEU A 188 -17.43 -13.88 4.04
N ILE A 189 -18.47 -13.02 4.04
CA ILE A 189 -18.34 -11.80 3.27
C ILE A 189 -17.47 -10.77 3.97
N ASP A 190 -17.49 -10.71 5.30
CA ASP A 190 -16.59 -9.76 5.99
C ASP A 190 -15.13 -10.10 5.70
N ALA A 191 -14.81 -11.39 5.65
CA ALA A 191 -13.45 -11.83 5.32
C ALA A 191 -13.09 -11.48 3.87
N VAL A 192 -14.02 -11.71 2.93
CA VAL A 192 -13.82 -11.26 1.55
C VAL A 192 -13.56 -9.77 1.49
N THR A 193 -14.32 -8.99 2.27
CA THR A 193 -14.10 -7.55 2.31
C THR A 193 -12.65 -7.23 2.67
N GLY A 194 -12.09 -7.93 3.65
CA GLY A 194 -10.73 -7.63 4.06
C GLY A 194 -9.68 -8.02 3.02
N LEU A 195 -10.01 -9.00 2.16
CA LEU A 195 -9.08 -9.49 1.13
C LEU A 195 -9.24 -8.76 -0.20
N SER A 196 -10.34 -9.02 -0.92
CA SER A 196 -10.48 -8.41 -2.23
C SER A 196 -11.21 -7.09 -2.21
N GLY A 197 -12.01 -6.80 -1.18
CA GLY A 197 -12.65 -5.49 -1.09
C GLY A 197 -11.63 -4.38 -0.88
N SER A 198 -10.83 -4.51 0.20
CA SER A 198 -9.72 -3.62 0.48
C SER A 198 -8.50 -3.88 -0.39
N GLY A 199 -8.40 -5.05 -1.01
CA GLY A 199 -7.23 -5.48 -1.74
C GLY A 199 -6.59 -4.50 -2.72
N PRO A 200 -7.41 -3.86 -3.57
CA PRO A 200 -6.82 -2.89 -4.51
C PRO A 200 -6.01 -1.80 -3.84
N ALA A 201 -6.43 -1.30 -2.67
CA ALA A 201 -5.64 -0.30 -1.94
C ALA A 201 -4.27 -0.85 -1.52
N TYR A 202 -4.21 -2.10 -1.06
CA TYR A 202 -2.92 -2.73 -0.78
C TYR A 202 -2.06 -2.75 -2.04
N ALA A 203 -2.66 -3.09 -3.19
CA ALA A 203 -1.90 -3.13 -4.45
C ALA A 203 -1.45 -1.74 -4.89
N PHE A 204 -2.31 -0.72 -4.74
CA PHE A 204 -1.89 0.63 -5.09
C PHE A 204 -0.72 1.10 -4.23
N THR A 205 -0.76 0.80 -2.93
CA THR A 205 0.35 1.12 -2.02
C THR A 205 1.63 0.41 -2.47
N ALA A 206 1.49 -0.89 -2.78
CA ALA A 206 2.63 -1.68 -3.24
C ALA A 206 3.20 -1.17 -4.55
N LEU A 207 2.34 -0.80 -5.50
CA LEU A 207 2.81 -0.29 -6.79
C LEU A 207 3.52 1.07 -6.65
N ASP A 208 3.00 1.94 -5.79
CA ASP A 208 3.70 3.21 -5.50
C ASP A 208 5.10 2.95 -4.95
N ALA A 209 5.21 1.99 -4.03
CA ALA A 209 6.50 1.72 -3.40
C ALA A 209 7.47 1.05 -4.37
N LEU A 210 6.99 0.10 -5.17
CA LEU A 210 7.85 -0.55 -6.16
C LEU A 210 8.40 0.48 -7.14
N ALA A 211 7.55 1.43 -7.54
CA ALA A 211 7.99 2.50 -8.43
C ALA A 211 9.07 3.36 -7.76
N ASP A 212 8.90 3.70 -6.47
CA ASP A 212 9.97 4.41 -5.74
C ASP A 212 11.26 3.60 -5.79
N GLY A 213 11.15 2.28 -5.62
CA GLY A 213 12.33 1.41 -5.73
C GLY A 213 12.97 1.49 -7.10
N GLY A 214 12.16 1.43 -8.17
CA GLY A 214 12.69 1.62 -9.50
C GLY A 214 13.41 2.95 -9.64
N VAL A 215 12.78 4.03 -9.16
CA VAL A 215 13.38 5.36 -9.23
C VAL A 215 14.66 5.42 -8.42
N LYS A 216 14.68 4.77 -7.25
CA LYS A 216 15.91 4.80 -6.46
C LYS A 216 17.07 4.20 -7.24
N MET A 217 16.80 3.17 -8.04
CA MET A 217 17.85 2.49 -8.78
C MET A 217 18.07 3.07 -10.18
N GLY A 218 17.45 4.21 -10.51
CA GLY A 218 17.83 4.95 -11.71
C GLY A 218 16.79 4.98 -12.82
N LEU A 219 15.61 4.40 -12.63
CA LEU A 219 14.57 4.43 -13.68
C LEU A 219 13.74 5.70 -13.60
N PRO A 220 13.34 6.27 -14.75
CA PRO A 220 12.32 7.32 -14.74
C PRO A 220 11.03 6.83 -14.10
N ARG A 221 10.37 7.75 -13.41
CA ARG A 221 9.15 7.39 -12.68
CA ARG A 221 9.13 7.42 -12.69
C ARG A 221 8.10 6.77 -13.61
N ARG A 222 7.87 7.36 -14.77
CA ARG A 222 6.84 6.84 -15.66
C ARG A 222 7.12 5.39 -16.05
N LEU A 223 8.37 5.09 -16.42
CA LEU A 223 8.73 3.73 -16.79
C LEU A 223 8.62 2.79 -15.60
N ALA A 224 9.04 3.25 -14.40
CA ALA A 224 8.98 2.38 -13.24
C ALA A 224 7.54 2.01 -12.88
N VAL A 225 6.63 2.99 -12.95
CA VAL A 225 5.21 2.73 -12.70
C VAL A 225 4.67 1.71 -13.71
N ARG A 226 4.97 1.91 -14.99
CA ARG A 226 4.48 1.02 -16.05
C ARG A 226 5.00 -0.41 -15.85
N LEU A 227 6.30 -0.55 -15.55
CA LEU A 227 6.89 -1.88 -15.38
C LEU A 227 6.37 -2.57 -14.13
N GLY A 228 6.28 -1.83 -13.01
CA GLY A 228 5.77 -2.45 -11.79
C GLY A 228 4.34 -2.94 -11.96
N ALA A 229 3.49 -2.12 -12.59
CA ALA A 229 2.09 -2.50 -12.76
C ALA A 229 1.96 -3.67 -13.71
N GLN A 230 2.76 -3.67 -14.78
CA GLN A 230 2.74 -4.79 -15.73
C GLN A 230 3.22 -6.07 -15.07
N ALA A 231 4.26 -5.97 -14.25
CA ALA A 231 4.76 -7.15 -13.55
C ALA A 231 3.69 -7.75 -12.65
N LEU A 232 2.99 -6.90 -11.90
CA LEU A 232 1.93 -7.37 -11.01
C LEU A 232 0.77 -7.98 -11.81
N LEU A 233 0.39 -7.32 -12.91
CA LEU A 233 -0.71 -7.86 -13.71
C LEU A 233 -0.33 -9.21 -14.30
N GLY A 234 0.87 -9.30 -14.87
CA GLY A 234 1.31 -10.56 -15.44
C GLY A 234 1.38 -11.67 -14.42
N ALA A 235 1.87 -11.35 -13.22
CA ALA A 235 2.04 -12.40 -12.22
C ALA A 235 0.69 -12.89 -11.68
N ALA A 236 -0.25 -11.97 -11.49
CA ALA A 236 -1.59 -12.40 -11.08
C ALA A 236 -2.23 -13.26 -12.15
N LYS A 237 -2.10 -12.85 -13.41
CA LYS A 237 -2.65 -13.68 -14.47
C LYS A 237 -1.99 -15.04 -14.53
N MET A 238 -0.67 -15.11 -14.35
CA MET A 238 -0.01 -16.41 -14.34
C MET A 238 -0.61 -17.33 -13.29
N LEU A 239 -0.80 -16.82 -12.07
CA LEU A 239 -1.35 -17.64 -11.00
C LEU A 239 -2.78 -18.08 -11.30
N LEU A 240 -3.63 -17.14 -11.76
CA LEU A 240 -4.99 -17.50 -12.11
C LEU A 240 -5.04 -18.58 -13.20
N HIS A 241 -4.04 -18.62 -14.07
CA HIS A 241 -4.03 -19.58 -15.18
C HIS A 241 -3.19 -20.82 -14.90
N SER A 242 -2.61 -20.94 -13.71
CA SER A 242 -1.75 -22.06 -13.36
C SER A 242 -2.40 -22.89 -12.25
N GLU A 243 -2.17 -24.19 -12.30
CA GLU A 243 -2.57 -25.04 -11.19
C GLU A 243 -1.51 -25.10 -10.09
N GLN A 244 -0.34 -24.50 -10.32
CA GLN A 244 0.76 -24.60 -9.39
C GLN A 244 0.57 -23.65 -8.20
N HIS A 245 1.18 -24.03 -7.09
CA HIS A 245 1.14 -23.21 -5.89
C HIS A 245 1.96 -21.93 -6.10
N PRO A 246 1.53 -20.80 -5.51
CA PRO A 246 2.34 -19.58 -5.66
C PRO A 246 3.79 -19.75 -5.23
N GLY A 247 4.07 -20.61 -4.24
CA GLY A 247 5.45 -20.86 -3.87
C GLY A 247 6.24 -21.53 -4.97
N GLN A 248 5.58 -22.36 -5.79
CA GLN A 248 6.27 -22.99 -6.90
C GLN A 248 6.51 -22.00 -8.03
N LEU A 249 5.54 -21.10 -8.29
CA LEU A 249 5.80 -20.07 -9.29
C LEU A 249 6.96 -19.18 -8.86
N LYS A 250 7.04 -18.88 -7.56
CA LYS A 250 8.17 -18.12 -7.02
C LYS A 250 9.49 -18.87 -7.24
N ASP A 251 9.49 -20.17 -6.97
CA ASP A 251 10.68 -21.00 -7.18
C ASP A 251 11.15 -20.95 -8.64
N ASN A 252 10.21 -20.88 -9.59
CA ASN A 252 10.57 -20.87 -11.00
C ASN A 252 11.27 -19.57 -11.41
N VAL A 253 11.07 -18.48 -10.67
CA VAL A 253 11.73 -17.23 -11.03
C VAL A 253 13.17 -17.22 -10.52
N SER A 254 13.39 -17.69 -9.29
CA SER A 254 14.65 -17.42 -8.58
C SER A 254 15.72 -18.44 -8.96
N SER A 255 16.76 -17.98 -9.58
CA SER A 255 17.84 -18.92 -9.78
C SER A 255 18.79 -18.96 -8.57
N PRO A 256 19.49 -20.07 -8.38
CA PRO A 256 20.41 -20.18 -7.24
C PRO A 256 21.41 -19.02 -7.20
N GLY A 257 21.59 -18.46 -5.99
CA GLY A 257 22.45 -17.32 -5.72
C GLY A 257 22.09 -16.03 -6.41
N GLY A 258 20.94 -15.98 -7.08
CA GLY A 258 20.60 -14.90 -7.97
C GLY A 258 19.96 -13.68 -7.32
N ALA A 259 19.60 -12.72 -8.18
CA ALA A 259 19.06 -11.44 -7.75
C ALA A 259 17.72 -11.62 -7.05
N THR A 260 16.87 -12.48 -7.59
CA THR A 260 15.51 -12.58 -7.05
C THR A 260 15.51 -13.14 -5.63
N ILE A 261 16.29 -14.21 -5.39
CA ILE A 261 16.32 -14.79 -4.05
C ILE A 261 16.96 -13.84 -3.05
N HIS A 262 17.94 -13.01 -3.47
CA HIS A 262 18.44 -11.97 -2.58
C HIS A 262 17.33 -10.98 -2.22
N ALA A 263 16.51 -10.57 -3.18
CA ALA A 263 15.42 -9.65 -2.88
C ALA A 263 14.35 -10.32 -2.02
N LEU A 264 14.06 -11.60 -2.26
CA LEU A 264 13.08 -12.28 -1.43
C LEU A 264 13.55 -12.32 0.02
N HIS A 265 14.85 -12.48 0.24
CA HIS A 265 15.36 -12.51 1.61
C HIS A 265 15.09 -11.20 2.34
N VAL A 266 15.31 -10.05 1.70
CA VAL A 266 15.08 -8.81 2.43
C VAL A 266 13.59 -8.59 2.68
N LEU A 267 12.70 -9.05 1.80
CA LEU A 267 11.27 -9.03 2.14
C LEU A 267 10.98 -9.86 3.38
N GLU A 268 11.52 -11.10 3.43
CA GLU A 268 11.28 -11.95 4.58
C GLU A 268 11.83 -11.33 5.86
N SER A 269 12.98 -10.66 5.77
CA SER A 269 13.59 -10.11 6.97
C SER A 269 12.73 -9.01 7.56
N GLY A 270 11.93 -8.34 6.73
CA GLY A 270 10.99 -7.36 7.26
C GLY A 270 9.64 -7.90 7.67
N GLY A 271 9.42 -9.22 7.59
CA GLY A 271 8.08 -9.75 7.87
C GLY A 271 7.03 -9.36 6.85
N PHE A 272 7.42 -9.25 5.57
CA PHE A 272 6.52 -8.85 4.48
C PHE A 272 5.21 -9.64 4.50
N ARG A 273 5.33 -10.98 4.56
CA ARG A 273 4.13 -11.84 4.63
C ARG A 273 3.23 -11.46 5.80
N SER A 274 3.82 -11.25 6.99
CA SER A 274 2.98 -10.95 8.16
C SER A 274 2.23 -9.62 8.02
N LEU A 275 2.79 -8.67 7.28
CA LEU A 275 2.11 -7.38 7.12
C LEU A 275 0.84 -7.53 6.30
N LEU A 276 0.88 -8.37 5.28
CA LEU A 276 -0.30 -8.56 4.45
C LEU A 276 -1.36 -9.37 5.20
N ILE A 277 -0.94 -10.34 6.03
CA ILE A 277 -1.90 -11.02 6.89
C ILE A 277 -2.53 -10.03 7.87
N ASN A 278 -1.69 -9.20 8.49
CA ASN A 278 -2.18 -8.14 9.39
C ASN A 278 -3.23 -7.27 8.70
N ALA A 279 -3.01 -6.92 7.42
CA ALA A 279 -3.93 -6.03 6.72
C ALA A 279 -5.30 -6.70 6.50
N VAL A 280 -5.31 -7.92 5.96
CA VAL A 280 -6.57 -8.64 5.75
C VAL A 280 -7.34 -8.73 7.07
N GLU A 281 -6.64 -9.12 8.14
CA GLU A 281 -7.24 -9.23 9.45
C GLU A 281 -7.80 -7.90 9.92
N ALA A 282 -6.99 -6.83 9.80
CA ALA A 282 -7.44 -5.52 10.31
C ALA A 282 -8.69 -5.04 9.59
N SER A 283 -8.72 -5.20 8.27
CA SER A 283 -9.88 -4.78 7.49
C SER A 283 -11.12 -5.62 7.87
N CYS A 284 -10.95 -6.94 7.95
CA CYS A 284 -12.05 -7.82 8.35
C CYS A 284 -12.56 -7.47 9.75
N ILE A 285 -11.66 -7.32 10.72
CA ILE A 285 -12.06 -7.01 12.09
C ILE A 285 -12.81 -5.66 12.15
N ARG A 286 -12.31 -4.65 11.44
CA ARG A 286 -12.98 -3.34 11.45
C ARG A 286 -14.38 -3.44 10.85
N THR A 287 -14.53 -4.24 9.79
CA THR A 287 -15.82 -4.44 9.15
C THR A 287 -16.81 -5.06 10.14
N ARG A 288 -16.34 -6.06 10.92
CA ARG A 288 -17.19 -6.69 11.93
C ARG A 288 -17.50 -5.74 13.08
N GLU A 289 -16.51 -4.93 13.46
CA GLU A 289 -16.64 -4.00 14.58
C GLU A 289 -17.63 -2.90 14.27
N LEU A 290 -17.59 -2.39 13.03
CA LEU A 290 -18.56 -1.38 12.61
C LEU A 290 -19.98 -1.95 12.67
N GLN A 291 -20.17 -3.16 12.15
CA GLN A 291 -21.52 -3.73 12.12
C GLN A 291 -22.01 -4.03 13.54
N SER A 292 -21.12 -4.45 14.43
CA SER A 292 -21.52 -4.62 15.83
C SER A 292 -21.97 -3.30 16.44
N MET A 293 -21.30 -2.20 16.07
CA MET A 293 -21.74 -0.87 16.51
C MET A 293 -23.11 -0.53 15.93
N ALA A 294 -23.33 -0.85 14.65
CA ALA A 294 -24.59 -0.53 13.99
C ALA A 294 -25.74 -1.31 14.63
N ASP A 295 -25.57 -2.63 14.77
CA ASP A 295 -26.64 -3.44 15.34
C ASP A 295 -26.86 -3.14 16.82
N GLN A 296 -25.82 -2.65 17.51
CA GLN A 296 -26.02 -2.15 18.86
C GLN A 296 -26.96 -0.94 18.90
N GLU A 297 -27.05 -0.20 17.79
CA GLU A 297 -27.86 1.00 17.71
C GLU A 297 -29.22 0.74 17.07
N ASN B 17 -2.73 -9.24 -36.87
CA ASN B 17 -2.57 -9.88 -38.17
C ASN B 17 -1.09 -9.97 -38.55
N LEU B 18 -0.24 -10.04 -37.52
CA LEU B 18 1.20 -10.10 -37.68
C LEU B 18 1.66 -11.55 -37.83
N TYR B 19 2.69 -11.76 -38.65
CA TYR B 19 3.27 -13.09 -38.80
C TYR B 19 4.63 -12.97 -39.48
N PHE B 20 5.66 -13.52 -38.86
CA PHE B 20 7.03 -13.45 -39.39
C PHE B 20 7.30 -14.70 -40.22
N GLN B 21 6.84 -14.67 -41.47
CA GLN B 21 6.83 -15.88 -42.30
C GLN B 21 8.23 -16.41 -42.59
N SER B 22 9.22 -15.52 -42.67
CA SER B 22 10.56 -15.92 -43.07
C SER B 22 11.55 -15.99 -41.91
N MET B 23 11.07 -15.97 -40.67
CA MET B 23 11.93 -15.90 -39.48
C MET B 23 11.99 -17.26 -38.81
N SER B 24 13.20 -17.78 -38.62
CA SER B 24 13.44 -18.98 -37.82
C SER B 24 14.05 -18.58 -36.49
N VAL B 25 13.44 -19.01 -35.39
CA VAL B 25 13.87 -18.64 -34.04
C VAL B 25 14.54 -19.83 -33.37
N GLY B 26 15.61 -19.57 -32.63
CA GLY B 26 16.26 -20.60 -31.86
C GLY B 26 16.50 -20.15 -30.44
N PHE B 27 16.48 -21.13 -29.52
CA PHE B 27 16.81 -20.90 -28.12
C PHE B 27 18.01 -21.75 -27.73
N ILE B 28 19.09 -21.10 -27.29
CA ILE B 28 20.15 -21.79 -26.55
C ILE B 28 19.71 -21.83 -25.09
N GLY B 29 19.40 -23.04 -24.61
CA GLY B 29 18.75 -23.19 -23.33
C GLY B 29 17.31 -23.61 -23.55
N ALA B 30 16.86 -24.65 -22.85
CA ALA B 30 15.47 -25.08 -23.03
C ALA B 30 14.77 -25.13 -21.68
N GLY B 31 14.96 -24.08 -20.88
CA GLY B 31 14.43 -24.01 -19.54
C GLY B 31 13.21 -23.14 -19.42
N GLN B 32 13.03 -22.57 -18.22
CA GLN B 32 11.82 -21.84 -17.91
C GLN B 32 11.57 -20.68 -18.88
N LEU B 33 12.62 -19.90 -19.18
CA LEU B 33 12.39 -18.73 -20.03
C LEU B 33 12.13 -19.13 -21.47
N ALA B 34 12.90 -20.10 -22.01
CA ALA B 34 12.65 -20.56 -23.38
C ALA B 34 11.23 -21.09 -23.51
N PHE B 35 10.76 -21.86 -22.54
CA PHE B 35 9.39 -22.35 -22.60
C PHE B 35 8.40 -21.19 -22.58
N ALA B 36 8.61 -20.25 -21.65
CA ALA B 36 7.64 -19.17 -21.48
C ALA B 36 7.54 -18.31 -22.74
N LEU B 37 8.68 -18.04 -23.39
CA LEU B 37 8.65 -17.26 -24.63
C LEU B 37 8.07 -18.07 -25.78
N ALA B 38 8.48 -19.33 -25.90
CA ALA B 38 7.96 -20.18 -26.99
C ALA B 38 6.45 -20.36 -26.86
N LYS B 39 5.97 -20.58 -25.65
CA LYS B 39 4.53 -20.67 -25.43
C LYS B 39 3.84 -19.37 -25.80
N GLY B 40 4.42 -18.23 -25.38
CA GLY B 40 3.79 -16.95 -25.67
C GLY B 40 3.77 -16.63 -27.16
N PHE B 41 4.90 -16.84 -27.84
CA PHE B 41 4.96 -16.58 -29.27
C PHE B 41 3.97 -17.46 -30.02
N THR B 42 3.91 -18.76 -29.69
CA THR B 42 2.99 -19.63 -30.42
C THR B 42 1.55 -19.28 -30.12
N ALA B 43 1.21 -19.00 -28.86
CA ALA B 43 -0.15 -18.58 -28.55
C ALA B 43 -0.51 -17.29 -29.28
N ALA B 44 0.45 -16.37 -29.40
CA ALA B 44 0.21 -15.12 -30.12
C ALA B 44 0.02 -15.33 -31.61
N GLY B 45 0.31 -16.52 -32.13
CA GLY B 45 0.18 -16.81 -33.53
C GLY B 45 1.21 -16.15 -34.43
N VAL B 46 2.26 -15.53 -33.88
CA VAL B 46 3.26 -14.89 -34.72
C VAL B 46 4.34 -15.88 -35.20
N LEU B 47 4.46 -17.04 -34.56
CA LEU B 47 5.39 -18.08 -34.98
C LEU B 47 4.71 -19.44 -34.88
N ALA B 48 4.97 -20.30 -35.85
CA ALA B 48 4.59 -21.71 -35.73
C ALA B 48 5.65 -22.46 -34.94
N ALA B 49 5.18 -23.34 -34.04
CA ALA B 49 6.11 -24.04 -33.15
C ALA B 49 7.20 -24.80 -33.91
N HIS B 50 6.90 -25.33 -35.09
CA HIS B 50 7.91 -26.11 -35.80
C HIS B 50 9.00 -25.23 -36.42
N LYS B 51 8.81 -23.92 -36.48
CA LYS B 51 9.87 -23.01 -36.91
C LYS B 51 10.76 -22.58 -35.76
N ILE B 52 10.49 -23.08 -34.55
CA ILE B 52 11.31 -22.81 -33.38
C ILE B 52 12.13 -24.06 -33.07
N MET B 53 13.38 -23.85 -32.66
CA MET B 53 14.26 -24.93 -32.22
C MET B 53 14.84 -24.52 -30.87
N ALA B 54 15.01 -25.50 -29.98
CA ALA B 54 15.64 -25.25 -28.68
C ALA B 54 16.65 -26.34 -28.38
N SER B 55 17.73 -25.98 -27.69
CA SER B 55 18.77 -26.93 -27.36
C SER B 55 19.08 -26.92 -25.87
N SER B 56 19.52 -28.08 -25.37
CA SER B 56 19.84 -28.22 -23.96
C SER B 56 20.65 -29.49 -23.80
N PRO B 57 21.63 -29.52 -22.89
CA PRO B 57 22.33 -30.79 -22.60
C PRO B 57 21.51 -31.74 -21.75
N ASP B 58 20.31 -31.35 -21.31
CA ASP B 58 19.47 -32.21 -20.47
C ASP B 58 18.09 -32.32 -21.10
N MET B 59 17.85 -33.43 -21.81
CA MET B 59 16.52 -33.69 -22.33
C MET B 59 15.58 -34.29 -21.29
N ASP B 60 16.05 -34.50 -20.07
CA ASP B 60 15.21 -34.98 -18.97
C ASP B 60 14.73 -33.81 -18.12
N LEU B 61 14.15 -32.81 -18.77
CA LEU B 61 13.64 -31.61 -18.12
C LEU B 61 12.15 -31.48 -18.38
N ALA B 62 11.43 -31.03 -17.35
CA ALA B 62 10.00 -30.77 -17.51
C ALA B 62 9.74 -29.77 -18.62
N THR B 63 10.59 -28.75 -18.73
CA THR B 63 10.42 -27.74 -19.78
C THR B 63 10.70 -28.32 -21.17
N VAL B 64 11.68 -29.23 -21.27
CA VAL B 64 11.98 -29.83 -22.56
C VAL B 64 10.80 -30.66 -23.05
N SER B 65 10.22 -31.47 -22.18
CA SER B 65 9.07 -32.26 -22.62
C SER B 65 7.88 -31.37 -22.95
N ALA B 66 7.73 -30.24 -22.24
CA ALA B 66 6.65 -29.31 -22.56
C ALA B 66 6.86 -28.66 -23.93
N LEU B 67 8.08 -28.22 -24.21
CA LEU B 67 8.39 -27.66 -25.52
C LEU B 67 8.12 -28.68 -26.62
N ARG B 68 8.43 -29.96 -26.37
CA ARG B 68 8.21 -30.98 -27.39
C ARG B 68 6.72 -31.13 -27.71
N LYS B 69 5.86 -31.07 -26.68
CA LYS B 69 4.43 -31.21 -26.89
C LYS B 69 3.83 -30.02 -27.63
N MET B 70 4.46 -28.85 -27.55
CA MET B 70 4.07 -27.73 -28.39
C MET B 70 4.41 -27.95 -29.86
N GLY B 71 5.37 -28.81 -30.16
CA GLY B 71 5.87 -28.97 -31.51
C GLY B 71 7.21 -28.31 -31.78
N VAL B 72 7.87 -27.76 -30.75
CA VAL B 72 9.17 -27.14 -30.95
C VAL B 72 10.22 -28.21 -31.26
N LYS B 73 11.09 -27.93 -32.23
CA LYS B 73 12.18 -28.84 -32.54
C LYS B 73 13.22 -28.82 -31.43
N LEU B 74 13.66 -30.00 -30.99
CA LEU B 74 14.63 -30.10 -29.89
C LEU B 74 15.88 -30.86 -30.33
N THR B 75 17.04 -30.40 -29.84
CA THR B 75 18.33 -31.01 -30.16
C THR B 75 19.26 -30.77 -28.98
N PRO B 76 20.15 -31.70 -28.65
CA PRO B 76 21.16 -31.41 -27.64
C PRO B 76 22.31 -30.54 -28.14
N HIS B 77 22.41 -30.28 -29.44
CA HIS B 77 23.61 -29.68 -30.01
C HIS B 77 23.34 -28.20 -30.31
N ASN B 78 24.02 -27.33 -29.56
CA ASN B 78 23.86 -25.88 -29.76
C ASN B 78 24.19 -25.46 -31.18
N LYS B 79 25.14 -26.13 -31.82
CA LYS B 79 25.46 -25.76 -33.21
C LYS B 79 24.26 -25.95 -34.12
N GLU B 80 23.43 -26.95 -33.86
CA GLU B 80 22.26 -27.17 -34.70
C GLU B 80 21.24 -26.03 -34.54
N THR B 81 21.04 -25.56 -33.32
CA THR B 81 20.18 -24.39 -33.11
C THR B 81 20.68 -23.20 -33.92
N VAL B 82 21.98 -22.92 -33.84
CA VAL B 82 22.56 -21.79 -34.57
C VAL B 82 22.33 -21.94 -36.07
N GLN B 83 22.59 -23.13 -36.60
CA GLN B 83 22.46 -23.36 -38.03
C GLN B 83 21.02 -23.25 -38.51
N HIS B 84 20.07 -23.59 -37.63
CA HIS B 84 18.65 -23.49 -37.98
C HIS B 84 18.12 -22.06 -37.90
N SER B 85 18.72 -21.22 -37.07
CA SER B 85 18.03 -20.02 -36.61
C SER B 85 18.43 -18.77 -37.39
N ASP B 86 17.52 -17.80 -37.37
CA ASP B 86 17.76 -16.41 -37.75
C ASP B 86 17.91 -15.55 -36.50
N VAL B 87 16.90 -15.57 -35.63
CA VAL B 87 16.93 -14.90 -34.34
C VAL B 87 17.32 -15.95 -33.31
N LEU B 88 18.39 -15.68 -32.56
CA LEU B 88 18.95 -16.63 -31.61
C LEU B 88 18.84 -16.05 -30.22
N PHE B 89 17.94 -16.61 -29.41
CA PHE B 89 17.82 -16.22 -28.01
C PHE B 89 18.81 -17.00 -27.17
N LEU B 90 19.57 -16.28 -26.35
CA LEU B 90 20.45 -16.91 -25.36
C LEU B 90 19.65 -17.00 -24.06
N ALA B 91 19.27 -18.22 -23.71
CA ALA B 91 18.36 -18.50 -22.60
C ALA B 91 19.03 -19.43 -21.60
N VAL B 92 20.32 -19.24 -21.38
CA VAL B 92 21.06 -20.00 -20.37
C VAL B 92 21.37 -19.07 -19.21
N LYS B 93 21.78 -19.68 -18.08
CA LYS B 93 22.13 -18.89 -16.91
C LYS B 93 23.32 -17.98 -17.22
N PRO B 94 23.42 -16.83 -16.53
CA PRO B 94 24.43 -15.84 -16.93
C PRO B 94 25.86 -16.38 -16.97
N HIS B 95 26.25 -17.25 -16.04
CA HIS B 95 27.63 -17.75 -16.05
C HIS B 95 27.89 -18.73 -17.18
N ILE B 96 26.85 -19.26 -17.84
CA ILE B 96 27.04 -20.14 -18.98
C ILE B 96 27.24 -19.35 -20.28
N ILE B 97 26.83 -18.07 -20.31
CA ILE B 97 26.93 -17.29 -21.55
C ILE B 97 28.32 -17.31 -22.17
N PRO B 98 29.41 -17.02 -21.43
CA PRO B 98 30.73 -17.00 -22.10
C PRO B 98 31.11 -18.34 -22.70
N PHE B 99 30.78 -19.45 -22.02
CA PHE B 99 31.02 -20.77 -22.56
C PHE B 99 30.24 -21.00 -23.86
N ILE B 100 28.96 -20.62 -23.87
CA ILE B 100 28.12 -20.74 -25.05
C ILE B 100 28.71 -19.94 -26.21
N LEU B 101 29.13 -18.71 -25.94
CA LEU B 101 29.66 -17.85 -27.00
C LEU B 101 30.95 -18.43 -27.57
N ASP B 102 31.79 -19.03 -26.72
CA ASP B 102 32.99 -19.69 -27.23
C ASP B 102 32.63 -20.89 -28.09
N GLU B 103 31.53 -21.57 -27.78
CA GLU B 103 31.19 -22.80 -28.47
C GLU B 103 30.67 -22.52 -29.88
N ILE B 104 29.74 -21.57 -30.02
CA ILE B 104 29.10 -21.38 -31.32
C ILE B 104 29.56 -20.08 -31.99
N GLY B 105 30.52 -19.36 -31.40
CA GLY B 105 31.00 -18.13 -32.02
C GLY B 105 31.40 -18.27 -33.48
N ALA B 106 32.12 -19.34 -33.81
CA ALA B 106 32.51 -19.57 -35.20
C ALA B 106 31.32 -19.85 -36.11
N ASP B 107 30.16 -20.18 -35.55
CA ASP B 107 28.99 -20.50 -36.35
C ASP B 107 28.07 -19.31 -36.59
N ILE B 108 28.35 -18.16 -35.98
CA ILE B 108 27.50 -16.99 -36.18
C ILE B 108 27.71 -16.44 -37.59
N GLU B 109 26.61 -16.26 -38.32
CA GLU B 109 26.64 -15.76 -39.69
C GLU B 109 26.18 -14.31 -39.73
N ASP B 110 26.24 -13.72 -40.91
CA ASP B 110 25.81 -12.34 -41.06
C ASP B 110 24.32 -12.18 -40.76
N ARG B 111 23.52 -13.21 -41.05
CA ARG B 111 22.08 -13.13 -40.92
C ARG B 111 21.60 -13.17 -39.47
N HIS B 112 22.45 -13.58 -38.53
CA HIS B 112 22.00 -13.84 -37.16
C HIS B 112 21.77 -12.55 -36.39
N ILE B 113 20.67 -12.51 -35.67
CA ILE B 113 20.45 -11.54 -34.60
C ILE B 113 20.55 -12.30 -33.28
N VAL B 114 21.55 -11.96 -32.47
CA VAL B 114 21.74 -12.63 -31.19
C VAL B 114 21.03 -11.80 -30.12
N VAL B 115 20.04 -12.39 -29.46
CA VAL B 115 19.28 -11.71 -28.41
C VAL B 115 19.62 -12.37 -27.08
N SER B 116 20.39 -11.68 -26.24
CA SER B 116 20.71 -12.22 -24.93
C SER B 116 19.62 -11.85 -23.93
N CYS B 117 19.04 -12.86 -23.28
CA CYS B 117 18.08 -12.63 -22.20
C CYS B 117 18.72 -12.76 -20.83
N ALA B 118 20.02 -13.04 -20.76
CA ALA B 118 20.69 -13.34 -19.50
C ALA B 118 20.75 -12.12 -18.57
N ALA B 119 20.39 -12.33 -17.30
CA ALA B 119 20.46 -11.25 -16.33
C ALA B 119 21.89 -10.74 -16.21
N GLY B 120 22.03 -9.42 -16.26
CA GLY B 120 23.29 -8.78 -15.94
C GLY B 120 24.31 -8.72 -17.06
N VAL B 121 24.24 -9.66 -18.02
CA VAL B 121 25.32 -9.81 -19.01
C VAL B 121 25.29 -8.65 -19.99
N THR B 122 26.42 -7.95 -20.14
CA THR B 122 26.48 -6.74 -20.94
C THR B 122 26.63 -7.02 -22.43
N ILE B 123 26.07 -6.12 -23.23
CA ILE B 123 26.29 -6.15 -24.68
C ILE B 123 27.78 -6.15 -24.99
N SER B 124 28.55 -5.36 -24.24
CA SER B 124 29.98 -5.27 -24.50
C SER B 124 30.65 -6.64 -24.39
N SER B 125 30.31 -7.40 -23.34
CA SER B 125 30.95 -8.69 -23.12
C SER B 125 30.59 -9.69 -24.21
N ILE B 126 29.34 -9.65 -24.68
CA ILE B 126 28.91 -10.54 -25.75
C ILE B 126 29.61 -10.19 -27.06
N GLU B 127 29.62 -8.91 -27.41
CA GLU B 127 30.24 -8.48 -28.66
C GLU B 127 31.73 -8.78 -28.65
N LYS B 128 32.38 -8.66 -27.48
CA LYS B 128 33.82 -8.93 -27.44
C LYS B 128 34.12 -10.39 -27.75
N LYS B 129 33.30 -11.31 -27.22
CA LYS B 129 33.49 -12.74 -27.49
C LYS B 129 33.25 -13.07 -28.95
N LEU B 130 32.12 -12.61 -29.49
CA LEU B 130 31.74 -12.97 -30.85
C LEU B 130 32.60 -12.26 -31.90
N SER B 131 33.10 -11.06 -31.60
CA SER B 131 33.89 -10.31 -32.57
C SER B 131 35.23 -10.99 -32.88
N ALA B 132 35.75 -11.80 -31.95
CA ALA B 132 36.97 -12.55 -32.22
C ALA B 132 36.81 -13.53 -33.39
N PHE B 133 35.57 -13.93 -33.70
CA PHE B 133 35.29 -14.86 -34.78
C PHE B 133 34.88 -14.19 -36.07
N ARG B 134 34.04 -13.16 -36.00
CA ARG B 134 33.51 -12.49 -37.18
C ARG B 134 33.20 -11.09 -36.70
N PRO B 135 33.70 -10.05 -37.36
CA PRO B 135 33.33 -8.69 -36.97
C PRO B 135 31.84 -8.44 -37.16
N ALA B 136 31.37 -7.36 -36.53
CA ALA B 136 30.01 -6.86 -36.63
C ALA B 136 28.90 -7.85 -36.22
N PRO B 137 29.00 -8.56 -35.11
CA PRO B 137 27.84 -9.36 -34.69
C PRO B 137 26.69 -8.45 -34.28
N ARG B 138 25.47 -8.83 -34.66
CA ARG B 138 24.27 -8.05 -34.37
C ARG B 138 23.69 -8.56 -33.05
N VAL B 139 23.84 -7.77 -31.99
CA VAL B 139 23.50 -8.19 -30.64
C VAL B 139 22.42 -7.28 -30.09
N ILE B 140 21.42 -7.88 -29.45
CA ILE B 140 20.41 -7.16 -28.70
C ILE B 140 20.33 -7.78 -27.32
N ARG B 141 20.29 -6.95 -26.29
CA ARG B 141 20.15 -7.41 -24.92
C ARG B 141 18.72 -7.12 -24.45
N CYS B 142 18.07 -8.10 -23.85
CA CYS B 142 16.73 -7.85 -23.34
C CYS B 142 16.61 -8.32 -21.89
N MET B 143 15.61 -7.77 -21.19
CA MET B 143 15.19 -8.27 -19.89
C MET B 143 13.67 -8.43 -19.94
N THR B 144 13.19 -9.61 -19.59
CA THR B 144 11.76 -9.87 -19.68
C THR B 144 11.34 -10.52 -18.36
N ASN B 145 10.21 -11.25 -18.35
CA ASN B 145 9.82 -11.96 -17.14
C ASN B 145 8.89 -13.10 -17.52
N THR B 146 8.65 -14.00 -16.57
CA THR B 146 7.90 -15.21 -16.89
C THR B 146 6.46 -14.97 -17.37
N PRO B 147 5.74 -13.88 -17.01
CA PRO B 147 4.38 -13.72 -17.54
C PRO B 147 4.27 -13.55 -19.06
N VAL B 148 5.37 -13.56 -19.81
CA VAL B 148 5.21 -13.69 -21.26
C VAL B 148 4.46 -14.99 -21.60
N VAL B 149 4.52 -15.98 -20.70
CA VAL B 149 3.81 -17.25 -20.94
C VAL B 149 2.30 -17.05 -21.03
N VAL B 150 1.77 -15.97 -20.45
CA VAL B 150 0.36 -15.62 -20.59
C VAL B 150 0.20 -14.32 -21.39
N ARG B 151 1.20 -13.99 -22.20
CA ARG B 151 1.24 -12.79 -23.04
C ARG B 151 1.01 -11.50 -22.25
N GLU B 152 1.49 -11.44 -21.00
CA GLU B 152 1.44 -10.21 -20.21
C GLU B 152 2.80 -9.92 -19.60
N GLY B 153 3.85 -10.17 -20.37
CA GLY B 153 5.19 -9.87 -19.91
C GLY B 153 5.49 -8.39 -19.87
N ALA B 154 6.61 -8.06 -19.22
CA ALA B 154 7.18 -6.73 -19.19
C ALA B 154 8.60 -6.84 -19.72
N THR B 155 8.85 -6.32 -20.92
CA THR B 155 10.13 -6.54 -21.61
C THR B 155 10.77 -5.20 -21.95
N VAL B 156 12.07 -5.08 -21.72
CA VAL B 156 12.84 -3.95 -22.24
C VAL B 156 13.99 -4.54 -23.04
N TYR B 157 14.51 -3.75 -23.98
CA TYR B 157 15.64 -4.23 -24.78
C TYR B 157 16.55 -3.06 -25.14
N ALA B 158 17.82 -3.40 -25.39
CA ALA B 158 18.81 -2.42 -25.80
C ALA B 158 19.60 -2.97 -26.99
N THR B 159 19.81 -2.12 -28.01
CA THR B 159 20.47 -2.53 -29.25
C THR B 159 21.98 -2.35 -29.16
N GLY B 160 22.71 -3.31 -29.73
CA GLY B 160 24.15 -3.31 -29.66
C GLY B 160 24.78 -2.45 -30.74
N THR B 161 26.11 -2.53 -30.82
CA THR B 161 26.88 -1.64 -31.69
C THR B 161 26.51 -1.82 -33.16
N HIS B 162 26.35 -3.06 -33.60
CA HIS B 162 26.16 -3.37 -35.02
C HIS B 162 24.73 -3.79 -35.35
N ALA B 163 23.81 -3.72 -34.38
CA ALA B 163 22.41 -3.95 -34.69
C ALA B 163 21.90 -2.85 -35.62
N GLN B 164 21.21 -3.25 -36.68
CA GLN B 164 20.61 -2.28 -37.57
C GLN B 164 19.27 -1.79 -36.99
N VAL B 165 18.79 -0.66 -37.51
CA VAL B 165 17.55 -0.09 -36.98
C VAL B 165 16.39 -1.07 -37.15
N GLU B 166 16.38 -1.81 -38.27
CA GLU B 166 15.34 -2.83 -38.46
C GLU B 166 15.45 -3.99 -37.47
N ASP B 167 16.64 -4.25 -36.93
CA ASP B 167 16.77 -5.33 -35.95
C ASP B 167 16.00 -5.01 -34.67
N GLY B 168 16.10 -3.77 -34.17
CA GLY B 168 15.38 -3.41 -32.96
C GLY B 168 13.87 -3.31 -33.19
N ARG B 169 13.48 -2.78 -34.35
CA ARG B 169 12.06 -2.73 -34.69
C ARG B 169 11.48 -4.12 -34.80
N LEU B 170 12.22 -5.03 -35.43
CA LEU B 170 11.77 -6.42 -35.56
C LEU B 170 11.65 -7.08 -34.19
N MET B 171 12.64 -6.89 -33.32
CA MET B 171 12.55 -7.50 -32.00
C MET B 171 11.44 -6.88 -31.18
N GLU B 172 11.20 -5.57 -31.31
CA GLU B 172 10.09 -4.98 -30.58
C GLU B 172 8.76 -5.51 -31.08
N GLN B 173 8.63 -5.75 -32.39
CA GLN B 173 7.41 -6.37 -32.89
C GLN B 173 7.23 -7.77 -32.30
N LEU B 174 8.28 -8.58 -32.35
CA LEU B 174 8.20 -9.93 -31.82
C LEU B 174 7.86 -9.93 -30.33
N LEU B 175 8.59 -9.15 -29.54
CA LEU B 175 8.38 -9.19 -28.10
C LEU B 175 7.13 -8.42 -27.67
N SER B 176 6.62 -7.50 -28.49
CA SER B 176 5.35 -6.88 -28.14
C SER B 176 4.18 -7.84 -28.25
N SER B 177 4.36 -8.99 -28.92
CA SER B 177 3.25 -9.94 -29.03
C SER B 177 3.03 -10.75 -27.77
N VAL B 178 3.90 -10.62 -26.76
CA VAL B 178 3.76 -11.37 -25.51
C VAL B 178 3.77 -10.45 -24.29
N GLY B 179 3.55 -9.15 -24.50
CA GLY B 179 3.41 -8.24 -23.39
C GLY B 179 3.90 -6.85 -23.73
N PHE B 180 4.13 -6.07 -22.69
CA PHE B 180 4.69 -4.73 -22.87
C PHE B 180 6.13 -4.86 -23.35
N CYS B 181 6.51 -4.02 -24.32
CA CYS B 181 7.91 -4.00 -24.75
C CYS B 181 8.29 -2.57 -25.12
N THR B 182 9.43 -2.09 -24.60
CA THR B 182 9.97 -0.81 -25.05
C THR B 182 11.50 -0.87 -25.10
N GLU B 183 12.08 0.00 -25.92
CA GLU B 183 13.55 0.13 -25.98
C GLU B 183 14.04 0.99 -24.82
N VAL B 184 15.20 0.61 -24.25
CA VAL B 184 15.86 1.42 -23.23
C VAL B 184 17.35 1.54 -23.54
N GLU B 185 17.98 2.53 -22.91
CA GLU B 185 19.44 2.54 -22.78
C GLU B 185 19.88 1.35 -21.92
N GLU B 186 21.01 0.74 -22.28
CA GLU B 186 21.43 -0.46 -21.58
C GLU B 186 21.65 -0.22 -20.09
N ASP B 187 22.07 0.98 -19.71
CA ASP B 187 22.37 1.19 -18.29
C ASP B 187 21.12 1.21 -17.40
N LEU B 188 19.92 1.11 -17.97
CA LEU B 188 18.73 0.92 -17.16
C LEU B 188 18.38 -0.54 -16.90
N ILE B 189 19.04 -1.49 -17.58
CA ILE B 189 18.48 -2.83 -17.59
C ILE B 189 18.67 -3.54 -16.24
N ASP B 190 19.76 -3.27 -15.52
CA ASP B 190 19.93 -3.91 -14.22
C ASP B 190 18.86 -3.43 -13.23
N ALA B 191 18.47 -2.15 -13.30
CA ALA B 191 17.36 -1.68 -12.46
C ALA B 191 16.03 -2.29 -12.89
N VAL B 192 15.79 -2.42 -14.21
CA VAL B 192 14.56 -3.09 -14.65
C VAL B 192 14.52 -4.52 -14.14
N THR B 193 15.66 -5.20 -14.19
CA THR B 193 15.75 -6.56 -13.66
C THR B 193 15.21 -6.63 -12.24
N GLY B 194 15.62 -5.67 -11.40
CA GLY B 194 15.20 -5.65 -10.00
C GLY B 194 13.74 -5.32 -9.79
N LEU B 195 13.11 -4.62 -10.76
CA LEU B 195 11.70 -4.27 -10.64
C LEU B 195 10.81 -5.30 -11.31
N SER B 196 10.82 -5.35 -12.66
CA SER B 196 9.90 -6.25 -13.35
C SER B 196 10.46 -7.64 -13.62
N GLY B 197 11.78 -7.79 -13.65
CA GLY B 197 12.34 -9.15 -13.77
C GLY B 197 12.07 -10.00 -12.54
N SER B 198 12.45 -9.49 -11.36
CA SER B 198 12.19 -10.15 -10.10
C SER B 198 10.74 -9.94 -9.61
N GLY B 199 10.05 -8.92 -10.14
CA GLY B 199 8.74 -8.56 -9.63
C GLY B 199 7.69 -9.66 -9.50
N PRO B 200 7.57 -10.57 -10.46
CA PRO B 200 6.58 -11.63 -10.29
C PRO B 200 6.79 -12.45 -9.02
N ALA B 201 8.05 -12.67 -8.60
CA ALA B 201 8.33 -13.35 -7.34
C ALA B 201 7.81 -12.58 -6.12
N TYR B 202 8.01 -11.24 -6.10
CA TYR B 202 7.39 -10.41 -5.08
C TYR B 202 5.88 -10.62 -5.05
N ALA B 203 5.25 -10.62 -6.23
CA ALA B 203 3.80 -10.78 -6.29
C ALA B 203 3.35 -12.16 -5.81
N PHE B 204 4.08 -13.23 -6.18
CA PHE B 204 3.68 -14.57 -5.74
C PHE B 204 3.78 -14.68 -4.22
N THR B 205 4.83 -14.07 -3.64
CA THR B 205 4.98 -14.01 -2.18
C THR B 205 3.82 -13.27 -1.54
N ALA B 206 3.47 -12.09 -2.08
CA ALA B 206 2.36 -11.31 -1.55
C ALA B 206 1.03 -12.07 -1.63
N LEU B 207 0.81 -12.79 -2.73
CA LEU B 207 -0.46 -13.50 -2.92
C LEU B 207 -0.57 -14.70 -1.97
N ASP B 208 0.54 -15.40 -1.75
CA ASP B 208 0.58 -16.47 -0.75
C ASP B 208 0.17 -15.91 0.62
N ALA B 209 0.75 -14.77 1.00
CA ALA B 209 0.47 -14.16 2.30
C ALA B 209 -0.95 -13.60 2.39
N LEU B 210 -1.44 -12.95 1.32
CA LEU B 210 -2.81 -12.47 1.35
C LEU B 210 -3.79 -13.63 1.50
N ALA B 211 -3.50 -14.74 0.82
CA ALA B 211 -4.36 -15.93 0.95
C ALA B 211 -4.31 -16.47 2.38
N ASP B 212 -3.12 -16.51 2.98
CA ASP B 212 -3.01 -16.87 4.39
C ASP B 212 -3.91 -15.98 5.26
N GLY B 213 -3.91 -14.67 4.96
CA GLY B 213 -4.79 -13.76 5.68
C GLY B 213 -6.26 -14.10 5.48
N GLY B 214 -6.64 -14.37 4.23
CA GLY B 214 -8.01 -14.80 3.98
C GLY B 214 -8.39 -16.03 4.78
N VAL B 215 -7.50 -17.03 4.80
CA VAL B 215 -7.74 -18.27 5.54
C VAL B 215 -7.83 -18.01 7.04
N LYS B 216 -6.98 -17.12 7.58
CA LYS B 216 -7.07 -16.81 9.00
C LYS B 216 -8.45 -16.26 9.37
N MET B 217 -9.03 -15.45 8.49
CA MET B 217 -10.31 -14.83 8.75
C MET B 217 -11.51 -15.68 8.32
N GLY B 218 -11.29 -16.92 7.88
CA GLY B 218 -12.37 -17.88 7.68
C GLY B 218 -12.61 -18.32 6.25
N LEU B 219 -11.82 -17.87 5.27
CA LEU B 219 -12.07 -18.26 3.87
C LEU B 219 -11.39 -19.59 3.54
N PRO B 220 -12.01 -20.41 2.70
CA PRO B 220 -11.29 -21.56 2.12
C PRO B 220 -10.11 -21.09 1.30
N ARG B 221 -9.04 -21.89 1.33
CA ARG B 221 -7.79 -21.50 0.69
CA ARG B 221 -7.79 -21.53 0.68
C ARG B 221 -7.98 -21.26 -0.82
N ARG B 222 -8.72 -22.14 -1.50
CA ARG B 222 -8.92 -21.99 -2.94
C ARG B 222 -9.57 -20.65 -3.26
N LEU B 223 -10.62 -20.29 -2.52
CA LEU B 223 -11.29 -19.01 -2.76
C LEU B 223 -10.39 -17.83 -2.41
N ALA B 224 -9.63 -17.93 -1.31
CA ALA B 224 -8.74 -16.84 -0.92
C ALA B 224 -7.70 -16.59 -2.00
N VAL B 225 -7.15 -17.66 -2.58
CA VAL B 225 -6.13 -17.53 -3.62
C VAL B 225 -6.72 -16.84 -4.85
N ARG B 226 -7.92 -17.28 -5.26
CA ARG B 226 -8.59 -16.74 -6.44
C ARG B 226 -8.90 -15.26 -6.26
N LEU B 227 -9.47 -14.90 -5.09
CA LEU B 227 -9.85 -13.50 -4.83
C LEU B 227 -8.64 -12.59 -4.71
N GLY B 228 -7.58 -13.05 -4.02
CA GLY B 228 -6.39 -12.24 -3.88
C GLY B 228 -5.72 -11.97 -5.23
N ALA B 229 -5.61 -13.02 -6.05
CA ALA B 229 -5.02 -12.86 -7.38
C ALA B 229 -5.90 -11.97 -8.25
N GLN B 230 -7.23 -12.12 -8.16
CA GLN B 230 -8.10 -11.26 -8.95
C GLN B 230 -8.03 -9.80 -8.49
N ALA B 231 -7.85 -9.57 -7.19
CA ALA B 231 -7.76 -8.20 -6.70
C ALA B 231 -6.49 -7.54 -7.21
N LEU B 232 -5.37 -8.26 -7.18
CA LEU B 232 -4.11 -7.70 -7.66
C LEU B 232 -4.14 -7.46 -9.16
N LEU B 233 -4.69 -8.42 -9.92
CA LEU B 233 -4.81 -8.22 -11.36
C LEU B 233 -5.65 -7.00 -11.69
N GLY B 234 -6.83 -6.90 -11.07
CA GLY B 234 -7.71 -5.77 -11.35
C GLY B 234 -7.07 -4.43 -10.99
N ALA B 235 -6.39 -4.36 -9.86
CA ALA B 235 -5.78 -3.11 -9.44
C ALA B 235 -4.67 -2.71 -10.39
N ALA B 236 -3.85 -3.67 -10.81
CA ALA B 236 -2.79 -3.39 -11.78
C ALA B 236 -3.39 -2.88 -13.07
N LYS B 237 -4.46 -3.53 -13.54
CA LYS B 237 -5.11 -3.08 -14.77
C LYS B 237 -5.70 -1.68 -14.59
N MET B 238 -6.31 -1.39 -13.45
CA MET B 238 -6.84 -0.05 -13.23
C MET B 238 -5.75 1.01 -13.36
N LEU B 239 -4.59 0.76 -12.76
CA LEU B 239 -3.51 1.75 -12.81
C LEU B 239 -2.98 1.91 -14.24
N LEU B 240 -2.81 0.80 -14.97
CA LEU B 240 -2.33 0.88 -16.35
C LEU B 240 -3.27 1.66 -17.24
N HIS B 241 -4.59 1.59 -16.97
CA HIS B 241 -5.58 2.27 -17.78
C HIS B 241 -5.98 3.64 -17.23
N SER B 242 -5.45 4.05 -16.08
CA SER B 242 -5.81 5.31 -15.47
C SER B 242 -4.69 6.34 -15.61
N GLU B 243 -5.07 7.60 -15.76
CA GLU B 243 -4.13 8.70 -15.73
C GLU B 243 -3.83 9.17 -14.30
N GLN B 244 -4.46 8.56 -13.30
CA GLN B 244 -4.35 9.01 -11.92
C GLN B 244 -3.13 8.39 -11.26
N HIS B 245 -2.64 9.09 -10.25
CA HIS B 245 -1.53 8.57 -9.46
C HIS B 245 -2.01 7.39 -8.61
N PRO B 246 -1.16 6.37 -8.39
CA PRO B 246 -1.56 5.25 -7.51
C PRO B 246 -2.10 5.71 -6.15
N GLY B 247 -1.62 6.83 -5.62
CA GLY B 247 -2.18 7.35 -4.38
C GLY B 247 -3.61 7.85 -4.50
N GLN B 248 -3.98 8.43 -5.65
CA GLN B 248 -5.36 8.85 -5.84
C GLN B 248 -6.28 7.63 -5.94
N LEU B 249 -5.86 6.59 -6.67
CA LEU B 249 -6.69 5.40 -6.76
C LEU B 249 -6.85 4.77 -5.38
N LYS B 250 -5.80 4.83 -4.57
CA LYS B 250 -5.89 4.35 -3.20
C LYS B 250 -6.92 5.16 -2.41
N ASP B 251 -6.92 6.48 -2.57
CA ASP B 251 -7.87 7.33 -1.88
C ASP B 251 -9.32 7.00 -2.24
N ASN B 252 -9.57 6.59 -3.50
CA ASN B 252 -10.92 6.26 -3.93
C ASN B 252 -11.49 5.02 -3.25
N VAL B 253 -10.62 4.10 -2.79
CA VAL B 253 -11.10 2.89 -2.12
C VAL B 253 -11.52 3.20 -0.69
N SER B 254 -10.69 3.95 0.05
CA SER B 254 -10.87 4.06 1.49
C SER B 254 -12.03 4.99 1.84
N SER B 255 -13.07 4.44 2.53
CA SER B 255 -14.09 5.23 3.20
C SER B 255 -13.54 5.80 4.51
N PRO B 256 -13.86 7.05 4.84
CA PRO B 256 -13.44 7.61 6.13
C PRO B 256 -13.83 6.71 7.29
N GLY B 257 -12.88 6.51 8.20
CA GLY B 257 -13.10 5.62 9.32
C GLY B 257 -13.24 4.15 8.98
N GLY B 258 -13.07 3.76 7.72
CA GLY B 258 -13.48 2.45 7.25
C GLY B 258 -12.42 1.35 7.40
N ALA B 259 -12.77 0.18 6.87
CA ALA B 259 -11.92 -1.01 7.01
C ALA B 259 -10.60 -0.85 6.23
N THR B 260 -10.67 -0.24 5.07
CA THR B 260 -9.48 -0.19 4.21
C THR B 260 -8.41 0.71 4.82
N ILE B 261 -8.80 1.87 5.36
CA ILE B 261 -7.81 2.78 5.94
C ILE B 261 -7.26 2.21 7.24
N HIS B 262 -8.06 1.42 7.99
CA HIS B 262 -7.51 0.70 9.13
C HIS B 262 -6.44 -0.30 8.67
N ALA B 263 -6.69 -0.99 7.57
CA ALA B 263 -5.73 -1.96 7.05
C ALA B 263 -4.50 -1.26 6.50
N LEU B 264 -4.68 -0.13 5.80
CA LEU B 264 -3.51 0.61 5.30
C LEU B 264 -2.62 1.08 6.45
N HIS B 265 -3.21 1.46 7.59
CA HIS B 265 -2.40 1.91 8.72
C HIS B 265 -1.48 0.79 9.21
N VAL B 266 -1.99 -0.45 9.30
CA VAL B 266 -1.11 -1.51 9.80
C VAL B 266 -0.02 -1.85 8.80
N LEU B 267 -0.27 -1.73 7.49
CA LEU B 267 0.84 -1.87 6.52
C LEU B 267 1.90 -0.79 6.74
N GLU B 268 1.47 0.47 6.93
CA GLU B 268 2.43 1.55 7.13
C GLU B 268 3.23 1.36 8.40
N SER B 269 2.57 0.87 9.46
CA SER B 269 3.26 0.68 10.74
C SER B 269 4.38 -0.34 10.63
N GLY B 270 4.27 -1.27 9.68
CA GLY B 270 5.34 -2.23 9.46
C GLY B 270 6.38 -1.82 8.45
N GLY B 271 6.30 -0.60 7.91
CA GLY B 271 7.22 -0.18 6.86
C GLY B 271 7.05 -0.92 5.55
N PHE B 272 5.81 -1.34 5.23
CA PHE B 272 5.49 -2.08 4.00
C PHE B 272 6.17 -1.49 2.76
N ARG B 273 5.99 -0.16 2.54
CA ARG B 273 6.60 0.52 1.41
C ARG B 273 8.11 0.32 1.38
N SER B 274 8.76 0.49 2.54
CA SER B 274 10.21 0.36 2.59
C SER B 274 10.68 -1.04 2.20
N LEU B 275 9.89 -2.07 2.50
CA LEU B 275 10.31 -3.44 2.16
C LEU B 275 10.37 -3.65 0.65
N LEU B 276 9.39 -3.11 -0.08
CA LEU B 276 9.40 -3.24 -1.53
C LEU B 276 10.54 -2.43 -2.14
N ILE B 277 10.80 -1.23 -1.61
CA ILE B 277 11.98 -0.49 -2.06
C ILE B 277 13.24 -1.32 -1.82
N ASN B 278 13.37 -1.86 -0.59
CA ASN B 278 14.49 -2.74 -0.25
C ASN B 278 14.67 -3.86 -1.27
N ALA B 279 13.57 -4.46 -1.71
CA ALA B 279 13.63 -5.61 -2.62
C ALA B 279 14.17 -5.20 -3.99
N VAL B 280 13.59 -4.15 -4.58
CA VAL B 280 14.05 -3.69 -5.88
C VAL B 280 15.54 -3.35 -5.81
N GLU B 281 15.95 -2.64 -4.75
CA GLU B 281 17.36 -2.29 -4.59
C GLU B 281 18.23 -3.54 -4.47
N ALA B 282 17.80 -4.50 -3.66
CA ALA B 282 18.61 -5.70 -3.41
C ALA B 282 18.79 -6.52 -4.69
N SER B 283 17.74 -6.61 -5.51
CA SER B 283 17.86 -7.37 -6.77
C SER B 283 18.78 -6.65 -7.76
N CYS B 284 18.59 -5.34 -7.93
CA CYS B 284 19.46 -4.55 -8.79
C CYS B 284 20.91 -4.65 -8.36
N ILE B 285 21.19 -4.43 -7.06
CA ILE B 285 22.56 -4.49 -6.58
C ILE B 285 23.17 -5.87 -6.81
N ARG B 286 22.44 -6.93 -6.47
CA ARG B 286 22.97 -8.28 -6.70
C ARG B 286 23.25 -8.50 -8.18
N THR B 287 22.36 -8.00 -9.06
CA THR B 287 22.57 -8.13 -10.50
C THR B 287 23.87 -7.45 -10.91
N ARG B 288 24.15 -6.25 -10.37
CA ARG B 288 25.39 -5.54 -10.68
C ARG B 288 26.60 -6.28 -10.13
N GLU B 289 26.47 -6.79 -8.89
CA GLU B 289 27.57 -7.51 -8.23
C GLU B 289 27.96 -8.74 -9.03
N LEU B 290 26.98 -9.51 -9.50
CA LEU B 290 27.26 -10.73 -10.24
C LEU B 290 28.01 -10.44 -11.53
N GLN B 291 27.56 -9.41 -12.28
CA GLN B 291 28.28 -9.06 -13.51
C GLN B 291 29.70 -8.59 -13.22
N SER B 292 29.91 -7.86 -12.12
CA SER B 292 31.26 -7.45 -11.78
C SER B 292 32.17 -8.65 -11.52
N MET B 293 31.62 -9.72 -10.93
CA MET B 293 32.40 -10.95 -10.75
C MET B 293 32.69 -11.61 -12.08
N ALA B 294 31.70 -11.63 -12.98
CA ALA B 294 31.91 -12.20 -14.31
C ALA B 294 33.03 -11.48 -15.04
N ASP B 295 33.02 -10.15 -15.03
CA ASP B 295 34.01 -9.39 -15.78
C ASP B 295 35.36 -9.33 -15.08
N GLN B 296 35.41 -9.59 -13.77
CA GLN B 296 36.70 -9.84 -13.14
C GLN B 296 37.31 -11.14 -13.64
N GLU B 297 36.48 -12.14 -13.92
CA GLU B 297 36.95 -13.42 -14.47
C GLU B 297 37.46 -13.26 -15.91
N GLN C 21 -17.86 48.46 11.46
CA GLN C 21 -18.70 47.30 11.22
C GLN C 21 -19.82 47.25 12.24
N SER C 22 -19.73 48.12 13.24
CA SER C 22 -20.63 48.17 14.39
C SER C 22 -20.62 46.88 15.21
N MET C 23 -19.67 45.99 14.95
CA MET C 23 -19.64 44.68 15.59
C MET C 23 -18.72 44.73 16.80
N SER C 24 -19.22 44.22 17.93
CA SER C 24 -18.47 44.12 19.17
C SER C 24 -18.17 42.66 19.45
N VAL C 25 -16.89 42.34 19.65
CA VAL C 25 -16.44 40.98 19.92
C VAL C 25 -15.93 40.90 21.35
N GLY C 26 -16.25 39.82 22.03
CA GLY C 26 -15.76 39.59 23.36
C GLY C 26 -15.09 38.22 23.46
N PHE C 27 -14.14 38.12 24.39
CA PHE C 27 -13.43 36.88 24.68
C PHE C 27 -13.55 36.58 26.17
N ILE C 28 -14.15 35.43 26.51
CA ILE C 28 -14.05 34.87 27.84
C ILE C 28 -12.80 34.00 27.86
N GLY C 29 -11.80 34.40 28.65
CA GLY C 29 -10.50 33.79 28.60
C GLY C 29 -9.55 34.65 27.82
N ALA C 30 -8.45 35.11 28.43
CA ALA C 30 -7.53 35.99 27.73
C ALA C 30 -6.16 35.34 27.58
N GLY C 31 -6.13 34.16 26.98
CA GLY C 31 -4.91 33.39 26.83
C GLY C 31 -4.40 33.34 25.40
N GLN C 32 -3.72 32.24 25.06
CA GLN C 32 -3.07 32.11 23.75
C GLN C 32 -4.07 32.32 22.61
N LEU C 33 -5.20 31.61 22.66
CA LEU C 33 -6.13 31.69 21.54
C LEU C 33 -6.75 33.07 21.42
N ALA C 34 -7.20 33.66 22.53
CA ALA C 34 -7.78 35.00 22.47
C ALA C 34 -6.81 35.99 21.85
N PHE C 35 -5.53 35.92 22.25
CA PHE C 35 -4.54 36.81 21.64
C PHE C 35 -4.38 36.52 20.15
N ALA C 36 -4.23 35.24 19.80
CA ALA C 36 -4.02 34.89 18.40
C ALA C 36 -5.17 35.38 17.51
N LEU C 37 -6.42 35.18 17.97
CA LEU C 37 -7.56 35.62 17.17
C LEU C 37 -7.66 37.14 17.10
N ALA C 38 -7.46 37.82 18.23
CA ALA C 38 -7.57 39.28 18.22
C ALA C 38 -6.44 39.89 17.40
N LYS C 39 -5.25 39.33 17.50
CA LYS C 39 -4.15 39.81 16.65
C LYS C 39 -4.50 39.60 15.18
N GLY C 40 -5.04 38.42 14.85
CA GLY C 40 -5.40 38.15 13.47
C GLY C 40 -6.51 39.05 12.96
N PHE C 41 -7.60 39.15 13.74
CA PHE C 41 -8.72 40.01 13.37
C PHE C 41 -8.27 41.43 13.12
N THR C 42 -7.45 41.98 14.02
CA THR C 42 -7.10 43.39 13.85
C THR C 42 -6.12 43.56 12.70
N ALA C 43 -5.20 42.61 12.53
CA ALA C 43 -4.29 42.70 11.40
C ALA C 43 -5.04 42.61 10.08
N ALA C 44 -6.08 41.79 10.02
CA ALA C 44 -6.91 41.70 8.83
C ALA C 44 -7.71 42.97 8.59
N GLY C 45 -7.82 43.84 9.59
CA GLY C 45 -8.61 45.04 9.45
C GLY C 45 -10.10 44.82 9.52
N VAL C 46 -10.55 43.65 9.98
CA VAL C 46 -11.99 43.41 10.10
C VAL C 46 -12.57 43.87 11.43
N LEU C 47 -11.74 44.05 12.45
CA LEU C 47 -12.15 44.55 13.76
C LEU C 47 -11.18 45.61 14.22
N ALA C 48 -11.70 46.67 14.83
CA ALA C 48 -10.87 47.61 15.56
C ALA C 48 -10.56 47.05 16.93
N ALA C 49 -9.31 47.21 17.37
CA ALA C 49 -8.92 46.64 18.66
C ALA C 49 -9.76 47.17 19.81
N HIS C 50 -10.19 48.44 19.75
CA HIS C 50 -10.96 48.97 20.86
C HIS C 50 -12.38 48.44 20.92
N LYS C 51 -12.86 47.77 19.87
CA LYS C 51 -14.18 47.14 19.90
C LYS C 51 -14.12 45.71 20.42
N ILE C 52 -12.97 45.31 20.96
CA ILE C 52 -12.73 43.96 21.45
C ILE C 52 -12.53 44.04 22.96
N MET C 53 -13.19 43.15 23.70
CA MET C 53 -12.99 43.05 25.14
C MET C 53 -12.61 41.61 25.47
N ALA C 54 -11.76 41.45 26.49
CA ALA C 54 -11.33 40.13 26.91
C ALA C 54 -11.24 40.10 28.43
N SER C 55 -11.64 38.98 29.04
CA SER C 55 -11.67 38.88 30.49
C SER C 55 -10.87 37.66 30.95
N SER C 56 -10.28 37.81 32.14
CA SER C 56 -9.48 36.78 32.78
C SER C 56 -9.39 37.09 34.26
N PRO C 57 -9.39 36.09 35.13
CA PRO C 57 -9.27 36.38 36.58
C PRO C 57 -7.91 36.91 36.96
N ASP C 58 -6.86 36.59 36.21
CA ASP C 58 -5.50 37.07 36.47
C ASP C 58 -5.17 38.15 35.44
N MET C 59 -5.39 39.42 35.83
CA MET C 59 -5.16 40.55 34.94
C MET C 59 -3.67 40.85 34.75
N ASP C 60 -2.79 39.90 35.07
CA ASP C 60 -1.35 40.14 34.96
C ASP C 60 -0.64 39.03 34.20
N LEU C 61 -1.37 38.26 33.39
CA LEU C 61 -0.72 37.28 32.54
C LEU C 61 -0.02 37.97 31.37
N ALA C 62 0.89 37.24 30.73
CA ALA C 62 1.63 37.80 29.61
C ALA C 62 0.72 38.01 28.40
N THR C 63 -0.16 37.05 28.11
CA THR C 63 -1.17 37.26 27.07
C THR C 63 -2.05 38.46 27.39
N VAL C 64 -2.36 38.68 28.67
CA VAL C 64 -3.12 39.84 29.07
C VAL C 64 -2.36 41.12 28.73
N SER C 65 -1.06 41.15 29.03
CA SER C 65 -0.26 42.33 28.70
C SER C 65 -0.17 42.51 27.19
N ALA C 66 -0.05 41.42 26.45
CA ALA C 66 0.03 41.51 24.99
C ALA C 66 -1.27 42.05 24.41
N LEU C 67 -2.41 41.57 24.91
CA LEU C 67 -3.70 42.11 24.47
C LEU C 67 -3.82 43.60 24.78
N ARG C 68 -3.37 44.01 25.97
CA ARG C 68 -3.45 45.42 26.35
C ARG C 68 -2.59 46.29 25.44
N LYS C 69 -1.38 45.83 25.12
CA LYS C 69 -0.51 46.58 24.22
C LYS C 69 -1.11 46.73 22.82
N MET C 70 -2.01 45.82 22.43
CA MET C 70 -2.67 45.86 21.14
C MET C 70 -3.83 46.86 21.10
N GLY C 71 -4.35 47.27 22.26
CA GLY C 71 -5.50 48.15 22.31
C GLY C 71 -6.79 47.50 22.76
N VAL C 72 -6.75 46.23 23.16
CA VAL C 72 -7.95 45.49 23.55
C VAL C 72 -8.37 45.94 24.95
N LYS C 73 -9.69 46.03 25.17
CA LYS C 73 -10.23 46.30 26.50
C LYS C 73 -10.17 45.05 27.36
N LEU C 74 -9.61 45.18 28.55
CA LEU C 74 -9.48 44.05 29.47
C LEU C 74 -10.21 44.33 30.77
N THR C 75 -10.69 43.27 31.40
CA THR C 75 -11.49 43.35 32.62
C THR C 75 -11.44 42.00 33.30
N PRO C 76 -11.54 41.95 34.63
CA PRO C 76 -11.60 40.65 35.31
C PRO C 76 -12.98 40.03 35.33
N HIS C 77 -14.02 40.77 34.95
CA HIS C 77 -15.40 40.36 35.14
C HIS C 77 -15.97 39.82 33.82
N ASN C 78 -16.22 38.51 33.78
CA ASN C 78 -16.80 37.92 32.58
C ASN C 78 -18.14 38.56 32.23
N LYS C 79 -18.89 39.05 33.22
CA LYS C 79 -20.16 39.72 32.93
C LYS C 79 -19.92 40.98 32.10
N GLU C 80 -18.83 41.70 32.37
CA GLU C 80 -18.48 42.88 31.59
C GLU C 80 -18.33 42.54 30.11
N THR C 81 -17.61 41.45 29.83
CA THR C 81 -17.43 41.01 28.44
C THR C 81 -18.76 40.67 27.77
N VAL C 82 -19.63 39.95 28.47
CA VAL C 82 -20.93 39.57 27.88
C VAL C 82 -21.73 40.82 27.55
N GLN C 83 -21.80 41.78 28.49
CA GLN C 83 -22.57 42.99 28.24
C GLN C 83 -21.96 43.84 27.13
N HIS C 84 -20.66 43.70 26.87
CA HIS C 84 -19.98 44.48 25.84
C HIS C 84 -20.26 43.97 24.43
N SER C 85 -20.36 42.67 24.24
CA SER C 85 -20.20 42.14 22.88
C SER C 85 -21.50 41.55 22.32
N ASP C 86 -21.48 41.41 20.99
CA ASP C 86 -22.50 40.71 20.21
C ASP C 86 -22.07 39.29 19.87
N VAL C 87 -20.84 39.13 19.38
CA VAL C 87 -20.23 37.83 19.17
C VAL C 87 -19.33 37.55 20.37
N LEU C 88 -19.60 36.45 21.06
CA LEU C 88 -18.90 36.10 22.30
C LEU C 88 -18.12 34.80 22.08
N PHE C 89 -16.79 34.90 22.10
CA PHE C 89 -15.95 33.71 22.01
C PHE C 89 -15.68 33.14 23.39
N LEU C 90 -15.87 31.83 23.53
CA LEU C 90 -15.47 31.11 24.73
C LEU C 90 -14.06 30.57 24.49
N ALA C 91 -13.07 31.19 25.14
CA ALA C 91 -11.67 30.82 24.95
C ALA C 91 -11.01 30.42 26.28
N VAL C 92 -11.72 29.62 27.06
CA VAL C 92 -11.19 29.06 28.29
C VAL C 92 -10.91 27.59 28.05
N LYS C 93 -10.11 26.99 28.94
CA LYS C 93 -9.84 25.57 28.82
C LYS C 93 -11.14 24.78 28.95
N PRO C 94 -11.21 23.59 28.34
CA PRO C 94 -12.50 22.90 28.23
C PRO C 94 -13.18 22.61 29.57
N HIS C 95 -12.40 22.27 30.61
CA HIS C 95 -13.03 21.99 31.90
C HIS C 95 -13.59 23.25 32.55
N ILE C 96 -13.17 24.44 32.11
CA ILE C 96 -13.72 25.67 32.65
C ILE C 96 -15.04 26.05 31.99
N ILE C 97 -15.33 25.53 30.78
CA ILE C 97 -16.56 25.92 30.07
C ILE C 97 -17.81 25.81 30.95
N PRO C 98 -18.07 24.69 31.63
CA PRO C 98 -19.32 24.61 32.44
C PRO C 98 -19.38 25.68 33.51
N PHE C 99 -18.26 25.96 34.16
CA PHE C 99 -18.22 27.02 35.16
C PHE C 99 -18.62 28.36 34.57
N ILE C 100 -18.11 28.66 33.38
CA ILE C 100 -18.36 29.94 32.73
C ILE C 100 -19.83 30.05 32.33
N LEU C 101 -20.40 28.97 31.80
CA LEU C 101 -21.79 29.00 31.35
C LEU C 101 -22.74 29.22 32.51
N ASP C 102 -22.43 28.66 33.69
CA ASP C 102 -23.25 28.94 34.87
C ASP C 102 -23.09 30.38 35.34
N GLU C 103 -21.89 30.95 35.19
CA GLU C 103 -21.66 32.31 35.66
C GLU C 103 -22.44 33.32 34.83
N ILE C 104 -22.43 33.19 33.50
CA ILE C 104 -22.97 34.22 32.63
C ILE C 104 -24.23 33.76 31.89
N GLY C 105 -24.77 32.59 32.23
CA GLY C 105 -25.96 32.11 31.53
C GLY C 105 -27.12 33.07 31.61
N ALA C 106 -27.32 33.69 32.78
CA ALA C 106 -28.43 34.62 32.98
C ALA C 106 -28.25 35.94 32.23
N ASP C 107 -27.04 36.23 31.76
CA ASP C 107 -26.75 37.47 31.06
C ASP C 107 -26.84 37.36 29.54
N ILE C 108 -27.04 36.15 29.00
CA ILE C 108 -27.12 35.99 27.54
C ILE C 108 -28.43 36.59 27.04
N GLU C 109 -28.33 37.48 26.05
CA GLU C 109 -29.49 38.11 25.45
C GLU C 109 -29.80 37.46 24.11
N ASP C 110 -30.92 37.86 23.52
CA ASP C 110 -31.28 37.38 22.20
C ASP C 110 -30.23 37.74 21.16
N ARG C 111 -29.51 38.84 21.38
CA ARG C 111 -28.59 39.34 20.38
C ARG C 111 -27.31 38.52 20.27
N HIS C 112 -26.99 37.72 21.28
CA HIS C 112 -25.66 37.11 21.36
C HIS C 112 -25.50 35.93 20.42
N ILE C 113 -24.31 35.81 19.84
CA ILE C 113 -23.85 34.56 19.22
C ILE C 113 -22.70 34.05 20.08
N VAL C 114 -22.88 32.88 20.68
CA VAL C 114 -21.86 32.29 21.54
C VAL C 114 -21.07 31.31 20.69
N VAL C 115 -19.76 31.57 20.56
CA VAL C 115 -18.86 30.76 19.75
C VAL C 115 -17.90 30.05 20.70
N SER C 116 -18.10 28.76 20.89
CA SER C 116 -17.19 27.97 21.72
C SER C 116 -15.99 27.54 20.88
N CYS C 117 -14.79 27.87 21.34
CA CYS C 117 -13.58 27.37 20.71
C CYS C 117 -13.00 26.16 21.43
N ALA C 118 -13.64 25.72 22.49
CA ALA C 118 -13.02 24.77 23.40
C ALA C 118 -12.92 23.37 22.77
N ALA C 119 -11.74 22.77 22.86
CA ALA C 119 -11.56 21.42 22.34
C ALA C 119 -12.52 20.46 23.02
N GLY C 120 -13.22 19.65 22.22
CA GLY C 120 -14.03 18.56 22.71
C GLY C 120 -15.45 18.92 23.12
N VAL C 121 -15.69 20.16 23.56
CA VAL C 121 -16.97 20.49 24.18
C VAL C 121 -18.09 20.53 23.14
N THR C 122 -19.15 19.77 23.40
CA THR C 122 -20.22 19.61 22.41
C THR C 122 -21.23 20.76 22.45
N ILE C 123 -21.83 21.04 21.29
CA ILE C 123 -22.92 22.00 21.20
C ILE C 123 -24.04 21.64 22.18
N SER C 124 -24.36 20.35 22.28
CA SER C 124 -25.42 19.92 23.18
C SER C 124 -25.17 20.36 24.61
N SER C 125 -23.94 20.13 25.11
CA SER C 125 -23.64 20.48 26.50
C SER C 125 -23.72 21.99 26.72
N ILE C 126 -23.35 22.79 25.72
CA ILE C 126 -23.43 24.24 25.85
C ILE C 126 -24.88 24.70 25.81
N GLU C 127 -25.66 24.18 24.86
CA GLU C 127 -27.07 24.55 24.78
C GLU C 127 -27.84 24.12 26.01
N LYS C 128 -27.50 22.96 26.58
CA LYS C 128 -28.18 22.49 27.79
C LYS C 128 -27.97 23.46 28.95
N LYS C 129 -26.72 23.88 29.18
CA LYS C 129 -26.44 24.85 30.23
C LYS C 129 -27.20 26.15 30.01
N LEU C 130 -27.01 26.77 28.84
CA LEU C 130 -27.59 28.08 28.58
C LEU C 130 -29.12 28.05 28.51
N SER C 131 -29.70 26.91 28.12
CA SER C 131 -31.16 26.86 27.98
C SER C 131 -31.87 26.83 29.32
N ALA C 132 -31.18 26.51 30.41
CA ALA C 132 -31.80 26.63 31.71
C ALA C 132 -32.10 28.07 32.07
N PHE C 133 -31.48 29.04 31.38
CA PHE C 133 -31.62 30.46 31.66
C PHE C 133 -32.53 31.20 30.69
N ARG C 134 -32.43 30.92 29.39
CA ARG C 134 -33.22 31.61 28.38
C ARG C 134 -33.33 30.66 27.21
N PRO C 135 -34.52 30.46 26.66
CA PRO C 135 -34.68 29.54 25.54
C PRO C 135 -34.00 30.07 24.29
N ALA C 136 -33.60 29.14 23.43
CA ALA C 136 -33.00 29.37 22.12
C ALA C 136 -31.67 30.12 22.15
N PRO C 137 -30.68 29.69 22.91
CA PRO C 137 -29.35 30.29 22.77
C PRO C 137 -28.79 30.02 21.38
N ARG C 138 -28.12 31.02 20.80
CA ARG C 138 -27.51 30.91 19.48
C ARG C 138 -26.06 30.49 19.66
N VAL C 139 -25.75 29.25 19.32
CA VAL C 139 -24.46 28.66 19.63
C VAL C 139 -23.78 28.20 18.34
N ILE C 140 -22.48 28.51 18.22
CA ILE C 140 -21.61 28.01 17.16
C ILE C 140 -20.44 27.32 17.85
N ARG C 141 -20.06 26.13 17.36
CA ARG C 141 -18.86 25.46 17.82
C ARG C 141 -17.79 25.54 16.72
N CYS C 142 -16.57 25.94 17.09
CA CYS C 142 -15.47 26.01 16.12
C CYS C 142 -14.24 25.31 16.68
N MET C 143 -13.38 24.89 15.75
CA MET C 143 -12.04 24.41 16.07
C MET C 143 -11.12 25.16 15.12
N THR C 144 -10.06 25.75 15.67
CA THR C 144 -9.18 26.58 14.86
C THR C 144 -7.76 26.18 15.25
N ASN C 145 -6.78 27.05 14.97
CA ASN C 145 -5.43 26.79 15.46
C ASN C 145 -4.68 28.11 15.59
N THR C 146 -3.52 28.02 16.26
CA THR C 146 -2.78 29.24 16.56
C THR C 146 -2.33 30.06 15.34
N PRO C 147 -2.09 29.50 14.14
CA PRO C 147 -1.64 30.36 13.03
C PRO C 147 -2.65 31.40 12.55
N VAL C 148 -3.82 31.51 13.17
CA VAL C 148 -4.66 32.68 12.93
C VAL C 148 -3.89 33.95 13.29
N VAL C 149 -2.89 33.83 14.16
CA VAL C 149 -2.07 34.98 14.56
C VAL C 149 -1.33 35.57 13.37
N VAL C 150 -1.06 34.78 12.33
CA VAL C 150 -0.46 35.25 11.09
C VAL C 150 -1.44 35.13 9.92
N ARG C 151 -2.75 35.08 10.21
CA ARG C 151 -3.80 35.03 9.20
C ARG C 151 -3.68 33.82 8.26
N GLU C 152 -3.14 32.70 8.75
CA GLU C 152 -3.08 31.45 8.00
C GLU C 152 -3.64 30.31 8.84
N GLY C 153 -4.72 30.59 9.57
CA GLY C 153 -5.34 29.55 10.35
C GLY C 153 -6.09 28.55 9.49
N ALA C 154 -6.50 27.46 10.16
CA ALA C 154 -7.37 26.42 9.60
C ALA C 154 -8.54 26.26 10.56
N THR C 155 -9.74 26.63 10.13
CA THR C 155 -10.87 26.73 11.03
C THR C 155 -12.05 25.95 10.46
N VAL C 156 -12.71 25.15 11.30
CA VAL C 156 -14.00 24.60 10.94
C VAL C 156 -15.02 25.07 11.97
N TYR C 157 -16.29 25.04 11.59
CA TYR C 157 -17.33 25.42 12.53
C TYR C 157 -18.60 24.63 12.25
N ALA C 158 -19.39 24.42 13.32
CA ALA C 158 -20.69 23.78 13.24
C ALA C 158 -21.73 24.67 13.93
N THR C 159 -22.90 24.80 13.29
CA THR C 159 -23.97 25.65 13.79
C THR C 159 -24.91 24.87 14.72
N GLY C 160 -25.32 25.53 15.80
CA GLY C 160 -26.17 24.90 16.80
C GLY C 160 -27.63 24.89 16.41
N THR C 161 -28.45 24.38 17.33
CA THR C 161 -29.87 24.18 17.07
C THR C 161 -30.58 25.49 16.73
N HIS C 162 -30.23 26.58 17.42
CA HIS C 162 -30.95 27.83 17.29
C HIS C 162 -30.16 28.91 16.56
N ALA C 163 -28.97 28.59 16.05
CA ALA C 163 -28.28 29.52 15.17
C ALA C 163 -29.11 29.77 13.92
N GLN C 164 -29.22 31.04 13.53
CA GLN C 164 -29.90 31.36 12.28
C GLN C 164 -28.92 31.20 11.11
N VAL C 165 -29.45 31.23 9.90
CA VAL C 165 -28.61 30.99 8.71
C VAL C 165 -27.57 32.10 8.57
N GLU C 166 -27.95 33.35 8.83
CA GLU C 166 -26.99 34.44 8.78
C GLU C 166 -25.93 34.33 9.88
N ASP C 167 -26.21 33.61 10.97
CA ASP C 167 -25.19 33.41 12.00
C ASP C 167 -23.99 32.65 11.44
N GLY C 168 -24.25 31.55 10.74
CA GLY C 168 -23.16 30.80 10.12
C GLY C 168 -22.42 31.61 9.09
N ARG C 169 -23.15 32.33 8.24
CA ARG C 169 -22.52 33.15 7.21
C ARG C 169 -21.61 34.21 7.82
N LEU C 170 -22.05 34.82 8.91
CA LEU C 170 -21.27 35.86 9.57
C LEU C 170 -20.00 35.28 10.19
N MET C 171 -20.12 34.14 10.86
CA MET C 171 -18.93 33.57 11.46
CA MET C 171 -18.95 33.51 11.45
C MET C 171 -17.94 33.11 10.39
N GLU C 172 -18.41 32.57 9.26
CA GLU C 172 -17.47 32.19 8.22
C GLU C 172 -16.78 33.42 7.62
N GLN C 173 -17.53 34.49 7.40
CA GLN C 173 -16.91 35.72 6.90
C GLN C 173 -15.85 36.22 7.87
N LEU C 174 -16.14 36.17 9.17
CA LEU C 174 -15.19 36.62 10.17
C LEU C 174 -13.95 35.72 10.22
N LEU C 175 -14.15 34.41 10.33
CA LEU C 175 -13.01 33.53 10.50
C LEU C 175 -12.22 33.32 9.21
N SER C 176 -12.85 33.58 8.04
CA SER C 176 -12.12 33.54 6.78
C SER C 176 -11.11 34.68 6.65
N SER C 177 -11.24 35.74 7.45
CA SER C 177 -10.25 36.81 7.41
C SER C 177 -8.91 36.37 8.01
N VAL C 178 -8.86 35.28 8.77
CA VAL C 178 -7.63 34.88 9.44
C VAL C 178 -7.17 33.48 9.01
N GLY C 179 -7.70 32.96 7.91
CA GLY C 179 -7.26 31.67 7.43
C GLY C 179 -8.34 30.98 6.62
N PHE C 180 -8.11 29.70 6.37
CA PHE C 180 -9.14 28.85 5.79
C PHE C 180 -10.28 28.67 6.77
N CYS C 181 -11.52 28.71 6.29
CA CYS C 181 -12.69 28.44 7.14
C CYS C 181 -13.77 27.74 6.33
N THR C 182 -14.34 26.67 6.88
CA THR C 182 -15.47 26.01 6.22
C THR C 182 -16.40 25.43 7.26
N GLU C 183 -17.67 25.27 6.88
CA GLU C 183 -18.65 24.64 7.76
C GLU C 183 -18.51 23.13 7.71
N VAL C 184 -18.71 22.47 8.87
CA VAL C 184 -18.74 21.01 8.97
C VAL C 184 -19.91 20.56 9.82
N GLU C 185 -20.27 19.28 9.68
CA GLU C 185 -21.08 18.62 10.68
C GLU C 185 -20.26 18.46 11.96
N GLU C 186 -20.91 18.64 13.10
CA GLU C 186 -20.20 18.66 14.39
C GLU C 186 -19.42 17.37 14.62
N ASP C 187 -19.91 16.24 14.10
CA ASP C 187 -19.21 14.99 14.42
C ASP C 187 -17.88 14.84 13.68
N LEU C 188 -17.48 15.80 12.85
CA LEU C 188 -16.13 15.78 12.30
C LEU C 188 -15.12 16.54 13.15
N ILE C 189 -15.57 17.29 14.16
CA ILE C 189 -14.71 18.30 14.77
C ILE C 189 -13.63 17.67 15.65
N ASP C 190 -13.93 16.58 16.35
CA ASP C 190 -12.86 15.98 17.16
C ASP C 190 -11.73 15.44 16.30
N ALA C 191 -12.05 14.94 15.10
CA ALA C 191 -11.02 14.52 14.14
C ALA C 191 -10.26 15.71 13.58
N VAL C 192 -10.96 16.81 13.26
CA VAL C 192 -10.26 18.02 12.82
C VAL C 192 -9.28 18.48 13.88
N THR C 193 -9.69 18.39 15.16
CA THR C 193 -8.83 18.76 16.27
C THR C 193 -7.51 17.98 16.20
N GLY C 194 -7.58 16.68 15.92
CA GLY C 194 -6.37 15.86 15.86
C GLY C 194 -5.48 16.15 14.66
N LEU C 195 -6.04 16.74 13.59
CA LEU C 195 -5.29 17.05 12.39
C LEU C 195 -4.80 18.50 12.38
N SER C 196 -5.69 19.48 12.19
CA SER C 196 -5.22 20.87 12.10
C SER C 196 -5.16 21.58 13.44
N GLY C 197 -5.89 21.11 14.45
CA GLY C 197 -5.78 21.72 15.78
C GLY C 197 -4.42 21.48 16.41
N SER C 198 -4.03 20.20 16.52
CA SER C 198 -2.73 19.79 17.00
C SER C 198 -1.65 19.92 15.92
N GLY C 199 -2.04 20.00 14.66
CA GLY C 199 -1.14 20.03 13.54
C GLY C 199 0.09 20.92 13.66
N PRO C 200 -0.10 22.19 14.06
CA PRO C 200 1.07 23.07 14.20
C PRO C 200 2.16 22.51 15.09
N ALA C 201 1.77 21.85 16.20
CA ALA C 201 2.77 21.26 17.09
C ALA C 201 3.56 20.15 16.39
N TYR C 202 2.89 19.34 15.54
CA TYR C 202 3.62 18.35 14.76
C TYR C 202 4.64 19.04 13.87
N ALA C 203 4.23 20.14 13.22
CA ALA C 203 5.12 20.88 12.35
C ALA C 203 6.28 21.52 13.11
N PHE C 204 6.03 22.09 14.30
CA PHE C 204 7.14 22.68 15.05
C PHE C 204 8.17 21.61 15.44
N THR C 205 7.69 20.43 15.84
CA THR C 205 8.58 19.30 16.12
C THR C 205 9.42 18.94 14.88
N ALA C 206 8.75 18.82 13.73
CA ALA C 206 9.44 18.44 12.51
C ALA C 206 10.47 19.48 12.10
N LEU C 207 10.12 20.76 12.25
CA LEU C 207 11.05 21.84 11.91
C LEU C 207 12.26 21.86 12.83
N ASP C 208 12.05 21.60 14.12
CA ASP C 208 13.19 21.49 15.04
C ASP C 208 14.12 20.35 14.62
N ALA C 209 13.55 19.21 14.25
CA ALA C 209 14.35 18.05 13.85
C ALA C 209 15.07 18.29 12.53
N LEU C 210 14.37 18.84 11.53
CA LEU C 210 15.00 19.18 10.26
C LEU C 210 16.17 20.14 10.47
N ALA C 211 15.98 21.15 11.33
CA ALA C 211 17.09 22.06 11.62
C ALA C 211 18.25 21.33 12.29
N ASP C 212 17.96 20.39 13.22
CA ASP C 212 19.03 19.55 13.79
C ASP C 212 19.77 18.80 12.69
N GLY C 213 19.03 18.28 11.70
CA GLY C 213 19.68 17.59 10.60
C GLY C 213 20.59 18.53 9.80
N GLY C 214 20.07 19.72 9.48
CA GLY C 214 20.89 20.72 8.82
C GLY C 214 22.16 21.02 9.59
N VAL C 215 22.04 21.20 10.91
CA VAL C 215 23.20 21.52 11.73
C VAL C 215 24.19 20.35 11.71
N LYS C 216 23.68 19.12 11.79
CA LYS C 216 24.57 17.94 11.74
C LYS C 216 25.40 17.93 10.47
N MET C 217 24.83 18.37 9.35
CA MET C 217 25.49 18.38 8.05
C MET C 217 26.28 19.66 7.77
N GLY C 218 26.36 20.59 8.72
CA GLY C 218 27.30 21.69 8.65
C GLY C 218 26.66 23.07 8.57
N LEU C 219 25.33 23.20 8.62
CA LEU C 219 24.66 24.49 8.48
C LEU C 219 24.56 25.21 9.82
N PRO C 220 24.72 26.53 9.85
CA PRO C 220 24.42 27.30 11.07
C PRO C 220 22.95 27.12 11.45
N ARG C 221 22.69 27.09 12.75
CA ARG C 221 21.34 26.81 13.23
CA ARG C 221 21.34 26.79 13.21
C ARG C 221 20.33 27.80 12.67
N ARG C 222 20.67 29.09 12.68
CA ARG C 222 19.73 30.11 12.22
C ARG C 222 19.36 29.90 10.76
N LEU C 223 20.35 29.58 9.91
CA LEU C 223 20.06 29.32 8.50
C LEU C 223 19.28 28.02 8.33
N ALA C 224 19.64 26.98 9.07
CA ALA C 224 18.91 25.72 8.96
C ALA C 224 17.43 25.90 9.33
N VAL C 225 17.15 26.72 10.35
CA VAL C 225 15.75 26.93 10.75
C VAL C 225 14.98 27.67 9.65
N ARG C 226 15.61 28.69 9.07
CA ARG C 226 15.01 29.51 8.03
C ARG C 226 14.70 28.68 6.78
N LEU C 227 15.67 27.85 6.37
CA LEU C 227 15.47 27.03 5.17
C LEU C 227 14.43 25.95 5.40
N GLY C 228 14.48 25.26 6.54
CA GLY C 228 13.49 24.24 6.83
C GLY C 228 12.08 24.81 6.83
N ALA C 229 11.90 25.93 7.54
CA ALA C 229 10.58 26.55 7.61
C ALA C 229 10.11 27.00 6.24
N GLN C 230 11.02 27.61 5.45
CA GLN C 230 10.64 28.07 4.12
C GLN C 230 10.28 26.89 3.23
N ALA C 231 11.03 25.78 3.34
CA ALA C 231 10.73 24.61 2.54
C ALA C 231 9.33 24.08 2.84
N LEU C 232 8.99 23.99 4.13
CA LEU C 232 7.68 23.47 4.50
C LEU C 232 6.57 24.42 4.07
N LEU C 233 6.81 25.73 4.18
CA LEU C 233 5.82 26.71 3.76
C LEU C 233 5.58 26.61 2.26
N GLY C 234 6.67 26.57 1.48
CA GLY C 234 6.54 26.50 0.04
C GLY C 234 5.85 25.24 -0.43
N ALA C 235 6.16 24.09 0.20
CA ALA C 235 5.57 22.83 -0.23
C ALA C 235 4.08 22.78 0.10
N ALA C 236 3.70 23.27 1.28
CA ALA C 236 2.29 23.36 1.62
C ALA C 236 1.55 24.26 0.63
N LYS C 237 2.15 25.40 0.28
CA LYS C 237 1.50 26.30 -0.67
C LYS C 237 1.34 25.65 -2.03
N MET C 238 2.39 24.96 -2.51
CA MET C 238 2.30 24.24 -3.79
C MET C 238 1.12 23.30 -3.81
N LEU C 239 0.95 22.52 -2.73
CA LEU C 239 -0.13 21.55 -2.71
C LEU C 239 -1.48 22.24 -2.68
N LEU C 240 -1.60 23.31 -1.90
CA LEU C 240 -2.86 24.05 -1.84
C LEU C 240 -3.22 24.65 -3.19
N HIS C 241 -2.23 25.01 -4.00
CA HIS C 241 -2.47 25.66 -5.29
C HIS C 241 -2.49 24.69 -6.46
N SER C 242 -2.19 23.41 -6.25
CA SER C 242 -2.16 22.40 -7.29
C SER C 242 -3.40 21.53 -7.21
N GLU C 243 -3.83 21.01 -8.35
CA GLU C 243 -4.86 19.97 -8.35
C GLU C 243 -4.27 18.59 -8.10
N GLN C 244 -2.96 18.45 -8.13
CA GLN C 244 -2.35 17.14 -8.17
C GLN C 244 -2.27 16.49 -6.80
N HIS C 245 -2.19 15.18 -6.80
CA HIS C 245 -2.04 14.42 -5.57
C HIS C 245 -0.67 14.69 -4.95
N PRO C 246 -0.57 14.75 -3.62
CA PRO C 246 0.75 14.94 -3.00
C PRO C 246 1.79 13.92 -3.43
N GLY C 247 1.37 12.70 -3.78
CA GLY C 247 2.35 11.72 -4.26
C GLY C 247 2.95 12.12 -5.58
N GLN C 248 2.15 12.74 -6.45
CA GLN C 248 2.65 13.19 -7.75
C GLN C 248 3.61 14.36 -7.57
N LEU C 249 3.28 15.32 -6.69
CA LEU C 249 4.23 16.39 -6.41
C LEU C 249 5.54 15.81 -5.87
N LYS C 250 5.45 14.79 -5.03
CA LYS C 250 6.63 14.08 -4.55
C LYS C 250 7.44 13.51 -5.72
N ASP C 251 6.76 12.80 -6.63
CA ASP C 251 7.42 12.25 -7.81
C ASP C 251 8.18 13.32 -8.59
N ASN C 252 7.60 14.53 -8.74
CA ASN C 252 8.22 15.57 -9.54
C ASN C 252 9.53 16.08 -8.92
N VAL C 253 9.71 15.94 -7.62
CA VAL C 253 10.96 16.38 -6.99
C VAL C 253 12.07 15.37 -7.23
N SER C 254 11.81 14.08 -7.01
CA SER C 254 12.89 13.10 -6.93
C SER C 254 13.31 12.65 -8.33
N SER C 255 14.51 13.02 -8.72
CA SER C 255 15.13 12.45 -9.90
C SER C 255 15.65 11.03 -9.63
N PRO C 256 15.74 10.20 -10.67
CA PRO C 256 16.15 8.81 -10.47
C PRO C 256 17.58 8.71 -9.94
N GLY C 257 17.76 7.86 -8.94
CA GLY C 257 19.04 7.62 -8.29
C GLY C 257 19.52 8.75 -7.40
N GLY C 258 18.71 9.79 -7.21
CA GLY C 258 19.18 11.05 -6.65
C GLY C 258 19.08 11.14 -5.14
N ALA C 259 19.45 12.32 -4.63
CA ALA C 259 19.49 12.53 -3.19
C ALA C 259 18.09 12.43 -2.56
N THR C 260 17.08 12.94 -3.24
CA THR C 260 15.77 13.02 -2.61
C THR C 260 15.18 11.62 -2.44
N ILE C 261 15.28 10.75 -3.46
CA ILE C 261 14.71 9.41 -3.32
C ILE C 261 15.49 8.59 -2.29
N HIS C 262 16.81 8.81 -2.14
CA HIS C 262 17.53 8.16 -1.04
C HIS C 262 17.00 8.59 0.32
N ALA C 263 16.71 9.89 0.48
CA ALA C 263 16.20 10.37 1.76
C ALA C 263 14.79 9.88 2.02
N LEU C 264 13.94 9.83 0.98
CA LEU C 264 12.60 9.29 1.16
C LEU C 264 12.64 7.84 1.61
N HIS C 265 13.62 7.07 1.12
CA HIS C 265 13.75 5.69 1.55
C HIS C 265 14.02 5.59 3.05
N VAL C 266 14.93 6.41 3.58
CA VAL C 266 15.20 6.27 5.02
C VAL C 266 13.97 6.72 5.82
N LEU C 267 13.16 7.66 5.31
CA LEU C 267 11.91 7.98 5.99
C LEU C 267 10.96 6.78 5.99
N GLU C 268 10.82 6.11 4.84
CA GLU C 268 9.96 4.94 4.76
C GLU C 268 10.45 3.83 5.71
N SER C 269 11.75 3.59 5.74
CA SER C 269 12.28 2.52 6.57
C SER C 269 11.97 2.73 8.06
N GLY C 270 11.77 3.97 8.49
CA GLY C 270 11.39 4.24 9.87
C GLY C 270 9.89 4.30 10.10
N GLY C 271 9.08 4.09 9.06
CA GLY C 271 7.64 4.17 9.23
C GLY C 271 7.14 5.59 9.46
N PHE C 272 7.82 6.57 8.86
CA PHE C 272 7.43 7.99 8.98
C PHE C 272 5.94 8.24 8.80
N ARG C 273 5.37 7.72 7.69
CA ARG C 273 3.94 7.90 7.44
C ARG C 273 3.09 7.40 8.61
N SER C 274 3.42 6.22 9.15
CA SER C 274 2.61 5.64 10.22
C SER C 274 2.67 6.46 11.50
N LEU C 275 3.78 7.18 11.74
CA LEU C 275 3.89 8.01 12.95
C LEU C 275 2.92 9.18 12.88
N LEU C 276 2.80 9.80 11.71
CA LEU C 276 1.87 10.91 11.53
C LEU C 276 0.41 10.44 11.64
N ILE C 277 0.10 9.27 11.09
CA ILE C 277 -1.21 8.65 11.30
C ILE C 277 -1.45 8.43 12.81
N ASN C 278 -0.48 7.80 13.47
CA ASN C 278 -0.55 7.62 14.93
C ASN C 278 -0.87 8.92 15.65
N ALA C 279 -0.24 10.03 15.24
CA ALA C 279 -0.42 11.28 15.96
C ALA C 279 -1.85 11.81 15.81
N VAL C 280 -2.35 11.88 14.57
CA VAL C 280 -3.73 12.37 14.38
C VAL C 280 -4.71 11.50 15.15
N GLU C 281 -4.50 10.17 15.08
CA GLU C 281 -5.35 9.25 15.82
C GLU C 281 -5.30 9.53 17.32
N ALA C 282 -4.10 9.65 17.88
CA ALA C 282 -3.96 9.80 19.33
C ALA C 282 -4.60 11.10 19.82
N SER C 283 -4.41 12.19 19.06
CA SER C 283 -5.02 13.47 19.44
C SER C 283 -6.54 13.39 19.36
N CYS C 284 -7.07 12.79 18.29
CA CYS C 284 -8.51 12.66 18.17
C CYS C 284 -9.08 11.82 19.31
N ILE C 285 -8.44 10.66 19.59
CA ILE C 285 -8.95 9.76 20.62
C ILE C 285 -8.90 10.42 21.98
N ARG C 286 -7.82 11.16 22.27
CA ARG C 286 -7.72 11.85 23.55
C ARG C 286 -8.80 12.92 23.67
N THR C 287 -9.08 13.63 22.56
CA THR C 287 -10.14 14.63 22.57
C THR C 287 -11.48 14.00 22.91
N ARG C 288 -11.78 12.85 22.30
CA ARG C 288 -13.03 12.14 22.59
C ARG C 288 -13.09 11.66 24.03
N GLU C 289 -11.98 11.13 24.52
CA GLU C 289 -11.89 10.64 25.89
C GLU C 289 -12.14 11.75 26.90
N LEU C 290 -11.51 12.91 26.70
CA LEU C 290 -11.67 14.02 27.63
C LEU C 290 -13.14 14.47 27.71
N GLN C 291 -13.83 14.52 26.56
CA GLN C 291 -15.24 14.90 26.61
C GLN C 291 -16.09 13.84 27.29
N SER C 292 -15.73 12.56 27.14
CA SER C 292 -16.47 11.51 27.83
C SER C 292 -16.34 11.65 29.35
N MET C 293 -15.19 12.12 29.84
CA MET C 293 -15.07 12.40 31.26
C MET C 293 -15.94 13.59 31.67
N ALA C 294 -16.01 14.61 30.81
CA ALA C 294 -16.85 15.77 31.11
C ALA C 294 -18.32 15.38 31.18
N ASP C 295 -18.76 14.50 30.28
CA ASP C 295 -20.17 14.08 30.29
C ASP C 295 -20.52 13.25 31.53
N GLN C 296 -19.56 12.48 32.03
CA GLN C 296 -19.83 11.60 33.17
C GLN C 296 -19.82 12.39 34.50
N ASN D 17 15.67 46.96 -10.69
CA ASN D 17 14.77 46.59 -11.77
C ASN D 17 15.37 46.96 -13.12
N LEU D 18 16.39 47.82 -13.10
CA LEU D 18 17.16 48.10 -14.29
C LEU D 18 18.01 46.89 -14.70
N TYR D 19 18.32 46.00 -13.75
CA TYR D 19 18.94 44.72 -14.10
C TYR D 19 18.12 43.96 -15.13
N PHE D 20 16.80 43.98 -14.99
CA PHE D 20 15.92 43.11 -15.76
C PHE D 20 15.28 43.81 -16.95
N GLN D 21 15.62 45.07 -17.19
CA GLN D 21 15.06 45.83 -18.32
C GLN D 21 15.10 45.00 -19.61
N SER D 22 16.29 44.80 -20.15
CA SER D 22 16.46 44.10 -21.42
C SER D 22 17.09 42.72 -21.26
N MET D 23 17.25 42.25 -20.02
CA MET D 23 17.95 40.99 -19.77
C MET D 23 17.23 39.81 -20.40
N SER D 24 18.01 38.91 -20.99
CA SER D 24 17.50 37.68 -21.57
C SER D 24 17.99 36.49 -20.75
N VAL D 25 17.09 35.54 -20.48
CA VAL D 25 17.37 34.38 -19.64
C VAL D 25 17.21 33.13 -20.49
N GLY D 26 18.04 32.13 -20.24
CA GLY D 26 17.93 30.86 -20.92
C GLY D 26 18.05 29.69 -19.96
N PHE D 27 17.43 28.59 -20.34
CA PHE D 27 17.52 27.33 -19.60
C PHE D 27 18.05 26.24 -20.53
N ILE D 28 19.19 25.66 -20.19
CA ILE D 28 19.60 24.38 -20.79
C ILE D 28 18.90 23.29 -19.97
N GLY D 29 17.93 22.63 -20.59
CA GLY D 29 17.03 21.69 -19.95
C GLY D 29 15.68 22.37 -19.81
N ALA D 30 14.62 21.61 -20.08
CA ALA D 30 13.26 22.13 -20.06
C ALA D 30 12.36 21.23 -19.23
N GLY D 31 12.81 20.87 -18.03
CA GLY D 31 12.03 19.99 -17.18
C GLY D 31 11.39 20.67 -15.99
N GLN D 32 11.32 19.96 -14.87
CA GLN D 32 10.62 20.46 -13.69
C GLN D 32 11.17 21.80 -13.23
N LEU D 33 12.49 21.88 -13.04
CA LEU D 33 13.06 23.11 -12.49
C LEU D 33 12.90 24.28 -13.46
N ALA D 34 13.16 24.04 -14.75
CA ALA D 34 13.04 25.12 -15.74
C ALA D 34 11.62 25.67 -15.78
N PHE D 35 10.62 24.79 -15.74
CA PHE D 35 9.25 25.27 -15.71
C PHE D 35 8.97 26.03 -14.43
N ALA D 36 9.38 25.47 -13.29
CA ALA D 36 9.12 26.08 -11.99
C ALA D 36 9.70 27.49 -11.90
N LEU D 37 10.96 27.64 -12.31
CA LEU D 37 11.58 28.96 -12.29
C LEU D 37 10.95 29.89 -13.32
N ALA D 38 10.74 29.41 -14.55
CA ALA D 38 10.13 30.28 -15.56
C ALA D 38 8.74 30.72 -15.14
N LYS D 39 7.97 29.81 -14.55
CA LYS D 39 6.63 30.17 -14.04
C LYS D 39 6.72 31.20 -12.92
N GLY D 40 7.61 30.97 -11.94
CA GLY D 40 7.80 31.95 -10.89
C GLY D 40 8.29 33.30 -11.39
N PHE D 41 9.28 33.30 -12.30
CA PHE D 41 9.82 34.56 -12.80
C PHE D 41 8.74 35.37 -13.51
N THR D 42 7.97 34.73 -14.39
CA THR D 42 6.94 35.47 -15.11
C THR D 42 5.81 35.89 -14.18
N ALA D 43 5.43 35.02 -13.23
CA ALA D 43 4.39 35.39 -12.28
C ALA D 43 4.81 36.61 -11.45
N ALA D 44 6.08 36.66 -11.04
CA ALA D 44 6.60 37.82 -10.34
C ALA D 44 6.66 39.07 -11.21
N GLY D 45 6.49 38.92 -12.52
CA GLY D 45 6.57 40.07 -13.40
C GLY D 45 7.95 40.65 -13.55
N VAL D 46 8.99 39.89 -13.21
CA VAL D 46 10.34 40.40 -13.41
C VAL D 46 10.87 40.04 -14.80
N LEU D 47 10.24 39.09 -15.48
CA LEU D 47 10.62 38.73 -16.84
C LEU D 47 9.39 38.41 -17.68
N ALA D 48 9.32 39.02 -18.87
CA ALA D 48 8.35 38.59 -19.86
C ALA D 48 8.72 37.21 -20.40
N ALA D 49 7.70 36.40 -20.67
CA ALA D 49 7.94 35.02 -21.10
C ALA D 49 8.75 34.96 -22.39
N HIS D 50 8.52 35.91 -23.30
CA HIS D 50 9.22 35.89 -24.58
C HIS D 50 10.68 36.29 -24.45
N LYS D 51 11.13 36.74 -23.28
CA LYS D 51 12.54 36.98 -23.04
C LYS D 51 13.23 35.76 -22.43
N ILE D 52 12.54 34.62 -22.40
CA ILE D 52 13.03 33.38 -21.81
C ILE D 52 13.08 32.32 -22.91
N MET D 53 14.18 31.57 -22.97
CA MET D 53 14.33 30.50 -23.95
C MET D 53 14.78 29.24 -23.24
N ALA D 54 14.21 28.10 -23.63
CA ALA D 54 14.56 26.83 -23.06
C ALA D 54 14.84 25.83 -24.17
N SER D 55 15.77 24.91 -23.92
CA SER D 55 16.11 23.89 -24.91
C SER D 55 16.12 22.53 -24.25
N SER D 56 15.65 21.53 -25.02
CA SER D 56 15.60 20.16 -24.58
C SER D 56 15.61 19.29 -25.83
N PRO D 57 16.33 18.17 -25.81
CA PRO D 57 16.33 17.27 -26.97
C PRO D 57 15.05 16.47 -27.14
N ASP D 58 14.14 16.48 -26.16
CA ASP D 58 12.89 15.71 -26.21
C ASP D 58 11.71 16.64 -25.94
N MET D 59 11.15 17.22 -27.01
CA MET D 59 10.01 18.13 -26.89
C MET D 59 8.71 17.35 -26.74
N ASP D 60 8.78 16.17 -26.10
CA ASP D 60 7.62 15.33 -25.86
C ASP D 60 7.28 15.23 -24.38
N LEU D 61 7.95 15.99 -23.53
CA LEU D 61 7.67 15.97 -22.10
C LEU D 61 6.51 16.90 -21.78
N ALA D 62 5.88 16.66 -20.63
CA ALA D 62 4.77 17.51 -20.21
C ALA D 62 5.24 18.93 -19.90
N THR D 63 6.52 19.10 -19.56
CA THR D 63 7.02 20.42 -19.19
C THR D 63 7.36 21.27 -20.42
N VAL D 64 7.73 20.65 -21.54
CA VAL D 64 8.05 21.42 -22.73
C VAL D 64 6.80 22.13 -23.25
N SER D 65 5.66 21.45 -23.20
CA SER D 65 4.43 22.04 -23.70
C SER D 65 3.87 23.09 -22.75
N ALA D 66 4.09 22.93 -21.44
CA ALA D 66 3.65 23.94 -20.48
C ALA D 66 4.41 25.24 -20.67
N LEU D 67 5.73 25.16 -20.86
CA LEU D 67 6.51 26.35 -21.20
C LEU D 67 6.02 26.98 -22.50
N ARG D 68 5.60 26.15 -23.46
CA ARG D 68 5.10 26.67 -24.72
C ARG D 68 3.84 27.51 -24.51
N LYS D 69 2.86 26.97 -23.77
CA LYS D 69 1.64 27.71 -23.48
C LYS D 69 1.91 28.98 -22.71
N MET D 70 3.00 29.01 -21.94
CA MET D 70 3.37 30.18 -21.14
C MET D 70 3.90 31.32 -22.01
N GLY D 71 4.32 31.04 -23.24
CA GLY D 71 4.95 32.02 -24.08
C GLY D 71 6.46 31.99 -24.08
N VAL D 72 7.07 30.94 -23.54
CA VAL D 72 8.52 30.78 -23.54
C VAL D 72 8.96 30.19 -24.88
N LYS D 73 10.02 30.76 -25.45
CA LYS D 73 10.55 30.28 -26.71
C LYS D 73 11.32 28.98 -26.50
N LEU D 74 10.99 27.96 -27.27
CA LEU D 74 11.64 26.67 -27.18
C LEU D 74 12.45 26.37 -28.43
N THR D 75 13.41 25.45 -28.28
CA THR D 75 14.28 25.02 -29.37
C THR D 75 14.95 23.72 -28.95
N PRO D 76 15.33 22.86 -29.90
CA PRO D 76 16.10 21.66 -29.53
C PRO D 76 17.57 21.96 -29.26
N HIS D 77 18.08 23.04 -29.86
CA HIS D 77 19.52 23.29 -29.94
C HIS D 77 19.99 24.11 -28.75
N ASN D 78 20.90 23.55 -27.96
CA ASN D 78 21.43 24.27 -26.80
C ASN D 78 22.23 25.49 -27.21
N LYS D 79 22.84 25.47 -28.40
CA LYS D 79 23.59 26.64 -28.87
C LYS D 79 22.67 27.83 -29.10
N GLU D 80 21.43 27.57 -29.50
CA GLU D 80 20.47 28.66 -29.67
C GLU D 80 20.18 29.34 -28.34
N THR D 81 20.06 28.55 -27.27
CA THR D 81 19.80 29.13 -25.95
C THR D 81 20.98 29.99 -25.49
N VAL D 82 22.21 29.52 -25.72
CA VAL D 82 23.38 30.28 -25.29
C VAL D 82 23.46 31.61 -26.03
N GLN D 83 23.19 31.61 -27.33
CA GLN D 83 23.29 32.84 -28.10
C GLN D 83 22.23 33.86 -27.71
N HIS D 84 21.09 33.42 -27.19
CA HIS D 84 20.01 34.32 -26.82
C HIS D 84 20.17 34.90 -25.41
N SER D 85 20.70 34.13 -24.49
CA SER D 85 20.60 34.44 -23.07
C SER D 85 21.76 35.32 -22.59
N ASP D 86 21.46 36.18 -21.62
CA ASP D 86 22.48 36.86 -20.83
C ASP D 86 22.80 36.09 -19.56
N VAL D 87 21.76 35.61 -18.89
CA VAL D 87 21.87 34.70 -17.74
C VAL D 87 21.45 33.32 -18.22
N LEU D 88 22.33 32.33 -18.06
CA LEU D 88 22.11 30.99 -18.57
C LEU D 88 22.03 30.00 -17.40
N PHE D 89 20.84 29.47 -17.16
CA PHE D 89 20.61 28.46 -16.13
C PHE D 89 20.90 27.08 -16.69
N LEU D 90 21.77 26.34 -16.04
CA LEU D 90 21.98 24.93 -16.35
C LEU D 90 20.96 24.12 -15.55
N ALA D 91 19.96 23.57 -16.22
CA ALA D 91 18.86 22.88 -15.56
C ALA D 91 18.73 21.47 -16.09
N VAL D 92 19.85 20.78 -16.20
CA VAL D 92 19.90 19.38 -16.61
C VAL D 92 20.40 18.55 -15.44
N LYS D 93 20.14 17.24 -15.51
CA LYS D 93 20.58 16.34 -14.46
C LYS D 93 22.09 16.42 -14.29
N PRO D 94 22.59 16.22 -13.07
CA PRO D 94 24.01 16.50 -12.80
C PRO D 94 25.00 15.79 -13.71
N HIS D 95 24.74 14.53 -14.07
CA HIS D 95 25.70 13.82 -14.90
C HIS D 95 25.70 14.31 -16.34
N ILE D 96 24.73 15.15 -16.74
CA ILE D 96 24.74 15.73 -18.08
C ILE D 96 25.57 17.02 -18.15
N ILE D 97 25.85 17.65 -16.99
CA ILE D 97 26.53 18.94 -17.01
C ILE D 97 27.84 18.91 -17.79
N PRO D 98 28.76 17.94 -17.57
CA PRO D 98 30.00 17.94 -18.36
C PRO D 98 29.78 17.75 -19.85
N PHE D 99 28.77 16.98 -20.25
CA PHE D 99 28.48 16.82 -21.68
C PHE D 99 27.99 18.12 -22.29
N ILE D 100 27.11 18.83 -21.59
CA ILE D 100 26.64 20.12 -22.07
C ILE D 100 27.78 21.13 -22.08
N LEU D 101 28.66 21.08 -21.07
CA LEU D 101 29.76 22.03 -21.03
C LEU D 101 30.73 21.82 -22.19
N ASP D 102 30.98 20.56 -22.58
CA ASP D 102 31.79 20.32 -23.78
C ASP D 102 31.10 20.87 -25.03
N GLU D 103 29.77 20.74 -25.08
CA GLU D 103 29.02 21.06 -26.29
C GLU D 103 28.96 22.57 -26.55
N ILE D 104 28.69 23.36 -25.50
CA ILE D 104 28.48 24.80 -25.65
C ILE D 104 29.61 25.61 -25.03
N GLY D 105 30.72 24.98 -24.65
CA GLY D 105 31.83 25.72 -24.06
C GLY D 105 32.40 26.76 -25.00
N ALA D 106 32.57 26.40 -26.28
CA ALA D 106 33.08 27.36 -27.25
C ALA D 106 32.11 28.49 -27.53
N ASP D 107 30.87 28.40 -27.04
CA ASP D 107 29.88 29.45 -27.25
C ASP D 107 29.73 30.40 -26.07
N ILE D 108 30.30 30.07 -24.92
CA ILE D 108 30.23 30.96 -23.77
C ILE D 108 31.10 32.17 -24.03
N GLU D 109 30.56 33.36 -23.75
CA GLU D 109 31.24 34.62 -23.98
C GLU D 109 31.35 35.38 -22.66
N ASP D 110 32.05 36.52 -22.72
CA ASP D 110 32.28 37.31 -21.51
C ASP D 110 30.98 37.84 -20.93
N ARG D 111 29.97 38.06 -21.76
CA ARG D 111 28.68 38.58 -21.31
C ARG D 111 27.92 37.60 -20.43
N HIS D 112 28.21 36.30 -20.54
CA HIS D 112 27.36 35.28 -19.93
C HIS D 112 27.58 35.19 -18.44
N ILE D 113 26.49 35.05 -17.69
CA ILE D 113 26.50 34.51 -16.35
C ILE D 113 25.96 33.10 -16.42
N VAL D 114 26.77 32.13 -16.01
CA VAL D 114 26.40 30.73 -16.05
C VAL D 114 25.97 30.34 -14.65
N VAL D 115 24.70 29.99 -14.51
CA VAL D 115 24.11 29.68 -13.21
C VAL D 115 23.81 28.18 -13.22
N SER D 116 24.60 27.42 -12.49
CA SER D 116 24.36 25.99 -12.39
C SER D 116 23.37 25.72 -11.27
N CYS D 117 22.26 25.05 -11.59
CA CYS D 117 21.30 24.59 -10.61
C CYS D 117 21.47 23.14 -10.25
N ALA D 118 22.43 22.44 -10.86
CA ALA D 118 22.55 21.00 -10.70
C ALA D 118 23.02 20.64 -9.30
N ALA D 119 22.37 19.63 -8.72
CA ALA D 119 22.75 19.17 -7.39
C ALA D 119 24.18 18.61 -7.42
N GLY D 120 24.97 18.98 -6.41
CA GLY D 120 26.30 18.42 -6.24
C GLY D 120 27.43 19.02 -7.07
N VAL D 121 27.12 19.52 -8.27
CA VAL D 121 28.16 19.91 -9.23
C VAL D 121 28.89 21.15 -8.74
N THR D 122 30.21 21.07 -8.65
CA THR D 122 30.99 22.13 -8.02
C THR D 122 31.32 23.24 -9.02
N ILE D 123 31.44 24.46 -8.48
CA ILE D 123 31.93 25.58 -9.28
C ILE D 123 33.26 25.21 -9.94
N SER D 124 34.17 24.59 -9.18
CA SER D 124 35.47 24.21 -9.73
C SER D 124 35.33 23.42 -11.02
N SER D 125 34.49 22.39 -11.02
CA SER D 125 34.37 21.52 -12.19
C SER D 125 33.81 22.28 -13.39
N ILE D 126 32.88 23.20 -13.16
CA ILE D 126 32.35 24.00 -14.25
C ILE D 126 33.42 24.95 -14.79
N GLU D 127 34.12 25.64 -13.89
CA GLU D 127 35.12 26.60 -14.33
C GLU D 127 36.26 25.92 -15.05
N LYS D 128 36.63 24.72 -14.61
CA LYS D 128 37.70 23.99 -15.28
C LYS D 128 37.32 23.66 -16.72
N LYS D 129 36.07 23.28 -16.97
CA LYS D 129 35.62 23.01 -18.33
C LYS D 129 35.65 24.26 -19.19
N LEU D 130 34.92 25.30 -18.75
CA LEU D 130 34.76 26.51 -19.55
C LEU D 130 36.07 27.28 -19.71
N SER D 131 36.96 27.23 -18.71
CA SER D 131 38.22 27.99 -18.78
C SER D 131 39.16 27.46 -19.86
N ALA D 132 38.97 26.22 -20.30
CA ALA D 132 39.71 25.75 -21.46
C ALA D 132 39.34 26.50 -22.73
N PHE D 133 38.15 27.11 -22.76
CA PHE D 133 37.69 27.88 -23.92
C PHE D 133 37.98 29.37 -23.76
N ARG D 134 37.43 30.00 -22.71
CA ARG D 134 37.68 31.40 -22.46
C ARG D 134 38.14 31.58 -21.02
N PRO D 135 39.13 32.44 -20.77
CA PRO D 135 39.85 32.39 -19.49
C PRO D 135 39.03 32.70 -18.25
N ALA D 136 37.98 33.52 -18.33
CA ALA D 136 37.32 34.07 -17.14
C ALA D 136 35.81 33.83 -17.16
N PRO D 137 35.36 32.57 -17.12
CA PRO D 137 33.90 32.33 -17.15
C PRO D 137 33.27 32.76 -15.84
N ARG D 138 32.14 33.48 -15.94
CA ARG D 138 31.41 33.96 -14.77
C ARG D 138 30.39 32.89 -14.39
N VAL D 139 30.61 32.25 -13.25
CA VAL D 139 29.84 31.07 -12.85
C VAL D 139 29.23 31.34 -11.48
N ILE D 140 27.96 30.97 -11.33
CA ILE D 140 27.26 30.99 -10.05
C ILE D 140 26.59 29.63 -9.86
N ARG D 141 26.78 29.04 -8.69
CA ARG D 141 26.11 27.80 -8.33
C ARG D 141 24.94 28.10 -7.41
N CYS D 142 23.82 27.44 -7.66
CA CYS D 142 22.58 27.70 -6.95
C CYS D 142 21.96 26.37 -6.53
N MET D 143 21.22 26.39 -5.42
CA MET D 143 20.35 25.28 -5.03
C MET D 143 19.04 25.93 -4.64
N THR D 144 17.96 25.47 -5.26
CA THR D 144 16.65 26.07 -5.02
C THR D 144 15.69 24.90 -4.77
N ASN D 145 14.40 25.12 -4.98
CA ASN D 145 13.46 24.02 -4.87
C ASN D 145 12.21 24.35 -5.67
N THR D 146 11.35 23.34 -5.82
CA THR D 146 10.23 23.51 -6.74
C THR D 146 9.22 24.58 -6.31
N PRO D 147 9.09 24.94 -5.03
CA PRO D 147 8.10 25.98 -4.67
C PRO D 147 8.38 27.37 -5.23
N VAL D 148 9.49 27.60 -5.95
CA VAL D 148 9.59 28.85 -6.70
C VAL D 148 8.40 28.98 -7.65
N VAL D 149 7.75 27.85 -7.99
CA VAL D 149 6.61 27.89 -8.91
C VAL D 149 5.46 28.70 -8.30
N VAL D 150 5.39 28.78 -6.97
CA VAL D 150 4.43 29.62 -6.28
C VAL D 150 5.12 30.77 -5.55
N ARG D 151 6.33 31.13 -6.01
CA ARG D 151 7.11 32.25 -5.46
C ARG D 151 7.37 32.09 -3.97
N GLU D 152 7.52 30.86 -3.50
CA GLU D 152 7.87 30.59 -2.11
C GLU D 152 9.03 29.62 -2.03
N GLY D 153 9.97 29.77 -2.96
CA GLY D 153 11.14 28.95 -3.01
C GLY D 153 12.09 29.24 -1.86
N ALA D 154 13.07 28.35 -1.71
CA ALA D 154 14.16 28.51 -0.75
C ALA D 154 15.45 28.34 -1.53
N THR D 155 16.21 29.42 -1.71
CA THR D 155 17.34 29.44 -2.65
C THR D 155 18.60 29.92 -1.95
N VAL D 156 19.72 29.23 -2.19
CA VAL D 156 21.04 29.73 -1.82
C VAL D 156 21.90 29.72 -3.07
N TYR D 157 22.93 30.55 -3.05
CA TYR D 157 23.80 30.65 -4.21
C TYR D 157 25.21 30.96 -3.72
N ALA D 158 26.21 30.50 -4.49
CA ALA D 158 27.61 30.81 -4.24
C ALA D 158 28.23 31.33 -5.53
N THR D 159 29.08 32.35 -5.42
CA THR D 159 29.68 33.02 -6.56
C THR D 159 31.03 32.39 -6.91
N GLY D 160 31.31 32.32 -8.20
CA GLY D 160 32.51 31.68 -8.70
C GLY D 160 33.69 32.63 -8.71
N THR D 161 34.80 32.13 -9.26
CA THR D 161 36.06 32.85 -9.18
C THR D 161 36.02 34.17 -9.95
N HIS D 162 35.33 34.18 -11.10
CA HIS D 162 35.31 35.34 -11.99
C HIS D 162 33.96 36.05 -12.02
N ALA D 163 33.04 35.67 -11.14
CA ALA D 163 31.78 36.40 -11.05
C ALA D 163 32.05 37.82 -10.59
N GLN D 164 31.46 38.78 -11.28
CA GLN D 164 31.62 40.15 -10.86
C GLN D 164 30.70 40.44 -9.67
N VAL D 165 30.93 41.57 -9.00
CA VAL D 165 30.19 41.82 -7.78
C VAL D 165 28.73 42.13 -8.08
N GLU D 166 28.46 42.78 -9.22
CA GLU D 166 27.07 42.94 -9.65
C GLU D 166 26.43 41.63 -10.08
N ASP D 167 27.23 40.60 -10.36
CA ASP D 167 26.67 39.32 -10.77
C ASP D 167 25.90 38.69 -9.61
N GLY D 168 26.50 38.69 -8.41
CA GLY D 168 25.80 38.15 -7.26
C GLY D 168 24.62 39.00 -6.86
N ARG D 169 24.78 40.33 -6.91
CA ARG D 169 23.65 41.22 -6.61
C ARG D 169 22.49 40.96 -7.56
N LEU D 170 22.78 40.83 -8.86
CA LEU D 170 21.75 40.55 -9.85
C LEU D 170 21.08 39.21 -9.58
N MET D 171 21.89 38.18 -9.32
CA MET D 171 21.34 36.86 -9.05
CA MET D 171 21.31 36.87 -9.07
C MET D 171 20.43 36.88 -7.82
N GLU D 172 20.87 37.55 -6.76
CA GLU D 172 20.03 37.58 -5.56
C GLU D 172 18.72 38.30 -5.83
N GLN D 173 18.77 39.41 -6.57
CA GLN D 173 17.56 40.12 -6.93
C GLN D 173 16.62 39.23 -7.73
N LEU D 174 17.17 38.46 -8.66
CA LEU D 174 16.35 37.58 -9.49
C LEU D 174 15.71 36.46 -8.68
N LEU D 175 16.51 35.72 -7.91
CA LEU D 175 15.94 34.60 -7.17
C LEU D 175 15.10 35.05 -5.98
N SER D 176 15.28 36.28 -5.50
CA SER D 176 14.43 36.79 -4.43
C SER D 176 13.02 37.08 -4.90
N SER D 177 12.79 37.17 -6.21
CA SER D 177 11.44 37.43 -6.68
C SER D 177 10.56 36.20 -6.62
N VAL D 178 11.14 35.02 -6.38
CA VAL D 178 10.41 33.77 -6.30
C VAL D 178 10.61 33.06 -4.98
N GLY D 179 11.13 33.73 -3.96
CA GLY D 179 11.21 33.17 -2.64
C GLY D 179 12.36 33.74 -1.83
N PHE D 180 12.69 33.04 -0.75
CA PHE D 180 13.86 33.40 0.05
C PHE D 180 15.13 33.19 -0.76
N CYS D 181 16.10 34.11 -0.61
CA CYS D 181 17.37 33.93 -1.28
C CYS D 181 18.49 34.51 -0.43
N THR D 182 19.61 33.79 -0.33
CA THR D 182 20.75 34.33 0.37
C THR D 182 22.03 33.73 -0.19
N GLU D 183 23.12 34.49 -0.11
CA GLU D 183 24.43 33.99 -0.52
C GLU D 183 25.01 33.08 0.57
N VAL D 184 25.72 32.03 0.15
CA VAL D 184 26.43 31.15 1.08
C VAL D 184 27.80 30.82 0.52
N GLU D 185 28.67 30.32 1.40
CA GLU D 185 29.87 29.64 0.96
C GLU D 185 29.48 28.35 0.24
N GLU D 186 30.24 28.00 -0.80
CA GLU D 186 29.87 26.83 -1.59
C GLU D 186 29.85 25.56 -0.74
N ASP D 187 30.68 25.48 0.30
CA ASP D 187 30.72 24.21 1.01
C ASP D 187 29.47 23.98 1.87
N LEU D 188 28.53 24.92 1.95
CA LEU D 188 27.24 24.65 2.60
C LEU D 188 26.20 24.03 1.69
N ILE D 189 26.44 24.00 0.38
CA ILE D 189 25.33 23.83 -0.55
C ILE D 189 24.82 22.39 -0.58
N ASP D 190 25.72 21.40 -0.45
CA ASP D 190 25.26 20.02 -0.39
C ASP D 190 24.35 19.78 0.82
N ALA D 191 24.65 20.41 1.96
CA ALA D 191 23.79 20.32 3.15
C ALA D 191 22.46 21.04 2.92
N VAL D 192 22.48 22.20 2.28
CA VAL D 192 21.23 22.87 1.91
C VAL D 192 20.40 21.98 1.00
N THR D 193 21.07 21.27 0.08
CA THR D 193 20.37 20.33 -0.79
C THR D 193 19.60 19.31 0.03
N GLY D 194 20.20 18.79 1.11
CA GLY D 194 19.53 17.78 1.90
C GLY D 194 18.36 18.32 2.70
N LEU D 195 18.40 19.62 3.02
CA LEU D 195 17.36 20.25 3.85
C LEU D 195 16.26 20.86 2.99
N SER D 196 16.55 21.99 2.33
CA SER D 196 15.50 22.67 1.58
C SER D 196 15.36 22.19 0.14
N GLY D 197 16.40 21.59 -0.45
CA GLY D 197 16.27 21.06 -1.81
C GLY D 197 15.34 19.86 -1.87
N SER D 198 15.63 18.85 -1.05
CA SER D 198 14.76 17.69 -0.87
C SER D 198 13.56 17.97 0.02
N GLY D 199 13.62 19.01 0.86
CA GLY D 199 12.56 19.37 1.78
C GLY D 199 11.13 19.19 1.32
N PRO D 200 10.78 19.75 0.14
CA PRO D 200 9.39 19.64 -0.32
C PRO D 200 8.90 18.19 -0.41
N ALA D 201 9.74 17.26 -0.86
CA ALA D 201 9.34 15.85 -0.90
C ALA D 201 9.04 15.30 0.49
N TYR D 202 9.81 15.69 1.51
CA TYR D 202 9.49 15.27 2.86
C TYR D 202 8.13 15.80 3.27
N ALA D 203 7.86 17.07 2.95
CA ALA D 203 6.57 17.67 3.31
C ALA D 203 5.42 16.99 2.57
N PHE D 204 5.61 16.67 1.29
CA PHE D 204 4.52 16.02 0.56
C PHE D 204 4.21 14.65 1.15
N THR D 205 5.27 13.91 1.55
CA THR D 205 5.08 12.63 2.24
C THR D 205 4.30 12.82 3.53
N ALA D 206 4.72 13.79 4.36
CA ALA D 206 4.04 14.06 5.62
C ALA D 206 2.58 14.45 5.40
N LEU D 207 2.30 15.27 4.37
CA LEU D 207 0.93 15.71 4.12
C LEU D 207 0.04 14.56 3.65
N ASP D 208 0.57 13.68 2.77
CA ASP D 208 -0.16 12.47 2.39
C ASP D 208 -0.53 11.65 3.63
N ALA D 209 0.44 11.46 4.52
CA ALA D 209 0.23 10.65 5.73
C ALA D 209 -0.72 11.32 6.72
N LEU D 210 -0.54 12.63 6.96
CA LEU D 210 -1.50 13.36 7.79
C LEU D 210 -2.91 13.23 7.24
N ALA D 211 -3.09 13.37 5.93
CA ALA D 211 -4.41 13.17 5.33
C ALA D 211 -4.94 11.77 5.62
N ASP D 212 -4.09 10.74 5.47
CA ASP D 212 -4.53 9.38 5.83
C ASP D 212 -4.99 9.31 7.28
N GLY D 213 -4.26 9.99 8.17
CA GLY D 213 -4.68 10.03 9.56
C GLY D 213 -6.05 10.66 9.72
N GLY D 214 -6.26 11.79 9.03
CA GLY D 214 -7.58 12.41 9.07
C GLY D 214 -8.66 11.49 8.56
N VAL D 215 -8.39 10.79 7.45
CA VAL D 215 -9.37 9.86 6.89
C VAL D 215 -9.64 8.73 7.87
N LYS D 216 -8.59 8.22 8.53
CA LYS D 216 -8.81 7.12 9.47
C LYS D 216 -9.76 7.55 10.58
N MET D 217 -9.70 8.81 10.99
CA MET D 217 -10.52 9.31 12.09
C MET D 217 -11.86 9.88 11.62
N GLY D 218 -12.23 9.71 10.36
CA GLY D 218 -13.57 10.05 9.89
C GLY D 218 -13.69 11.24 8.97
N LEU D 219 -12.59 11.89 8.59
CA LEU D 219 -12.73 13.04 7.70
C LEU D 219 -12.72 12.61 6.23
N PRO D 220 -13.47 13.29 5.37
CA PRO D 220 -13.30 13.10 3.92
C PRO D 220 -11.89 13.46 3.49
N ARG D 221 -11.41 12.75 2.46
CA ARG D 221 -10.02 12.95 2.01
CA ARG D 221 -10.02 12.94 2.00
C ARG D 221 -9.77 14.38 1.56
N ARG D 222 -10.67 14.95 0.75
CA ARG D 222 -10.42 16.31 0.26
C ARG D 222 -10.25 17.29 1.41
N LEU D 223 -11.11 17.19 2.43
CA LEU D 223 -11.00 18.08 3.59
C LEU D 223 -9.73 17.81 4.38
N ALA D 224 -9.40 16.52 4.61
CA ALA D 224 -8.21 16.22 5.40
C ALA D 224 -6.95 16.75 4.73
N VAL D 225 -6.86 16.66 3.40
CA VAL D 225 -5.70 17.21 2.69
C VAL D 225 -5.64 18.73 2.83
N ARG D 226 -6.80 19.40 2.73
CA ARG D 226 -6.84 20.87 2.81
C ARG D 226 -6.40 21.34 4.19
N LEU D 227 -6.96 20.71 5.24
CA LEU D 227 -6.63 21.08 6.62
C LEU D 227 -5.18 20.78 6.95
N GLY D 228 -4.68 19.61 6.53
CA GLY D 228 -3.30 19.27 6.81
C GLY D 228 -2.32 20.24 6.17
N ALA D 229 -2.55 20.58 4.90
CA ALA D 229 -1.69 21.50 4.19
C ALA D 229 -1.77 22.91 4.77
N GLN D 230 -2.99 23.33 5.17
CA GLN D 230 -3.13 24.64 5.79
C GLN D 230 -2.47 24.68 7.16
N ALA D 231 -2.55 23.58 7.92
CA ALA D 231 -1.88 23.52 9.21
C ALA D 231 -0.37 23.68 9.06
N LEU D 232 0.20 22.97 8.09
CA LEU D 232 1.66 23.06 7.87
C LEU D 232 2.08 24.44 7.38
N LEU D 233 1.35 25.00 6.41
CA LEU D 233 1.66 26.34 5.93
C LEU D 233 1.61 27.35 7.06
N GLY D 234 0.54 27.32 7.86
CA GLY D 234 0.39 28.29 8.92
C GLY D 234 1.46 28.15 9.99
N ALA D 235 1.82 26.90 10.32
CA ALA D 235 2.82 26.68 11.36
C ALA D 235 4.17 27.19 10.90
N ALA D 236 4.52 26.93 9.64
CA ALA D 236 5.76 27.41 9.07
C ALA D 236 5.80 28.94 9.03
N LYS D 237 4.67 29.57 8.64
CA LYS D 237 4.64 31.03 8.65
C LYS D 237 4.81 31.56 10.06
N MET D 238 4.20 30.90 11.04
CA MET D 238 4.35 31.34 12.44
C MET D 238 5.80 31.34 12.86
N LEU D 239 6.50 30.25 12.57
CA LEU D 239 7.91 30.13 12.94
C LEU D 239 8.74 31.22 12.27
N LEU D 240 8.51 31.43 10.97
CA LEU D 240 9.27 32.45 10.25
C LEU D 240 9.06 33.84 10.83
N HIS D 241 7.87 34.12 11.39
CA HIS D 241 7.53 35.44 11.92
C HIS D 241 7.77 35.58 13.41
N SER D 242 8.25 34.53 14.08
CA SER D 242 8.43 34.54 15.51
C SER D 242 9.91 34.56 15.84
N GLU D 243 10.28 35.22 16.92
CA GLU D 243 11.64 35.07 17.43
C GLU D 243 11.77 33.89 18.39
N GLN D 244 10.66 33.25 18.75
CA GLN D 244 10.67 32.18 19.73
C GLN D 244 11.18 30.87 19.14
N HIS D 245 11.76 30.05 20.00
CA HIS D 245 12.27 28.76 19.58
C HIS D 245 11.14 27.81 19.18
N PRO D 246 11.38 26.91 18.21
CA PRO D 246 10.36 25.91 17.86
C PRO D 246 9.76 25.17 19.04
N GLY D 247 10.56 24.83 20.05
CA GLY D 247 10.02 24.15 21.22
C GLY D 247 9.08 25.02 22.03
N GLN D 248 9.38 26.32 22.12
CA GLN D 248 8.47 27.22 22.82
C GLN D 248 7.13 27.33 22.11
N LEU D 249 7.14 27.39 20.78
CA LEU D 249 5.88 27.41 20.04
C LEU D 249 5.13 26.11 20.22
N LYS D 250 5.87 25.00 20.29
CA LYS D 250 5.26 23.71 20.60
C LYS D 250 4.58 23.76 21.96
N ASP D 251 5.28 24.31 22.96
CA ASP D 251 4.70 24.43 24.30
C ASP D 251 3.45 25.30 24.32
N ASN D 252 3.41 26.34 23.47
CA ASN D 252 2.21 27.18 23.43
C ASN D 252 0.97 26.39 23.05
N VAL D 253 1.12 25.36 22.22
CA VAL D 253 -0.03 24.57 21.74
C VAL D 253 -0.48 23.56 22.78
N SER D 254 0.47 22.94 23.49
CA SER D 254 0.21 21.75 24.29
C SER D 254 -0.33 22.14 25.67
N SER D 255 -1.61 21.95 25.87
CA SER D 255 -2.17 22.14 27.21
C SER D 255 -1.94 20.89 28.07
N PRO D 256 -1.80 21.08 29.39
CA PRO D 256 -1.55 19.93 30.28
C PRO D 256 -2.63 18.87 30.14
N GLY D 257 -2.20 17.62 29.93
CA GLY D 257 -3.07 16.47 29.84
C GLY D 257 -3.87 16.35 28.55
N GLY D 258 -3.62 17.24 27.60
CA GLY D 258 -4.50 17.40 26.47
C GLY D 258 -4.11 16.58 25.26
N ALA D 259 -4.83 16.83 24.17
CA ALA D 259 -4.73 15.97 23.00
C ALA D 259 -3.37 16.14 22.32
N THR D 260 -2.87 17.36 22.24
CA THR D 260 -1.64 17.58 21.48
C THR D 260 -0.47 16.87 22.14
N ILE D 261 -0.32 17.01 23.46
CA ILE D 261 0.82 16.36 24.12
C ILE D 261 0.71 14.84 24.06
N HIS D 262 -0.52 14.28 24.06
CA HIS D 262 -0.65 12.84 23.82
C HIS D 262 -0.15 12.48 22.42
N ALA D 263 -0.48 13.29 21.41
CA ALA D 263 -0.02 13.00 20.05
C ALA D 263 1.49 13.20 19.92
N LEU D 264 2.06 14.21 20.61
CA LEU D 264 3.51 14.40 20.55
C LEU D 264 4.25 13.20 21.13
N HIS D 265 3.69 12.58 22.17
CA HIS D 265 4.31 11.40 22.76
C HIS D 265 4.41 10.26 21.76
N VAL D 266 3.34 10.00 20.98
CA VAL D 266 3.44 8.88 20.03
C VAL D 266 4.43 9.21 18.91
N LEU D 267 4.57 10.48 18.49
CA LEU D 267 5.66 10.83 17.57
C LEU D 267 7.02 10.51 18.18
N GLU D 268 7.25 10.92 19.44
CA GLU D 268 8.51 10.66 20.11
C GLU D 268 8.79 9.17 20.24
N SER D 269 7.76 8.37 20.57
CA SER D 269 7.98 6.93 20.71
C SER D 269 8.45 6.29 19.41
N GLY D 270 8.06 6.83 18.25
CA GLY D 270 8.58 6.30 17.00
C GLY D 270 9.89 6.93 16.51
N GLY D 271 10.53 7.75 17.33
CA GLY D 271 11.75 8.42 16.87
C GLY D 271 11.53 9.37 15.70
N PHE D 272 10.38 10.05 15.68
CA PHE D 272 10.02 10.99 14.60
C PHE D 272 11.14 11.99 14.29
N ARG D 273 11.71 12.61 15.33
CA ARG D 273 12.80 13.56 15.11
C ARG D 273 13.97 12.90 14.41
N SER D 274 14.35 11.69 14.84
CA SER D 274 15.52 11.04 14.26
C SER D 274 15.34 10.71 12.77
N LEU D 275 14.11 10.40 12.36
CA LEU D 275 13.83 10.08 10.96
C LEU D 275 14.10 11.29 10.06
N LEU D 276 13.69 12.48 10.49
CA LEU D 276 13.94 13.70 9.72
C LEU D 276 15.43 14.04 9.70
N ILE D 277 16.14 13.84 10.82
CA ILE D 277 17.59 14.02 10.81
C ILE D 277 18.21 13.03 9.82
N ASN D 278 17.76 11.77 9.87
CA ASN D 278 18.25 10.74 8.94
C ASN D 278 18.07 11.16 7.49
N ALA D 279 16.94 11.81 7.19
CA ALA D 279 16.61 12.19 5.82
C ALA D 279 17.54 13.29 5.32
N VAL D 280 17.72 14.35 6.11
CA VAL D 280 18.64 15.42 5.70
C VAL D 280 20.02 14.85 5.47
N GLU D 281 20.48 14.00 6.40
CA GLU D 281 21.80 13.40 6.29
C GLU D 281 21.91 12.55 5.03
N ALA D 282 20.91 11.71 4.77
CA ALA D 282 20.99 10.81 3.63
C ALA D 282 21.03 11.58 2.32
N SER D 283 20.24 12.63 2.21
CA SER D 283 20.23 13.42 0.97
C SER D 283 21.55 14.13 0.80
N CYS D 284 22.07 14.73 1.87
CA CYS D 284 23.35 15.41 1.80
C CYS D 284 24.47 14.45 1.39
N ILE D 285 24.51 13.28 2.00
CA ILE D 285 25.57 12.32 1.71
C ILE D 285 25.47 11.82 0.28
N ARG D 286 24.25 11.50 -0.19
CA ARG D 286 24.08 11.07 -1.58
C ARG D 286 24.55 12.15 -2.54
N THR D 287 24.26 13.42 -2.21
CA THR D 287 24.73 14.51 -3.04
C THR D 287 26.24 14.53 -3.10
N ARG D 288 26.90 14.41 -1.93
CA ARG D 288 28.36 14.36 -1.89
C ARG D 288 28.89 13.17 -2.68
N GLU D 289 28.24 12.01 -2.53
CA GLU D 289 28.65 10.77 -3.18
C GLU D 289 28.54 10.86 -4.70
N LEU D 290 27.42 11.40 -5.19
CA LEU D 290 27.25 11.58 -6.64
C LEU D 290 28.39 12.42 -7.21
N GLN D 291 28.77 13.49 -6.53
CA GLN D 291 29.80 14.36 -7.07
C GLN D 291 31.17 13.70 -7.04
N SER D 292 31.45 12.88 -6.02
CA SER D 292 32.73 12.18 -6.00
C SER D 292 32.83 11.18 -7.14
N MET D 293 31.71 10.53 -7.50
CA MET D 293 31.70 9.69 -8.69
C MET D 293 31.96 10.51 -9.94
N ALA D 294 31.36 11.70 -10.02
CA ALA D 294 31.51 12.55 -11.20
C ALA D 294 32.97 12.97 -11.39
N ASP D 295 33.59 13.53 -10.34
CA ASP D 295 34.96 14.02 -10.47
C ASP D 295 35.93 12.89 -10.79
N GLN D 296 35.74 11.72 -10.17
CA GLN D 296 36.58 10.56 -10.45
C GLN D 296 36.33 10.03 -11.86
N PHE E 20 -9.68 -57.73 15.29
CA PHE E 20 -9.00 -56.75 14.44
C PHE E 20 -9.15 -57.13 12.97
N GLN E 21 -9.32 -58.43 12.70
CA GLN E 21 -9.61 -58.87 11.34
C GLN E 21 -11.04 -58.52 10.96
N SER E 22 -12.02 -59.09 11.67
CA SER E 22 -13.42 -58.81 11.40
C SER E 22 -13.80 -57.37 11.69
N MET E 23 -12.90 -56.58 12.28
CA MET E 23 -13.23 -55.22 12.69
C MET E 23 -13.58 -54.34 11.50
N SER E 24 -14.68 -53.60 11.64
CA SER E 24 -15.17 -52.70 10.61
C SER E 24 -15.00 -51.27 11.08
N VAL E 25 -14.46 -50.41 10.20
CA VAL E 25 -14.14 -49.02 10.53
C VAL E 25 -14.91 -48.08 9.61
N GLY E 26 -15.44 -46.99 10.18
CA GLY E 26 -16.09 -45.97 9.39
C GLY E 26 -15.53 -44.59 9.66
N PHE E 27 -15.68 -43.71 8.67
CA PHE E 27 -15.33 -42.30 8.78
C PHE E 27 -16.55 -41.46 8.42
N ILE E 28 -17.00 -40.62 9.35
CA ILE E 28 -17.93 -39.56 9.03
C ILE E 28 -17.11 -38.35 8.59
N GLY E 29 -17.20 -38.01 7.31
CA GLY E 29 -16.32 -37.01 6.74
C GLY E 29 -15.23 -37.65 5.91
N ALA E 30 -15.13 -37.30 4.63
CA ALA E 30 -14.16 -37.94 3.75
C ALA E 30 -13.16 -36.92 3.22
N GLY E 31 -12.47 -36.23 4.13
CA GLY E 31 -11.55 -35.18 3.75
C GLY E 31 -10.11 -35.56 3.99
N GLN E 32 -9.28 -34.58 4.38
CA GLN E 32 -7.85 -34.80 4.46
C GLN E 32 -7.51 -35.84 5.54
N LEU E 33 -8.10 -35.68 6.74
CA LEU E 33 -7.75 -36.59 7.84
C LEU E 33 -8.24 -38.00 7.56
N ALA E 34 -9.44 -38.12 7.00
CA ALA E 34 -9.96 -39.45 6.70
C ALA E 34 -9.09 -40.15 5.66
N PHE E 35 -8.64 -39.42 4.65
CA PHE E 35 -7.72 -40.00 3.68
C PHE E 35 -6.42 -40.43 4.34
N ALA E 36 -5.84 -39.54 5.15
CA ALA E 36 -4.53 -39.82 5.74
C ALA E 36 -4.58 -41.06 6.63
N LEU E 37 -5.60 -41.15 7.50
CA LEU E 37 -5.74 -42.32 8.37
C LEU E 37 -5.99 -43.59 7.57
N ALA E 38 -6.85 -43.51 6.54
CA ALA E 38 -7.16 -44.70 5.75
C ALA E 38 -5.95 -45.15 4.94
N LYS E 39 -5.18 -44.21 4.40
CA LYS E 39 -3.97 -44.59 3.68
C LYS E 39 -2.96 -45.23 4.63
N GLY E 40 -2.78 -44.64 5.82
CA GLY E 40 -1.86 -45.23 6.79
C GLY E 40 -2.31 -46.58 7.29
N PHE E 41 -3.60 -46.71 7.63
CA PHE E 41 -4.12 -48.00 8.10
C PHE E 41 -3.89 -49.09 7.07
N THR E 42 -4.22 -48.82 5.81
CA THR E 42 -4.10 -49.86 4.79
C THR E 42 -2.65 -50.13 4.40
N ALA E 43 -1.80 -49.11 4.43
CA ALA E 43 -0.37 -49.33 4.21
C ALA E 43 0.21 -50.19 5.32
N ALA E 44 -0.23 -49.94 6.56
CA ALA E 44 0.21 -50.75 7.69
C ALA E 44 -0.27 -52.19 7.60
N GLY E 45 -1.29 -52.47 6.78
CA GLY E 45 -1.87 -53.79 6.75
C GLY E 45 -2.68 -54.17 7.97
N VAL E 46 -3.05 -53.22 8.84
CA VAL E 46 -3.91 -53.60 9.95
C VAL E 46 -5.38 -53.64 9.53
N LEU E 47 -5.73 -52.95 8.45
CA LEU E 47 -7.08 -52.96 7.89
C LEU E 47 -6.98 -53.12 6.38
N ALA E 48 -7.84 -53.95 5.82
CA ALA E 48 -8.04 -53.96 4.37
C ALA E 48 -8.96 -52.80 4.00
N ALA E 49 -8.69 -52.19 2.84
CA ALA E 49 -9.45 -51.00 2.45
C ALA E 49 -10.94 -51.28 2.35
N HIS E 50 -11.33 -52.49 1.95
CA HIS E 50 -12.75 -52.81 1.84
C HIS E 50 -13.46 -52.86 3.19
N LYS E 51 -12.71 -52.91 4.30
CA LYS E 51 -13.33 -52.89 5.61
C LYS E 51 -13.50 -51.47 6.15
N ILE E 52 -13.28 -50.47 5.30
CA ILE E 52 -13.42 -49.06 5.68
C ILE E 52 -14.51 -48.45 4.82
N MET E 53 -15.41 -47.69 5.45
CA MET E 53 -16.43 -46.92 4.76
C MET E 53 -16.30 -45.47 5.18
N ALA E 54 -16.41 -44.55 4.22
CA ALA E 54 -16.35 -43.11 4.48
C ALA E 54 -17.49 -42.41 3.76
N SER E 55 -18.02 -41.35 4.39
CA SER E 55 -19.15 -40.61 3.85
C SER E 55 -18.86 -39.11 3.81
N SER E 56 -19.47 -38.45 2.84
CA SER E 56 -19.31 -37.01 2.62
C SER E 56 -20.52 -36.52 1.86
N PRO E 57 -20.96 -35.27 2.09
CA PRO E 57 -22.12 -34.77 1.33
C PRO E 57 -21.78 -34.48 -0.12
N ASP E 58 -20.52 -34.16 -0.41
CA ASP E 58 -20.05 -33.95 -1.78
C ASP E 58 -19.18 -35.15 -2.16
N MET E 59 -19.77 -36.08 -2.93
CA MET E 59 -19.04 -37.25 -3.36
C MET E 59 -18.21 -36.93 -4.61
N ASP E 60 -17.79 -35.68 -4.76
CA ASP E 60 -16.93 -35.26 -5.86
C ASP E 60 -15.64 -34.60 -5.39
N LEU E 61 -15.33 -34.68 -4.10
CA LEU E 61 -14.06 -34.18 -3.59
C LEU E 61 -12.90 -35.03 -4.14
N ALA E 62 -11.70 -34.42 -4.15
CA ALA E 62 -10.51 -35.16 -4.56
C ALA E 62 -10.19 -36.27 -3.56
N THR E 63 -10.28 -35.98 -2.26
CA THR E 63 -10.07 -37.00 -1.25
C THR E 63 -11.08 -38.14 -1.39
N VAL E 64 -12.30 -37.84 -1.79
CA VAL E 64 -13.31 -38.87 -2.01
C VAL E 64 -12.88 -39.81 -3.13
N SER E 65 -12.35 -39.26 -4.22
CA SER E 65 -11.87 -40.09 -5.32
C SER E 65 -10.67 -40.93 -4.89
N ALA E 66 -9.72 -40.28 -4.21
CA ALA E 66 -8.52 -40.98 -3.75
C ALA E 66 -8.87 -42.17 -2.88
N LEU E 67 -9.81 -41.99 -1.94
CA LEU E 67 -10.27 -43.10 -1.12
C LEU E 67 -10.88 -44.20 -1.97
N ARG E 68 -11.66 -43.82 -2.99
CA ARG E 68 -12.28 -44.83 -3.86
C ARG E 68 -11.22 -45.65 -4.59
N LYS E 69 -10.20 -44.98 -5.15
CA LYS E 69 -9.13 -45.71 -5.84
C LYS E 69 -8.43 -46.70 -4.92
N MET E 70 -8.37 -46.40 -3.62
CA MET E 70 -7.75 -47.30 -2.66
C MET E 70 -8.61 -48.53 -2.36
N GLY E 71 -9.88 -48.51 -2.71
CA GLY E 71 -10.78 -49.59 -2.36
C GLY E 71 -11.64 -49.35 -1.16
N VAL E 72 -11.66 -48.12 -0.61
CA VAL E 72 -12.55 -47.79 0.50
C VAL E 72 -13.98 -47.67 -0.01
N LYS E 73 -14.93 -48.15 0.78
CA LYS E 73 -16.34 -48.02 0.44
C LYS E 73 -16.82 -46.60 0.72
N LEU E 74 -17.52 -46.01 -0.25
CA LEU E 74 -17.95 -44.63 -0.13
C LEU E 74 -19.46 -44.51 -0.29
N THR E 75 -20.01 -43.45 0.29
CA THR E 75 -21.46 -43.24 0.34
C THR E 75 -21.71 -41.80 0.72
N PRO E 76 -22.83 -41.21 0.29
CA PRO E 76 -23.20 -39.89 0.79
C PRO E 76 -23.94 -39.90 2.13
N HIS E 77 -24.43 -41.06 2.57
CA HIS E 77 -25.32 -41.14 3.73
C HIS E 77 -24.52 -41.54 4.97
N ASN E 78 -24.48 -40.64 5.96
CA ASN E 78 -23.79 -40.93 7.20
C ASN E 78 -24.43 -42.09 7.95
N LYS E 79 -25.72 -42.33 7.73
CA LYS E 79 -26.37 -43.48 8.35
C LYS E 79 -25.76 -44.78 7.84
N GLU E 80 -25.46 -44.86 6.55
CA GLU E 80 -24.86 -46.08 6.01
C GLU E 80 -23.46 -46.30 6.57
N THR E 81 -22.74 -45.22 6.86
CA THR E 81 -21.43 -45.36 7.49
C THR E 81 -21.58 -45.96 8.89
N VAL E 82 -22.58 -45.50 9.64
CA VAL E 82 -22.76 -45.96 11.01
C VAL E 82 -23.15 -47.44 11.05
N GLN E 83 -24.09 -47.84 10.20
CA GLN E 83 -24.57 -49.22 10.23
C GLN E 83 -23.48 -50.22 9.86
N HIS E 84 -22.48 -49.77 9.08
CA HIS E 84 -21.36 -50.61 8.68
C HIS E 84 -20.30 -50.74 9.77
N SER E 85 -20.12 -49.72 10.59
CA SER E 85 -18.90 -49.60 11.37
C SER E 85 -19.04 -50.21 12.76
N ASP E 86 -17.92 -50.76 13.24
CA ASP E 86 -17.71 -50.98 14.67
C ASP E 86 -17.04 -49.76 15.29
N VAL E 87 -15.87 -49.41 14.79
CA VAL E 87 -15.15 -48.20 15.19
C VAL E 87 -15.55 -47.08 14.24
N LEU E 88 -16.10 -46.00 14.80
CA LEU E 88 -16.63 -44.87 14.05
C LEU E 88 -15.77 -43.64 14.34
N PHE E 89 -15.04 -43.17 13.34
CA PHE E 89 -14.24 -41.95 13.43
C PHE E 89 -15.06 -40.75 12.99
N LEU E 90 -15.09 -39.70 13.82
CA LEU E 90 -15.68 -38.43 13.43
C LEU E 90 -14.58 -37.54 12.85
N ALA E 91 -14.62 -37.32 11.54
CA ALA E 91 -13.57 -36.57 10.86
C ALA E 91 -14.17 -35.42 10.08
N VAL E 92 -15.12 -34.71 10.69
CA VAL E 92 -15.68 -33.49 10.13
C VAL E 92 -15.14 -32.30 10.92
N LYS E 93 -15.31 -31.11 10.35
CA LYS E 93 -14.87 -29.89 11.02
C LYS E 93 -15.58 -29.75 12.36
N PRO E 94 -14.92 -29.11 13.35
CA PRO E 94 -15.50 -29.08 14.71
C PRO E 94 -16.90 -28.50 14.80
N HIS E 95 -17.22 -27.42 14.07
CA HIS E 95 -18.58 -26.90 14.13
C HIS E 95 -19.62 -27.84 13.54
N ILE E 96 -19.20 -28.86 12.78
CA ILE E 96 -20.13 -29.82 12.20
C ILE E 96 -20.47 -30.97 13.14
N ILE E 97 -19.60 -31.25 14.12
CA ILE E 97 -19.83 -32.37 15.04
C ILE E 97 -21.24 -32.39 15.63
N PRO E 98 -21.79 -31.28 16.17
CA PRO E 98 -23.14 -31.38 16.75
C PRO E 98 -24.22 -31.75 15.75
N PHE E 99 -24.10 -31.29 14.50
CA PHE E 99 -25.11 -31.64 13.50
C PHE E 99 -25.02 -33.12 13.13
N ILE E 100 -23.81 -33.67 13.10
CA ILE E 100 -23.66 -35.09 12.79
C ILE E 100 -24.19 -35.94 13.93
N LEU E 101 -23.90 -35.54 15.17
CA LEU E 101 -24.36 -36.32 16.32
C LEU E 101 -25.88 -36.34 16.40
N ASP E 102 -26.54 -35.26 15.97
CA ASP E 102 -27.99 -35.24 15.95
C ASP E 102 -28.55 -36.05 14.79
N GLU E 103 -27.80 -36.22 13.71
CA GLU E 103 -28.29 -36.99 12.56
C GLU E 103 -28.17 -38.49 12.79
N ILE E 104 -27.13 -38.94 13.50
CA ILE E 104 -26.85 -40.36 13.66
C ILE E 104 -27.07 -40.84 15.09
N GLY E 105 -27.36 -39.94 16.04
CA GLY E 105 -27.46 -40.34 17.43
C GLY E 105 -28.40 -41.50 17.65
N ALA E 106 -29.54 -41.50 16.96
CA ALA E 106 -30.49 -42.61 17.05
C ALA E 106 -29.94 -43.90 16.46
N ASP E 107 -28.84 -43.84 15.71
CA ASP E 107 -28.30 -45.01 15.03
C ASP E 107 -27.13 -45.65 15.77
N ILE E 108 -26.66 -45.05 16.87
CA ILE E 108 -25.59 -45.64 17.66
C ILE E 108 -26.11 -46.88 18.39
N GLU E 109 -25.33 -47.95 18.38
CA GLU E 109 -25.67 -49.20 19.05
C GLU E 109 -24.68 -49.43 20.20
N ASP E 110 -24.96 -50.48 20.98
CA ASP E 110 -24.08 -50.84 22.08
C ASP E 110 -22.68 -51.19 21.60
N ARG E 111 -22.56 -51.70 20.38
CA ARG E 111 -21.29 -52.18 19.84
C ARG E 111 -20.35 -51.06 19.39
N HIS E 112 -20.84 -49.83 19.25
CA HIS E 112 -20.06 -48.77 18.60
C HIS E 112 -19.03 -48.17 19.55
N ILE E 113 -17.85 -47.90 19.01
CA ILE E 113 -16.88 -47.00 19.64
C ILE E 113 -16.82 -45.76 18.78
N VAL E 114 -17.23 -44.62 19.32
CA VAL E 114 -17.19 -43.36 18.58
C VAL E 114 -15.88 -42.67 18.91
N VAL E 115 -15.07 -42.40 17.89
CA VAL E 115 -13.76 -41.78 18.05
C VAL E 115 -13.82 -40.39 17.41
N SER E 116 -13.89 -39.36 18.23
CA SER E 116 -13.88 -38.00 17.71
C SER E 116 -12.43 -37.56 17.47
N CYS E 117 -12.14 -37.16 16.25
CA CYS E 117 -10.86 -36.54 15.91
C CYS E 117 -10.91 -35.02 15.90
N ALA E 118 -12.06 -34.43 16.18
CA ALA E 118 -12.23 -33.00 15.94
C ALA E 118 -11.44 -32.18 16.96
N ALA E 119 -10.70 -31.20 16.47
CA ALA E 119 -9.97 -30.31 17.37
C ALA E 119 -10.94 -29.63 18.31
N GLY E 120 -10.60 -29.63 19.60
CA GLY E 120 -11.31 -28.86 20.61
C GLY E 120 -12.55 -29.50 21.22
N VAL E 121 -13.23 -30.39 20.49
CA VAL E 121 -14.54 -30.87 20.92
C VAL E 121 -14.36 -31.82 22.10
N THR E 122 -15.03 -31.51 23.20
CA THR E 122 -14.89 -32.24 24.44
C THR E 122 -15.68 -33.55 24.43
N ILE E 123 -15.16 -34.54 25.18
CA ILE E 123 -15.89 -35.78 25.41
C ILE E 123 -17.25 -35.48 26.03
N SER E 124 -17.29 -34.49 26.91
CA SER E 124 -18.55 -34.13 27.58
C SER E 124 -19.61 -33.74 26.57
N SER E 125 -19.25 -32.90 25.60
CA SER E 125 -20.25 -32.41 24.65
C SER E 125 -20.73 -33.53 23.73
N ILE E 126 -19.85 -34.48 23.39
CA ILE E 126 -20.26 -35.60 22.55
C ILE E 126 -21.17 -36.55 23.31
N GLU E 127 -20.79 -36.89 24.53
CA GLU E 127 -21.56 -37.85 25.31
C GLU E 127 -22.94 -37.30 25.66
N LYS E 128 -23.05 -35.98 25.84
CA LYS E 128 -24.34 -35.37 26.16
C LYS E 128 -25.32 -35.50 25.00
N LYS E 129 -24.86 -35.17 23.77
CA LYS E 129 -25.71 -35.30 22.59
C LYS E 129 -26.14 -36.75 22.37
N LEU E 130 -25.19 -37.68 22.43
CA LEU E 130 -25.52 -39.07 22.12
C LEU E 130 -26.34 -39.73 23.23
N SER E 131 -26.16 -39.30 24.49
CA SER E 131 -26.90 -39.91 25.59
C SER E 131 -28.38 -39.55 25.56
N ALA E 132 -28.76 -38.51 24.82
CA ALA E 132 -30.16 -38.19 24.65
C ALA E 132 -30.89 -39.26 23.83
N PHE E 133 -30.16 -40.02 23.01
CA PHE E 133 -30.74 -41.05 22.17
C PHE E 133 -30.64 -42.44 22.79
N ARG E 134 -29.53 -42.76 23.43
CA ARG E 134 -29.27 -44.07 24.02
C ARG E 134 -28.18 -43.92 25.06
N PRO E 135 -28.40 -44.36 26.30
CA PRO E 135 -27.40 -44.13 27.34
C PRO E 135 -26.13 -44.93 27.10
N ALA E 136 -25.07 -44.51 27.78
CA ALA E 136 -23.75 -45.13 27.80
C ALA E 136 -23.08 -45.22 26.44
N PRO E 137 -23.03 -44.15 25.64
CA PRO E 137 -22.21 -44.21 24.42
C PRO E 137 -20.74 -44.37 24.77
N ARG E 138 -20.04 -45.20 23.99
CA ARG E 138 -18.61 -45.43 24.15
C ARG E 138 -17.86 -44.41 23.29
N VAL E 139 -17.26 -43.41 23.94
CA VAL E 139 -16.62 -42.31 23.24
C VAL E 139 -15.15 -42.29 23.62
N ILE E 140 -14.29 -42.11 22.62
CA ILE E 140 -12.88 -41.79 22.78
C ILE E 140 -12.62 -40.51 22.00
N ARG E 141 -11.82 -39.61 22.57
CA ARG E 141 -11.40 -38.41 21.86
C ARG E 141 -9.92 -38.56 21.52
N CYS E 142 -9.54 -38.18 20.30
CA CYS E 142 -8.14 -38.26 19.91
C CYS E 142 -7.70 -36.97 19.23
N MET E 143 -6.38 -36.75 19.21
CA MET E 143 -5.75 -35.70 18.44
C MET E 143 -4.57 -36.34 17.72
N THR E 144 -4.52 -36.19 16.41
CA THR E 144 -3.49 -36.85 15.61
C THR E 144 -2.93 -35.77 14.67
N ASN E 145 -2.26 -36.18 13.60
CA ASN E 145 -1.79 -35.22 12.60
C ASN E 145 -1.65 -35.94 11.26
N THR E 146 -1.46 -35.15 10.20
CA THR E 146 -1.52 -35.70 8.85
C THR E 146 -0.41 -36.72 8.55
N PRO E 147 0.77 -36.70 9.24
CA PRO E 147 1.80 -37.71 8.95
C PRO E 147 1.42 -39.17 9.21
N VAL E 148 0.22 -39.44 9.73
CA VAL E 148 -0.28 -40.82 9.72
C VAL E 148 -0.33 -41.34 8.29
N VAL E 149 -0.42 -40.44 7.30
CA VAL E 149 -0.44 -40.84 5.90
C VAL E 149 0.86 -41.54 5.49
N VAL E 150 1.96 -41.29 6.21
CA VAL E 150 3.22 -42.00 6.01
C VAL E 150 3.60 -42.84 7.22
N ARG E 151 2.61 -43.19 8.06
CA ARG E 151 2.82 -44.05 9.22
C ARG E 151 3.80 -43.44 10.22
N GLU E 152 3.88 -42.12 10.28
CA GLU E 152 4.72 -41.44 11.27
C GLU E 152 3.94 -40.35 11.99
N GLY E 153 2.68 -40.63 12.30
CA GLY E 153 1.86 -39.67 13.00
C GLY E 153 2.22 -39.57 14.45
N ALA E 154 1.63 -38.56 15.11
CA ALA E 154 1.75 -38.38 16.56
C ALA E 154 0.33 -38.26 17.11
N THR E 155 -0.10 -39.25 17.89
CA THR E 155 -1.49 -39.34 18.30
C THR E 155 -1.61 -39.49 19.81
N VAL E 156 -2.53 -38.75 20.40
CA VAL E 156 -2.92 -38.97 21.79
C VAL E 156 -4.41 -39.22 21.82
N TYR E 157 -4.85 -39.94 22.85
CA TYR E 157 -6.28 -40.19 22.98
C TYR E 157 -6.69 -40.19 24.46
N ALA E 158 -7.96 -39.84 24.70
CA ALA E 158 -8.55 -39.89 26.04
C ALA E 158 -9.86 -40.67 25.99
N THR E 159 -10.08 -41.53 26.99
CA THR E 159 -11.25 -42.38 27.04
C THR E 159 -12.38 -41.74 27.83
N GLY E 160 -13.61 -41.96 27.36
CA GLY E 160 -14.78 -41.33 27.92
C GLY E 160 -15.38 -42.12 29.05
N THR E 161 -16.52 -41.61 29.53
CA THR E 161 -17.15 -42.14 30.74
C THR E 161 -17.47 -43.63 30.61
N HIS E 162 -17.92 -44.06 29.43
CA HIS E 162 -18.45 -45.39 29.23
C HIS E 162 -17.56 -46.26 28.35
N ALA E 163 -16.43 -45.74 27.88
CA ALA E 163 -15.48 -46.55 27.15
C ALA E 163 -14.96 -47.68 28.03
N GLN E 164 -14.96 -48.90 27.50
CA GLN E 164 -14.43 -50.01 28.27
C GLN E 164 -12.90 -49.98 28.25
N VAL E 165 -12.30 -50.73 29.17
CA VAL E 165 -10.83 -50.78 29.23
C VAL E 165 -10.26 -51.30 27.92
N GLU E 166 -10.92 -52.30 27.32
CA GLU E 166 -10.41 -52.82 26.05
C GLU E 166 -10.64 -51.86 24.89
N ASP E 167 -11.55 -50.89 25.05
CA ASP E 167 -11.72 -49.87 24.01
C ASP E 167 -10.47 -49.02 23.89
N GLY E 168 -9.87 -48.65 25.03
CA GLY E 168 -8.63 -47.90 24.97
C GLY E 168 -7.49 -48.69 24.36
N ARG E 169 -7.43 -49.99 24.68
CA ARG E 169 -6.37 -50.84 24.14
C ARG E 169 -6.53 -51.04 22.64
N LEU E 170 -7.76 -51.33 22.18
CA LEU E 170 -8.04 -51.44 20.74
C LEU E 170 -7.59 -50.16 20.02
N MET E 171 -8.01 -49.01 20.53
CA MET E 171 -7.69 -47.74 19.91
CA MET E 171 -7.68 -47.78 19.85
C MET E 171 -6.19 -47.52 19.84
N GLU E 172 -5.49 -47.79 20.95
CA GLU E 172 -4.05 -47.60 20.94
C GLU E 172 -3.37 -48.57 20.00
N GLN E 173 -3.90 -49.79 19.85
CA GLN E 173 -3.33 -50.74 18.91
C GLN E 173 -3.53 -50.28 17.48
N LEU E 174 -4.71 -49.75 17.17
CA LEU E 174 -4.98 -49.25 15.81
C LEU E 174 -4.11 -48.03 15.48
N LEU E 175 -4.05 -47.05 16.37
CA LEU E 175 -3.36 -45.81 16.04
C LEU E 175 -1.85 -45.97 16.09
N SER E 176 -1.36 -46.92 16.90
CA SER E 176 0.08 -47.20 16.92
C SER E 176 0.58 -47.74 15.58
N SER E 177 -0.31 -48.27 14.74
CA SER E 177 0.11 -48.81 13.46
C SER E 177 0.52 -47.71 12.50
N VAL E 178 0.12 -46.46 12.76
CA VAL E 178 0.44 -45.35 11.87
C VAL E 178 1.29 -44.27 12.56
N GLY E 179 1.90 -44.57 13.71
CA GLY E 179 2.77 -43.61 14.37
C GLY E 179 2.80 -43.81 15.88
N PHE E 180 3.35 -42.81 16.55
CA PHE E 180 3.36 -42.78 18.01
C PHE E 180 1.93 -42.62 18.52
N CYS E 181 1.60 -43.37 19.58
CA CYS E 181 0.27 -43.24 20.18
C CYS E 181 0.34 -43.47 21.69
N THR E 182 -0.27 -42.59 22.48
CA THR E 182 -0.32 -42.81 23.92
C THR E 182 -1.59 -42.20 24.49
N GLU E 183 -2.05 -42.78 25.58
CA GLU E 183 -3.21 -42.26 26.31
C GLU E 183 -2.82 -41.03 27.12
N VAL E 184 -3.72 -40.03 27.16
CA VAL E 184 -3.55 -38.84 28.00
C VAL E 184 -4.87 -38.53 28.70
N GLU E 185 -4.78 -37.76 29.79
CA GLU E 185 -5.95 -37.07 30.32
C GLU E 185 -6.46 -36.07 29.28
N GLU E 186 -7.79 -35.92 29.22
CA GLU E 186 -8.37 -35.04 28.20
C GLU E 186 -7.88 -33.61 28.34
N ASP E 187 -7.58 -33.15 29.56
CA ASP E 187 -7.22 -31.74 29.67
C ASP E 187 -5.85 -31.42 29.07
N LEU E 188 -5.10 -32.41 28.59
CA LEU E 188 -3.88 -32.13 27.85
C LEU E 188 -4.09 -31.99 26.35
N ILE E 189 -5.28 -32.31 25.83
CA ILE E 189 -5.37 -32.52 24.37
C ILE E 189 -5.27 -31.20 23.61
N ASP E 190 -5.81 -30.11 24.16
CA ASP E 190 -5.72 -28.82 23.47
C ASP E 190 -4.26 -28.35 23.35
N ALA E 191 -3.42 -28.62 24.36
CA ALA E 191 -2.00 -28.30 24.26
C ALA E 191 -1.29 -29.22 23.26
N VAL E 192 -1.67 -30.49 23.22
CA VAL E 192 -1.13 -31.41 22.22
C VAL E 192 -1.48 -30.92 20.83
N THR E 193 -2.70 -30.43 20.67
CA THR E 193 -3.13 -29.87 19.40
C THR E 193 -2.16 -28.77 18.94
N GLY E 194 -1.77 -27.90 19.87
CA GLY E 194 -0.88 -26.80 19.51
C GLY E 194 0.55 -27.23 19.19
N LEU E 195 0.96 -28.38 19.70
CA LEU E 195 2.32 -28.87 19.49
C LEU E 195 2.37 -29.84 18.29
N SER E 196 1.83 -31.06 18.44
CA SER E 196 1.93 -32.01 17.35
C SER E 196 0.80 -31.90 16.33
N GLY E 197 -0.37 -31.35 16.70
CA GLY E 197 -1.43 -31.18 15.73
C GLY E 197 -1.08 -30.17 14.66
N SER E 198 -0.70 -28.95 15.08
CA SER E 198 -0.25 -27.92 14.16
C SER E 198 1.22 -28.08 13.76
N GLY E 199 1.99 -28.89 14.50
CA GLY E 199 3.40 -29.07 14.25
C GLY E 199 3.86 -29.22 12.82
N PRO E 200 3.21 -30.10 12.04
CA PRO E 200 3.66 -30.30 10.66
C PRO E 200 3.67 -29.00 9.88
N ALA E 201 2.69 -28.14 10.11
CA ALA E 201 2.67 -26.85 9.42
C ALA E 201 3.89 -26.00 9.77
N TYR E 202 4.32 -26.01 11.05
CA TYR E 202 5.54 -25.28 11.40
C TYR E 202 6.73 -25.86 10.66
N ALA E 203 6.81 -27.19 10.56
CA ALA E 203 7.92 -27.82 9.85
C ALA E 203 7.89 -27.53 8.35
N PHE E 204 6.71 -27.55 7.73
CA PHE E 204 6.63 -27.23 6.30
C PHE E 204 7.10 -25.80 6.02
N THR E 205 6.69 -24.85 6.89
CA THR E 205 7.17 -23.48 6.80
C THR E 205 8.69 -23.43 6.94
N ALA E 206 9.22 -24.11 7.96
CA ALA E 206 10.66 -24.12 8.17
C ALA E 206 11.40 -24.73 6.98
N LEU E 207 10.83 -25.80 6.37
CA LEU E 207 11.51 -26.46 5.26
C LEU E 207 11.49 -25.60 3.99
N ASP E 208 10.39 -24.87 3.76
CA ASP E 208 10.37 -23.91 2.65
C ASP E 208 11.48 -22.87 2.82
N ALA E 209 11.59 -22.30 4.03
CA ALA E 209 12.58 -21.26 4.31
C ALA E 209 14.00 -21.82 4.21
N LEU E 210 14.23 -22.99 4.80
CA LEU E 210 15.56 -23.59 4.71
C LEU E 210 15.95 -23.83 3.26
N ALA E 211 15.00 -24.27 2.44
CA ALA E 211 15.29 -24.41 1.01
C ALA E 211 15.61 -23.06 0.36
N ASP E 212 14.88 -22.01 0.73
CA ASP E 212 15.20 -20.67 0.24
C ASP E 212 16.63 -20.28 0.61
N GLY E 213 17.07 -20.62 1.83
CA GLY E 213 18.44 -20.33 2.23
C GLY E 213 19.46 -21.09 1.39
N GLY E 214 19.22 -22.38 1.16
CA GLY E 214 20.11 -23.13 0.28
C GLY E 214 20.16 -22.55 -1.13
N VAL E 215 19.00 -22.15 -1.64
CA VAL E 215 18.95 -21.51 -2.96
C VAL E 215 19.75 -20.21 -2.96
N LYS E 216 19.60 -19.40 -1.90
CA LYS E 216 20.35 -18.14 -1.83
C LYS E 216 21.86 -18.41 -1.92
N MET E 217 22.33 -19.48 -1.30
CA MET E 217 23.76 -19.80 -1.29
C MET E 217 24.19 -20.65 -2.49
N GLY E 218 23.32 -20.83 -3.48
CA GLY E 218 23.74 -21.45 -4.73
C GLY E 218 23.24 -22.84 -5.01
N LEU E 219 22.37 -23.42 -4.17
CA LEU E 219 21.90 -24.77 -4.47
C LEU E 219 20.67 -24.76 -5.36
N PRO E 220 20.55 -25.68 -6.30
CA PRO E 220 19.26 -25.88 -6.99
C PRO E 220 18.14 -26.15 -6.00
N ARG E 221 16.94 -25.66 -6.32
CA ARG E 221 15.81 -25.72 -5.41
CA ARG E 221 15.84 -25.73 -5.37
C ARG E 221 15.48 -27.16 -5.03
N ARG E 222 15.42 -28.05 -6.02
CA ARG E 222 15.06 -29.45 -5.73
C ARG E 222 16.04 -30.06 -4.73
N LEU E 223 17.34 -29.84 -4.93
CA LEU E 223 18.33 -30.41 -4.03
C LEU E 223 18.22 -29.80 -2.64
N ALA E 224 17.99 -28.48 -2.57
CA ALA E 224 17.85 -27.82 -1.27
C ALA E 224 16.67 -28.36 -0.48
N VAL E 225 15.52 -28.58 -1.15
CA VAL E 225 14.34 -29.12 -0.45
C VAL E 225 14.65 -30.51 0.12
N ARG E 226 15.29 -31.35 -0.68
CA ARG E 226 15.59 -32.72 -0.30
C ARG E 226 16.57 -32.76 0.87
N LEU E 227 17.63 -31.97 0.78
CA LEU E 227 18.61 -31.89 1.86
C LEU E 227 18.00 -31.34 3.13
N GLY E 228 17.19 -30.30 3.01
CA GLY E 228 16.57 -29.72 4.19
C GLY E 228 15.65 -30.71 4.88
N ALA E 229 14.78 -31.35 4.09
CA ALA E 229 13.85 -32.33 4.64
C ALA E 229 14.59 -33.51 5.26
N GLN E 230 15.63 -34.01 4.57
CA GLN E 230 16.40 -35.13 5.10
C GLN E 230 17.08 -34.76 6.41
N ALA E 231 17.60 -33.54 6.50
CA ALA E 231 18.26 -33.08 7.72
C ALA E 231 17.27 -33.05 8.89
N LEU E 232 16.09 -32.52 8.67
CA LEU E 232 15.13 -32.43 9.78
C LEU E 232 14.63 -33.82 10.18
N LEU E 233 14.40 -34.70 9.20
CA LEU E 233 14.01 -36.07 9.52
C LEU E 233 15.08 -36.78 10.33
N GLY E 234 16.34 -36.77 9.84
CA GLY E 234 17.40 -37.45 10.58
C GLY E 234 17.57 -36.90 11.98
N ALA E 235 17.47 -35.57 12.14
CA ALA E 235 17.65 -34.95 13.45
C ALA E 235 16.55 -35.36 14.40
N ALA E 236 15.31 -35.34 13.91
CA ALA E 236 14.18 -35.82 14.72
C ALA E 236 14.38 -37.29 15.11
N LYS E 237 14.82 -38.13 14.17
CA LYS E 237 15.04 -39.54 14.51
C LYS E 237 16.15 -39.67 15.56
N MET E 238 17.22 -38.87 15.45
CA MET E 238 18.28 -38.93 16.44
C MET E 238 17.76 -38.66 17.85
N LEU E 239 16.96 -37.61 17.99
CA LEU E 239 16.47 -37.24 19.30
C LEU E 239 15.57 -38.32 19.87
N LEU E 240 14.71 -38.91 19.02
CA LEU E 240 13.81 -39.96 19.49
C LEU E 240 14.58 -41.20 19.91
N HIS E 241 15.76 -41.46 19.32
CA HIS E 241 16.55 -42.63 19.67
C HIS E 241 17.61 -42.36 20.73
N SER E 242 17.74 -41.12 21.21
CA SER E 242 18.72 -40.72 22.19
C SER E 242 18.05 -40.52 23.55
N GLU E 243 18.78 -40.80 24.63
CA GLU E 243 18.32 -40.35 25.93
C GLU E 243 18.80 -38.94 26.25
N GLN E 244 19.71 -38.40 25.44
CA GLN E 244 20.34 -37.12 25.72
C GLN E 244 19.41 -35.94 25.47
N HIS E 245 19.67 -34.86 26.19
CA HIS E 245 18.89 -33.65 26.06
C HIS E 245 19.13 -33.04 24.68
N PRO E 246 18.10 -32.43 24.07
CA PRO E 246 18.32 -31.76 22.77
C PRO E 246 19.43 -30.72 22.80
N GLY E 247 19.61 -30.04 23.94
CA GLY E 247 20.75 -29.14 24.06
C GLY E 247 22.08 -29.87 24.00
N GLN E 248 22.14 -31.07 24.59
CA GLN E 248 23.36 -31.87 24.52
C GLN E 248 23.64 -32.29 23.08
N LEU E 249 22.62 -32.77 22.36
CA LEU E 249 22.81 -33.12 20.96
C LEU E 249 23.24 -31.91 20.14
N LYS E 250 22.66 -30.74 20.44
CA LYS E 250 23.10 -29.50 19.82
C LYS E 250 24.58 -29.23 20.12
N ASP E 251 24.99 -29.41 21.39
CA ASP E 251 26.39 -29.23 21.75
C ASP E 251 27.31 -30.16 20.95
N ASN E 252 26.89 -31.41 20.73
CA ASN E 252 27.67 -32.37 19.96
C ASN E 252 27.93 -31.91 18.53
N VAL E 253 26.99 -31.18 17.92
CA VAL E 253 27.14 -30.82 16.52
C VAL E 253 28.09 -29.63 16.34
N SER E 254 28.14 -28.71 17.29
CA SER E 254 28.79 -27.41 17.07
C SER E 254 30.26 -27.47 17.49
N SER E 255 31.15 -27.45 16.51
CA SER E 255 32.56 -27.37 16.84
C SER E 255 32.97 -25.94 17.19
N PRO E 256 33.96 -25.78 18.07
CA PRO E 256 34.36 -24.43 18.48
C PRO E 256 34.78 -23.58 17.30
N GLY E 257 34.27 -22.35 17.27
CA GLY E 257 34.55 -21.38 16.22
C GLY E 257 33.91 -21.69 14.89
N GLY E 258 33.17 -22.80 14.78
CA GLY E 258 32.78 -23.35 13.51
C GLY E 258 31.52 -22.77 12.89
N ALA E 259 31.13 -23.37 11.76
CA ALA E 259 30.02 -22.85 10.97
C ALA E 259 28.71 -22.95 11.73
N THR E 260 28.50 -24.06 12.42
CA THR E 260 27.21 -24.30 13.07
C THR E 260 26.94 -23.30 14.20
N ILE E 261 27.92 -23.10 15.09
CA ILE E 261 27.70 -22.17 16.19
C ILE E 261 27.51 -20.72 15.70
N HIS E 262 28.13 -20.34 14.55
CA HIS E 262 27.85 -19.05 13.94
C HIS E 262 26.39 -18.96 13.47
N ALA E 263 25.85 -20.03 12.90
CA ALA E 263 24.46 -19.99 12.45
C ALA E 263 23.51 -20.03 13.63
N LEU E 264 23.83 -20.82 14.67
CA LEU E 264 23.01 -20.82 15.88
C LEU E 264 22.92 -19.43 16.50
N HIS E 265 24.00 -18.65 16.45
CA HIS E 265 23.93 -17.31 17.02
C HIS E 265 22.91 -16.45 16.26
N VAL E 266 22.89 -16.51 14.92
CA VAL E 266 21.94 -15.64 14.24
C VAL E 266 20.50 -16.09 14.51
N LEU E 267 20.26 -17.40 14.67
CA LEU E 267 18.93 -17.85 15.12
C LEU E 267 18.56 -17.22 16.46
N GLU E 268 19.46 -17.32 17.46
CA GLU E 268 19.22 -16.74 18.77
C GLU E 268 18.95 -15.23 18.70
N SER E 269 19.73 -14.50 17.90
CA SER E 269 19.55 -13.04 17.85
C SER E 269 18.19 -12.65 17.32
N GLY E 270 17.54 -13.53 16.53
CA GLY E 270 16.17 -13.29 16.11
C GLY E 270 15.11 -13.83 17.06
N GLY E 271 15.49 -14.40 18.20
CA GLY E 271 14.50 -14.96 19.09
C GLY E 271 13.81 -16.17 18.52
N PHE E 272 14.52 -16.98 17.72
CA PHE E 272 13.99 -18.20 17.12
C PHE E 272 13.19 -19.05 18.10
N ARG E 273 13.78 -19.34 19.27
CA ARG E 273 13.13 -20.19 20.26
C ARG E 273 11.79 -19.61 20.66
N SER E 274 11.75 -18.30 20.91
CA SER E 274 10.52 -17.67 21.38
C SER E 274 9.42 -17.73 20.33
N LEU E 275 9.79 -17.76 19.05
CA LEU E 275 8.78 -17.81 17.99
C LEU E 275 8.04 -19.14 17.99
N LEU E 276 8.79 -20.25 18.20
CA LEU E 276 8.16 -21.56 18.30
C LEU E 276 7.33 -21.69 19.56
N ILE E 277 7.80 -21.13 20.70
CA ILE E 277 6.95 -21.09 21.89
C ILE E 277 5.66 -20.31 21.59
N ASN E 278 5.79 -19.14 20.99
CA ASN E 278 4.63 -18.34 20.60
C ASN E 278 3.65 -19.18 19.78
N ALA E 279 4.16 -19.99 18.87
CA ALA E 279 3.32 -20.75 17.94
C ALA E 279 2.51 -21.83 18.68
N VAL E 280 3.16 -22.63 19.53
CA VAL E 280 2.42 -23.64 20.31
C VAL E 280 1.35 -22.97 21.17
N GLU E 281 1.74 -21.89 21.83
CA GLU E 281 0.80 -21.17 22.68
C GLU E 281 -0.39 -20.66 21.88
N ALA E 282 -0.12 -20.02 20.73
CA ALA E 282 -1.20 -19.44 19.92
C ALA E 282 -2.16 -20.52 19.41
N SER E 283 -1.63 -21.65 18.94
CA SER E 283 -2.51 -22.73 18.48
C SER E 283 -3.34 -23.30 19.62
N CYS E 284 -2.72 -23.52 20.80
CA CYS E 284 -3.48 -24.05 21.93
C CYS E 284 -4.56 -23.05 22.37
N ILE E 285 -4.20 -21.77 22.45
CA ILE E 285 -5.16 -20.77 22.89
C ILE E 285 -6.31 -20.64 21.89
N ARG E 286 -6.01 -20.67 20.59
CA ARG E 286 -7.09 -20.63 19.60
C ARG E 286 -7.98 -21.86 19.70
N THR E 287 -7.39 -23.04 19.95
CA THR E 287 -8.18 -24.25 20.13
C THR E 287 -9.14 -24.10 21.31
N ARG E 288 -8.66 -23.55 22.44
CA ARG E 288 -9.52 -23.32 23.59
C ARG E 288 -10.61 -22.30 23.30
N GLU E 289 -10.26 -21.24 22.56
CA GLU E 289 -11.20 -20.17 22.22
C GLU E 289 -12.33 -20.68 21.33
N LEU E 290 -12.01 -21.54 20.37
CA LEU E 290 -13.03 -22.08 19.49
C LEU E 290 -14.02 -22.96 20.25
N GLN E 291 -13.54 -23.73 21.21
CA GLN E 291 -14.44 -24.60 21.96
C GLN E 291 -15.32 -23.80 22.91
N SER E 292 -14.78 -22.74 23.51
CA SER E 292 -15.62 -21.87 24.32
C SER E 292 -16.73 -21.23 23.48
N MET E 293 -16.45 -20.93 22.20
CA MET E 293 -17.49 -20.40 21.33
C MET E 293 -18.51 -21.47 20.98
N ALA E 294 -18.08 -22.73 20.77
CA ALA E 294 -19.04 -23.81 20.57
C ALA E 294 -19.93 -23.99 21.79
N ASP E 295 -19.37 -23.89 22.99
CA ASP E 295 -20.15 -23.92 24.22
C ASP E 295 -20.61 -22.52 24.59
PA NAI F . -18.79 7.27 -1.60
O1A NAI F . -18.80 8.05 -0.32
O2A NAI F . -17.91 7.51 -2.77
O5B NAI F . -20.33 7.69 -2.25
C5B NAI F . -21.31 7.41 -1.31
C4B NAI F . -22.55 8.08 -1.90
O4B NAI F . -23.67 8.04 -0.98
C3B NAI F . -22.21 9.61 -2.14
O3B NAI F . -22.66 9.91 -3.44
C2B NAI F . -23.11 10.29 -1.09
O2B NAI F . -23.56 11.53 -1.51
C1B NAI F . -24.29 9.28 -1.15
N9A NAI F . -25.28 9.49 -0.08
C8A NAI F . -25.11 9.98 1.25
N7A NAI F . -26.29 10.02 1.91
C5A NAI F . -27.24 9.58 0.98
C6A NAI F . -28.65 9.39 1.06
N6A NAI F . -29.34 9.68 2.21
N1A NAI F . -29.33 8.93 -0.03
C2A NAI F . -28.59 8.66 -1.14
N3A NAI F . -27.27 8.77 -1.36
C4A NAI F . -26.62 9.23 -0.25
O3 NAI F . -18.94 5.77 -1.01
PN NAI F . -18.39 4.58 -1.97
O1N NAI F . -16.94 4.28 -1.98
O2N NAI F . -19.23 4.67 -3.23
O5D NAI F . -19.00 3.14 -1.27
C5D NAI F . -20.34 3.25 -0.92
C4D NAI F . -20.76 1.84 -0.44
O4D NAI F . -20.17 0.84 -1.31
C3D NAI F . -20.15 1.61 0.99
O3D NAI F . -21.08 0.91 1.78
C2D NAI F . -18.89 0.76 0.70
O2D NAI F . -18.63 -0.16 1.72
C1D NAI F . -19.35 -0.05 -0.54
N1N NAI F . -18.19 -0.52 -1.36
C2N NAI F . -17.24 0.37 -1.86
C3N NAI F . -16.16 -0.08 -2.57
C7N NAI F . -15.05 0.87 -2.84
O7N NAI F . -13.86 0.52 -3.00
N7N NAI F . -15.36 2.23 -2.95
C4N NAI F . -16.00 -1.53 -2.96
C5N NAI F . -17.12 -2.38 -2.45
C6N NAI F . -18.05 -1.91 -1.61
S SO4 G . 0.69 -24.84 -15.25
O1 SO4 G . 1.35 -23.69 -14.61
O2 SO4 G . 1.63 -25.96 -15.27
O3 SO4 G . 0.31 -24.48 -16.61
O4 SO4 G . -0.51 -25.22 -14.50
C02 GIW H . 16.91 -14.30 -10.90
C04 GIW H . 17.22 -13.57 -12.16
C06 GIW H . 14.53 -13.78 -13.10
C07 GIW H . 14.32 -12.30 -13.52
C08 GIW H . 15.60 -11.44 -13.43
O01 GIW H . 17.53 -14.07 -9.78
O03 GIW H . 16.00 -15.24 -10.90
S05 GIW H . 16.24 -14.32 -13.45
S09 GIW H . 16.73 -11.84 -11.99
PA NAI I . 16.59 -22.52 -16.43
O1A NAI I . 17.66 -23.01 -15.51
O2A NAI I . 15.13 -22.83 -16.33
O5B NAI I . 17.01 -23.24 -17.93
C5B NAI I . 18.33 -22.97 -18.20
C4B NAI I . 18.63 -23.88 -19.38
O4B NAI I . 20.01 -23.81 -19.79
C3B NAI I . 18.37 -25.37 -18.92
O3B NAI I . 17.55 -25.95 -19.89
C2B NAI I . 19.80 -25.97 -18.96
O2B NAI I . 19.83 -27.33 -19.32
C1B NAI I . 20.37 -25.12 -20.14
N9A NAI I . 21.83 -25.21 -20.29
C8A NAI I . 22.86 -25.36 -19.31
N7A NAI I . 24.07 -25.41 -19.88
C5A NAI I . 23.82 -25.28 -21.26
C6A NAI I . 24.67 -25.26 -22.38
N6A NAI I . 26.04 -25.37 -22.25
N1A NAI I . 24.13 -25.12 -23.64
C2A NAI I . 22.78 -25.02 -23.73
N3A NAI I . 21.85 -25.03 -22.75
C4A NAI I . 22.43 -25.15 -21.51
O3 NAI I . 17.06 -21.00 -16.54
PN NAI I . 15.90 -19.92 -16.79
O1N NAI I . 15.11 -19.46 -15.61
O2N NAI I . 15.34 -20.30 -18.13
O5D NAI I . 16.71 -18.46 -17.20
C5D NAI I . 17.66 -18.65 -18.16
C4D NAI I . 18.19 -17.26 -18.54
O4D NAI I . 17.05 -16.38 -18.73
C3D NAI I . 18.98 -16.67 -17.31
O3D NAI I . 20.11 -16.00 -17.79
C2D NAI I . 17.98 -15.70 -16.65
O2D NAI I . 18.59 -14.56 -16.13
C1D NAI I . 17.14 -15.26 -17.86
N1N NAI I . 15.77 -14.82 -17.43
C2N NAI I . 14.90 -15.67 -16.71
C3N NAI I . 13.65 -15.26 -16.33
C7N NAI I . 12.85 -16.09 -15.36
O7N NAI I . 12.11 -15.61 -14.46
N7N NAI I . 12.90 -17.49 -15.46
C4N NAI I . 13.16 -13.88 -16.64
C5N NAI I . 14.14 -13.06 -17.39
C6N NAI I . 15.35 -13.51 -17.74
S SO4 J . -9.11 7.65 -15.28
O1 SO4 J . -7.91 8.33 -15.78
O2 SO4 J . -8.88 7.14 -13.92
O3 SO4 J . -10.22 8.59 -15.26
O4 SO4 J . -9.44 6.54 -16.18
PA NAI K . -4.77 29.43 27.70
O1A NAI K . -4.69 28.68 28.99
O2A NAI K . -3.66 30.15 27.01
O5B NAI K . -5.87 30.68 28.09
C5B NAI K . -6.66 30.24 29.13
C4B NAI K . -7.29 31.52 29.64
O4B NAI K . -8.47 31.26 30.38
C3B NAI K . -6.26 32.18 30.63
O3B NAI K . -6.15 33.50 30.23
C2B NAI K . -6.99 32.02 31.97
O2B NAI K . -6.76 33.08 32.84
C1B NAI K . -8.45 32.16 31.47
N9A NAI K . -9.40 31.75 32.47
C8A NAI K . -9.31 30.71 33.46
N7A NAI K . -10.42 30.65 34.22
C5A NAI K . -11.24 31.67 33.72
C6A NAI K . -12.52 32.10 34.10
N6A NAI K . -13.18 31.49 35.12
N1A NAI K . -13.14 33.13 33.44
C2A NAI K . -12.42 33.70 32.42
N3A NAI K . -11.19 33.40 31.94
C4A NAI K . -10.63 32.36 32.64
O3 NAI K . -5.65 28.38 26.84
PN NAI K . -5.57 28.54 25.24
O1N NAI K . -4.46 27.80 24.56
O2N NAI K . -5.99 29.96 24.99
O5D NAI K . -6.94 27.71 24.65
C5D NAI K . -8.04 28.04 25.42
C4D NAI K . -9.25 27.37 24.76
O4D NAI K . -9.14 27.51 23.31
C3D NAI K . -9.18 25.85 25.09
O3D NAI K . -10.52 25.39 25.31
C2D NAI K . -8.49 25.26 23.82
O2D NAI K . -8.90 23.96 23.52
C1D NAI K . -9.05 26.19 22.72
N1N NAI K . -8.14 26.22 21.53
C2N NAI K . -6.80 26.56 21.68
C3N NAI K . -5.94 26.56 20.62
C7N NAI K . -4.48 26.65 20.90
O7N NAI K . -3.61 26.01 20.26
N7N NAI K . -4.05 27.50 21.90
C4N NAI K . -6.41 26.27 19.22
C5N NAI K . -7.88 26.01 19.14
C6N NAI K . -8.64 25.90 20.23
S SO4 L . -0.87 22.03 -11.25
O1 SO4 L . -0.48 21.61 -12.61
O2 SO4 L . 0.12 21.51 -10.29
O3 SO4 L . -0.89 23.48 -11.18
O4 SO4 L . -2.20 21.50 -10.94
PA NAI M . 14.03 17.03 -15.24
O1A NAI M . 14.59 15.69 -15.64
O2A NAI M . 12.60 17.35 -14.89
O5B NAI M . 14.30 17.91 -16.69
C5B NAI M . 15.58 17.67 -17.10
C4B NAI M . 15.62 18.30 -18.48
O4B NAI M . 16.93 18.16 -19.06
C3B NAI M . 14.62 17.48 -19.37
O3B NAI M . 13.82 18.43 -20.02
C2B NAI M . 15.57 16.78 -20.34
O2B NAI M . 15.03 16.60 -21.60
C1B NAI M . 16.66 17.86 -20.42
N9A NAI M . 17.86 17.36 -21.06
C8A NAI M . 18.38 16.05 -21.08
N7A NAI M . 19.51 15.97 -21.81
C5A NAI M . 19.72 17.27 -22.30
C6A NAI M . 20.73 17.84 -23.11
N6A NAI M . 21.75 17.08 -23.60
N1A NAI M . 20.68 19.17 -23.43
C2A NAI M . 19.64 19.89 -22.92
N3A NAI M . 18.62 19.49 -22.13
C4A NAI M . 18.70 18.15 -21.83
O3 NAI M . 15.19 17.47 -14.23
PN NAI M . 14.75 18.53 -13.12
O1N NAI M . 13.95 17.99 -11.97
O2N NAI M . 14.47 19.78 -13.90
O5D NAI M . 16.23 18.97 -12.37
C5D NAI M . 17.19 19.28 -13.31
C4D NAI M . 18.36 19.89 -12.55
O4D NAI M . 17.84 20.81 -11.58
C3D NAI M . 19.08 18.75 -11.75
O3D NAI M . 20.46 18.95 -11.83
C2D NAI M . 18.54 18.90 -10.31
O2D NAI M . 19.51 18.63 -9.37
C1D NAI M . 18.25 20.43 -10.26
N1N NAI M . 17.16 20.78 -9.25
C2N NAI M . 15.91 20.15 -9.25
C3N NAI M . 14.92 20.54 -8.34
C7N NAI M . 13.65 19.78 -8.28
O7N NAI M . 13.09 19.48 -7.21
N7N NAI M . 13.02 19.39 -9.46
C4N NAI M . 15.20 21.53 -7.26
C5N NAI M . 16.52 22.18 -7.40
C6N NAI M . 17.45 21.74 -8.26
S SO4 N . 6.86 36.34 18.95
O1 SO4 N . 8.19 36.47 18.38
O2 SO4 N . 6.92 36.51 20.40
O3 SO4 N . 5.99 37.37 18.38
O4 SO4 N . 6.27 35.03 18.66
C02 GIW O . -4.34 20.81 23.24
C04 GIW O . -5.68 21.01 22.61
C06 GIW O . -7.22 22.94 20.94
C07 GIW O . -6.64 22.41 19.59
C08 GIW O . -5.44 21.44 19.71
O01 GIW O . -3.58 21.82 23.58
O03 GIW O . -3.88 19.62 23.50
S05 GIW O . -6.08 22.78 22.42
S09 GIW O . -5.73 20.19 20.99
PA NAI P . 35.61 -34.49 16.84
O1A NAI P . 36.56 -33.48 17.40
O2A NAI P . 34.50 -35.19 17.55
O5B NAI P . 36.68 -35.80 16.42
C5B NAI P . 37.90 -35.26 16.10
C4B NAI P . 38.87 -36.41 16.29
O4B NAI P . 40.15 -36.13 15.69
C3B NAI P . 39.12 -36.59 17.83
O3B NAI P . 39.01 -37.96 18.07
C2B NAI P . 40.59 -36.13 17.95
O2B NAI P . 41.27 -36.77 18.98
C1B NAI P . 41.09 -36.66 16.60
N9A NAI P . 42.40 -36.15 16.28
C8A NAI P . 43.00 -34.92 16.66
N7A NAI P . 44.25 -34.81 16.18
C5A NAI P . 44.48 -36.01 15.49
C6A NAI P . 45.60 -36.49 14.78
N6A NAI P . 46.75 -35.75 14.67
N1A NAI P . 45.57 -37.72 14.19
C2A NAI P . 44.40 -38.43 14.32
N3A NAI P . 43.26 -38.11 14.96
C4A NAI P . 43.34 -36.85 15.55
O3 NAI P . 35.31 -33.79 15.42
PN NAI P . 34.02 -34.37 14.65
O1N NAI P . 32.74 -33.73 15.05
O2N NAI P . 34.31 -35.84 14.49
O5D NAI P . 34.20 -33.89 13.01
C5D NAI P . 35.49 -34.13 12.59
C4D NAI P . 35.54 -33.81 11.09
O4D NAI P . 34.30 -34.26 10.45
C3D NAI P . 35.60 -32.25 10.92
O3D NAI P . 36.45 -31.99 9.82
C2D NAI P . 34.12 -31.89 10.64
O2D NAI P . 34.00 -30.80 9.81
C1D NAI P . 33.63 -33.14 9.86
N1N NAI P . 32.15 -33.30 9.96
C2N NAI P . 31.50 -33.40 11.21
C3N NAI P . 30.16 -33.64 11.29
C7N NAI P . 29.50 -33.50 12.63
O7N NAI P . 28.44 -32.87 12.82
N7N NAI P . 30.12 -34.11 13.72
C4N NAI P . 29.30 -33.69 10.08
C5N NAI P . 30.09 -33.80 8.83
C6N NAI P . 31.36 -33.37 8.77
C02 GIW Q . 30.49 -27.40 12.55
C04 GIW Q . 30.90 -27.84 11.19
C06 GIW Q . 29.58 -30.34 11.43
C07 GIW Q . 28.70 -30.28 10.17
C08 GIW Q . 28.67 -28.94 9.36
O01 GIW Q . 30.40 -26.14 12.86
O03 GIW Q . 30.22 -28.26 13.49
S05 GIW Q . 31.22 -29.62 11.17
S09 GIW Q . 29.57 -27.42 10.01
#